data_3QFY
#
_entry.id   3QFY
#
_cell.length_a   84.710
_cell.length_b   98.254
_cell.length_c   104.450
_cell.angle_alpha   90.00
_cell.angle_beta   102.73
_cell.angle_gamma   90.00
#
_symmetry.space_group_name_H-M   'P 1 21 1'
#
loop_
_entity.id
_entity.type
_entity.pdbx_description
1 polymer 'Cellobiose Phosphorylase'
2 non-polymer beta-D-glucopyranose
3 non-polymer 'SULFATE ION'
4 non-polymer 5-HYDROXYMETHYL-3,4-DIHYDROXYPIPERIDINE
5 non-polymer '4-(2-HYDROXYETHYL)-1-PIPERAZINE ETHANESULFONIC ACID'
6 water water
#
_entity_poly.entity_id   1
_entity_poly.type   'polypeptide(L)'
_entity_poly.pdbx_seq_one_letter_code
;MGSSHHHHHHSSGLVPRGSHMRYGHFDDAAREYVITTPHTPYPWINYLGSEQFFSLLSHQAGGYSFYRDAKMRRLTRYRY
NNIPADAGGRYLYVNDGGDVWTPSWLPVKADLDHFEARHGLGYSRITGERNGLKVETLFFVPLGENAEVQKVTVTNTSDA
PKTATLFSFVEFCLWNAQDDQTNYQRNLSIGEVEVEQDGPHGSAIYHKTEYRERRDHYAVFGVNTRADGFDTDRDTFVGA
YNSLGEASVPRAGKSADSVASGWYPIGSHSVAVTLQPGESRDLVYVLGYLENPDEEKWADDAHQVVNKAPAHALLGRFAT
SEQVDAALEALNSYWTNLLSTYSVSSTDEKLDRMVNIWNQYQCMVTFNMSRSASFFETGIGRGMGFRDSNQDLLGFVHLI
PERARERIIDIASTQFADGSAYHQYQPLTKRGNNDIGSGFNDDPLWLIAGVAAYIKESGDWGILDEPVPFDNEPGSEVPL
FEHLTRSFQFTVQNRGPHGLPLIGRADWNDCLNLNCFSTTPGESFQTTENQAGGVAESVFIAAQFVLYGAEYATLAERRG
LADVATEARKYVDEVRAAVLEHGWDGQWFLRAYDYYGNPVGTDAKPEGKIWIEPQGFAVMAGIGVGEGPDDADAPAVKAL
DSVNEMLGTPHGLVLQYPAYTTYQIELGEVSTYPPGYKENGGIFCHNNPWVIIAETVVGRGAQAFDYYKRITPAYREDIS
DTHKLEPYVYAQMIAGKEAVRAGEAKNSWLTGTAAWNFVAVSQYLLGVRPDYDGLVVDPQIGPDVPSYTVTRVARGATYE
ITVTNSGAPGARASLTVDGAPVDGRTVPYAPAGSTVRVEVTV
;
_entity_poly.pdbx_strand_id   A,B
#
# COMPACT_ATOMS: atom_id res chain seq x y z
N MET A 21 24.44 -10.30 -25.32
CA MET A 21 23.65 -11.53 -25.02
C MET A 21 22.08 -11.50 -25.30
N ARG A 22 21.46 -12.68 -25.56
CA ARG A 22 19.98 -12.88 -25.72
C ARG A 22 19.35 -14.07 -24.95
N TYR A 23 18.05 -13.95 -24.67
CA TYR A 23 17.35 -14.93 -23.81
C TYR A 23 16.14 -15.58 -24.54
N GLY A 24 16.16 -15.42 -25.87
CA GLY A 24 15.03 -15.79 -26.70
C GLY A 24 15.11 -15.17 -28.08
N HIS A 25 14.01 -15.22 -28.83
CA HIS A 25 13.96 -14.71 -30.19
C HIS A 25 12.51 -14.50 -30.67
N PHE A 26 12.34 -13.57 -31.62
CA PHE A 26 11.04 -13.38 -32.28
C PHE A 26 10.74 -14.59 -33.14
N ASP A 27 9.47 -14.93 -33.27
CA ASP A 27 9.04 -15.95 -34.20
C ASP A 27 7.96 -15.20 -34.92
N ASP A 28 8.33 -14.64 -36.07
CA ASP A 28 7.38 -13.77 -36.79
C ASP A 28 6.15 -14.53 -37.34
N ALA A 29 6.31 -15.74 -37.92
CA ALA A 29 5.11 -16.43 -38.53
C ALA A 29 4.14 -16.77 -37.42
N ALA A 30 4.65 -17.05 -36.22
CA ALA A 30 3.74 -17.29 -35.08
C ALA A 30 3.24 -16.05 -34.30
N ARG A 31 3.79 -14.86 -34.57
CA ARG A 31 3.51 -13.65 -33.81
C ARG A 31 3.70 -13.88 -32.29
N GLU A 32 4.87 -14.44 -31.98
CA GLU A 32 5.33 -14.73 -30.62
C GLU A 32 6.74 -14.23 -30.37
N TYR A 33 7.04 -13.88 -29.09
CA TYR A 33 8.42 -13.86 -28.57
C TYR A 33 8.71 -15.16 -27.81
N VAL A 34 9.79 -15.82 -28.18
CA VAL A 34 10.13 -17.09 -27.61
C VAL A 34 11.24 -16.94 -26.60
N ILE A 35 10.93 -17.24 -25.35
CA ILE A 35 11.87 -17.12 -24.27
C ILE A 35 12.41 -18.52 -23.88
N THR A 36 13.73 -18.66 -23.94
CA THR A 36 14.35 -19.98 -23.98
C THR A 36 15.07 -20.36 -22.68
N THR A 37 14.87 -19.58 -21.65
CA THR A 37 15.43 -19.83 -20.34
C THR A 37 14.51 -19.12 -19.31
N PRO A 38 14.42 -19.66 -18.08
CA PRO A 38 13.79 -18.91 -17.02
C PRO A 38 14.67 -17.77 -16.50
N HIS A 39 15.96 -17.81 -16.85
CA HIS A 39 17.02 -16.94 -16.25
C HIS A 39 17.16 -15.63 -17.03
N THR A 40 16.06 -14.87 -17.11
CA THR A 40 16.11 -13.60 -17.82
C THR A 40 16.65 -12.50 -16.88
N PRO A 41 17.02 -11.33 -17.41
CA PRO A 41 17.51 -10.29 -16.47
C PRO A 41 16.41 -9.78 -15.53
N TYR A 42 15.15 -9.93 -15.98
CA TYR A 42 14.01 -9.38 -15.27
C TYR A 42 12.77 -10.19 -15.68
N PRO A 43 11.76 -10.33 -14.81
CA PRO A 43 10.49 -11.00 -15.25
C PRO A 43 9.91 -10.36 -16.54
N TRP A 44 9.52 -11.15 -17.53
CA TRP A 44 9.12 -10.59 -18.79
C TRP A 44 7.67 -10.99 -19.00
N ILE A 45 6.79 -10.02 -19.14
CA ILE A 45 5.35 -10.33 -19.06
C ILE A 45 4.60 -10.18 -20.35
N ASN A 46 3.41 -10.73 -20.35
CA ASN A 46 2.53 -10.50 -21.44
C ASN A 46 1.22 -10.04 -20.78
N TYR A 47 0.33 -9.47 -21.58
CA TYR A 47 -0.97 -9.04 -21.08
C TYR A 47 -1.93 -9.94 -21.77
N LEU A 48 -2.84 -10.54 -20.98
CA LEU A 48 -3.94 -11.34 -21.56
C LEU A 48 -5.26 -10.51 -21.48
N GLY A 49 -6.09 -10.61 -22.50
CA GLY A 49 -7.32 -9.84 -22.56
C GLY A 49 -7.14 -8.56 -23.36
N SER A 50 -8.23 -8.14 -23.99
CA SER A 50 -8.23 -6.91 -24.75
C SER A 50 -9.52 -6.15 -24.49
N GLU A 51 -10.41 -6.67 -23.65
CA GLU A 51 -11.75 -6.09 -23.52
C GLU A 51 -12.02 -5.47 -22.14
N GLN A 52 -12.44 -6.28 -21.16
CA GLN A 52 -12.77 -5.80 -19.81
C GLN A 52 -12.05 -6.57 -18.69
N PHE A 53 -11.47 -7.72 -19.03
CA PHE A 53 -10.77 -8.56 -18.03
C PHE A 53 -9.29 -8.81 -18.47
N PHE A 54 -8.35 -8.65 -17.52
CA PHE A 54 -6.92 -8.59 -17.85
C PHE A 54 -6.05 -9.44 -16.93
N SER A 55 -4.96 -9.99 -17.47
CA SER A 55 -3.98 -10.75 -16.71
C SER A 55 -2.61 -10.25 -17.07
N LEU A 56 -1.82 -10.08 -16.02
CA LEU A 56 -0.39 -9.87 -16.15
C LEU A 56 0.25 -11.20 -16.01
N LEU A 57 0.89 -11.68 -17.07
CA LEU A 57 1.44 -13.04 -17.01
C LEU A 57 2.92 -13.02 -17.36
N SER A 58 3.78 -13.39 -16.41
CA SER A 58 5.23 -13.36 -16.65
C SER A 58 5.66 -14.66 -17.29
N HIS A 59 6.88 -14.68 -17.79
CA HIS A 59 7.38 -15.92 -18.38
C HIS A 59 7.56 -17.02 -17.30
N GLN A 60 7.36 -16.71 -16.01
CA GLN A 60 7.37 -17.72 -14.95
C GLN A 60 5.98 -17.86 -14.34
N ALA A 61 4.94 -17.48 -15.09
CA ALA A 61 3.53 -17.63 -14.69
C ALA A 61 3.12 -16.73 -13.53
N GLY A 62 3.97 -15.73 -13.26
CA GLY A 62 3.74 -14.78 -12.18
C GLY A 62 2.81 -13.66 -12.57
N GLY A 63 2.22 -12.96 -11.60
CA GLY A 63 1.31 -11.84 -11.90
C GLY A 63 -0.10 -12.07 -11.31
N TYR A 64 -1.12 -11.44 -11.91
CA TYR A 64 -2.48 -11.45 -11.36
C TYR A 64 -3.49 -11.06 -12.42
N SER A 65 -4.78 -11.18 -12.09
CA SER A 65 -5.87 -10.77 -12.96
C SER A 65 -6.83 -9.81 -12.26
N PHE A 66 -7.52 -8.97 -13.06
CA PHE A 66 -8.51 -8.06 -12.56
C PHE A 66 -9.60 -7.82 -13.57
N TYR A 67 -10.71 -7.36 -13.07
CA TYR A 67 -11.80 -7.00 -13.97
C TYR A 67 -11.93 -5.47 -14.02
N ARG A 68 -11.67 -4.86 -15.18
CA ARG A 68 -11.90 -3.42 -15.46
C ARG A 68 -10.94 -2.48 -14.75
N ASP A 69 -10.53 -2.83 -13.53
CA ASP A 69 -9.90 -1.87 -12.62
C ASP A 69 -8.99 -2.65 -11.68
N ALA A 70 -7.68 -2.42 -11.85
CA ALA A 70 -6.66 -3.16 -11.10
C ALA A 70 -6.66 -2.82 -9.62
N LYS A 71 -7.17 -1.64 -9.27
CA LYS A 71 -7.24 -1.31 -7.86
C LYS A 71 -8.49 -1.90 -7.20
N MET A 72 -9.62 -1.83 -7.89
CA MET A 72 -10.90 -2.09 -7.21
C MET A 72 -11.54 -3.46 -7.43
N ARG A 73 -11.09 -4.21 -8.45
CA ARG A 73 -11.58 -5.59 -8.68
C ARG A 73 -10.43 -6.49 -9.07
N ARG A 74 -9.45 -6.64 -8.18
CA ARG A 74 -8.28 -7.45 -8.44
C ARG A 74 -8.65 -8.84 -7.93
N LEU A 75 -8.59 -9.81 -8.82
CA LEU A 75 -9.04 -11.13 -8.46
C LEU A 75 -8.03 -11.85 -7.61
N THR A 76 -6.77 -11.74 -7.99
CA THR A 76 -5.70 -12.52 -7.42
C THR A 76 -4.53 -11.65 -6.93
N ARG A 77 -3.90 -12.06 -5.84
CA ARG A 77 -2.79 -11.30 -5.17
C ARG A 77 -1.45 -11.42 -5.87
N TYR A 78 -0.73 -10.33 -5.94
CA TYR A 78 0.62 -10.40 -6.41
C TYR A 78 1.42 -9.42 -5.53
N ARG A 79 2.64 -9.76 -5.17
CA ARG A 79 3.52 -8.92 -4.36
C ARG A 79 4.59 -8.31 -5.26
N TYR A 80 4.56 -6.98 -5.36
CA TYR A 80 5.65 -6.23 -5.96
C TYR A 80 6.84 -6.25 -4.98
N ASN A 81 8.05 -6.06 -5.49
CA ASN A 81 9.27 -6.08 -4.66
C ASN A 81 9.34 -7.27 -3.67
N ASN A 82 9.04 -8.44 -4.19
CA ASN A 82 9.13 -9.67 -3.42
C ASN A 82 10.59 -10.18 -3.54
N ILE A 83 11.00 -11.10 -2.67
CA ILE A 83 12.36 -11.65 -2.72
C ILE A 83 12.18 -13.15 -2.76
N PRO A 84 12.36 -13.73 -3.95
CA PRO A 84 12.80 -13.00 -5.17
C PRO A 84 11.63 -12.45 -6.01
N ALA A 85 11.99 -11.61 -6.98
CA ALA A 85 10.96 -10.97 -7.81
C ALA A 85 10.07 -12.08 -8.36
N ASP A 86 8.76 -11.84 -8.37
CA ASP A 86 7.85 -12.68 -9.16
C ASP A 86 7.61 -14.13 -8.67
N ALA A 87 7.68 -14.40 -7.37
CA ALA A 87 7.22 -15.67 -6.79
C ALA A 87 5.76 -15.50 -6.34
N GLY A 88 4.83 -15.88 -7.18
CA GLY A 88 3.45 -15.52 -6.99
C GLY A 88 2.78 -15.52 -8.35
N GLY A 89 2.02 -16.59 -8.62
CA GLY A 89 1.30 -16.69 -9.86
C GLY A 89 0.45 -17.92 -9.92
N ARG A 90 0.27 -18.38 -11.15
CA ARG A 90 -0.62 -19.49 -11.41
C ARG A 90 0.28 -20.69 -11.42
N TYR A 91 0.32 -21.48 -10.36
CA TYR A 91 1.31 -22.57 -10.33
C TYR A 91 0.61 -23.92 -10.42
N LEU A 92 1.33 -24.89 -10.95
CA LEU A 92 0.94 -26.26 -11.06
C LEU A 92 2.09 -27.10 -10.49
N TYR A 93 1.99 -27.54 -9.25
CA TYR A 93 3.01 -28.40 -8.68
C TYR A 93 2.85 -29.83 -9.23
N VAL A 94 3.97 -30.40 -9.63
CA VAL A 94 3.98 -31.78 -10.08
C VAL A 94 4.71 -32.57 -9.05
N ASN A 95 4.02 -33.55 -8.45
CA ASN A 95 4.60 -34.53 -7.57
C ASN A 95 4.60 -35.88 -8.28
N ASP A 96 5.82 -36.29 -8.65
CA ASP A 96 6.08 -37.49 -9.37
C ASP A 96 6.95 -38.39 -8.50
N GLY A 97 6.33 -39.44 -7.94
CA GLY A 97 7.00 -40.34 -7.01
C GLY A 97 7.69 -39.59 -5.86
N GLY A 98 7.11 -38.45 -5.41
CA GLY A 98 7.65 -37.72 -4.26
C GLY A 98 8.55 -36.53 -4.63
N ASP A 99 8.98 -36.43 -5.88
CA ASP A 99 9.76 -35.28 -6.32
C ASP A 99 8.74 -34.23 -6.78
N VAL A 100 8.87 -33.02 -6.26
CA VAL A 100 7.93 -31.93 -6.56
C VAL A 100 8.62 -30.85 -7.38
N TRP A 101 8.02 -30.45 -8.49
CA TRP A 101 8.60 -29.41 -9.35
C TRP A 101 7.47 -28.62 -10.02
N THR A 102 7.78 -27.44 -10.54
CA THR A 102 6.79 -26.64 -11.24
C THR A 102 7.31 -26.38 -12.64
N PRO A 103 6.46 -26.51 -13.67
CA PRO A 103 7.04 -26.30 -15.02
C PRO A 103 7.37 -24.86 -15.32
N SER A 104 6.85 -23.93 -14.52
CA SER A 104 7.21 -22.51 -14.62
C SER A 104 8.58 -22.24 -14.01
N TRP A 105 9.22 -23.30 -13.51
CA TRP A 105 10.53 -23.17 -12.81
C TRP A 105 10.35 -22.59 -11.37
N LEU A 106 10.21 -21.28 -11.24
CA LEU A 106 9.67 -20.73 -10.01
C LEU A 106 8.27 -21.32 -9.75
N PRO A 107 7.88 -21.52 -8.48
CA PRO A 107 8.68 -21.18 -7.27
C PRO A 107 9.70 -22.25 -6.77
N VAL A 108 9.55 -23.51 -7.23
CA VAL A 108 10.37 -24.63 -6.68
C VAL A 108 11.84 -24.59 -7.22
N LYS A 109 12.04 -24.10 -8.44
CA LYS A 109 13.40 -24.04 -9.01
C LYS A 109 14.07 -25.42 -9.06
N ALA A 110 13.32 -26.47 -9.37
CA ALA A 110 13.95 -27.78 -9.61
C ALA A 110 14.49 -27.72 -11.05
N ASP A 111 15.58 -28.44 -11.34
CA ASP A 111 16.19 -28.44 -12.67
C ASP A 111 15.25 -29.02 -13.69
N LEU A 112 15.08 -28.29 -14.79
CA LEU A 112 14.28 -28.72 -15.93
C LEU A 112 15.15 -29.16 -17.11
N ASP A 113 14.72 -30.25 -17.72
CA ASP A 113 15.35 -30.85 -18.91
C ASP A 113 15.11 -29.96 -20.11
N HIS A 114 13.94 -29.35 -20.13
CA HIS A 114 13.56 -28.42 -21.17
C HIS A 114 12.62 -27.38 -20.52
N PHE A 115 12.76 -26.12 -20.95
CA PHE A 115 11.92 -25.01 -20.58
C PHE A 115 11.75 -24.08 -21.77
N GLU A 116 10.54 -23.52 -21.93
CA GLU A 116 10.28 -22.55 -22.94
C GLU A 116 9.04 -21.78 -22.58
N ALA A 117 9.08 -20.48 -22.87
CA ALA A 117 7.88 -19.65 -22.69
C ALA A 117 7.64 -18.82 -23.97
N ARG A 118 6.44 -18.87 -24.52
CA ARG A 118 6.14 -18.15 -25.74
C ARG A 118 5.07 -17.17 -25.39
N HIS A 119 5.32 -15.90 -25.67
CA HIS A 119 4.34 -14.88 -25.46
C HIS A 119 3.78 -14.52 -26.81
N GLY A 120 2.49 -14.80 -26.97
CA GLY A 120 1.78 -14.44 -28.18
C GLY A 120 0.78 -13.31 -27.95
N LEU A 121 -0.07 -13.07 -28.96
CA LEU A 121 -1.11 -12.05 -28.90
C LEU A 121 -2.34 -12.49 -28.10
N GLY A 122 -2.35 -12.12 -26.83
CA GLY A 122 -3.45 -12.52 -25.98
C GLY A 122 -3.38 -13.91 -25.39
N TYR A 123 -2.24 -14.59 -25.49
CA TYR A 123 -2.06 -15.93 -24.93
C TYR A 123 -0.55 -16.06 -24.75
N SER A 124 -0.16 -16.93 -23.84
CA SER A 124 1.22 -17.35 -23.72
C SER A 124 1.19 -18.85 -23.49
N ARG A 125 2.29 -19.51 -23.81
CA ARG A 125 2.44 -20.93 -23.46
C ARG A 125 3.68 -21.11 -22.66
N ILE A 126 3.58 -21.86 -21.58
CA ILE A 126 4.78 -22.14 -20.79
C ILE A 126 4.95 -23.66 -20.64
N THR A 127 6.15 -24.14 -20.97
CA THR A 127 6.41 -25.53 -21.01
C THR A 127 7.64 -25.85 -20.16
N GLY A 128 7.48 -26.84 -19.27
CA GLY A 128 8.57 -27.32 -18.47
C GLY A 128 8.50 -28.84 -18.43
N GLU A 129 9.68 -29.47 -18.41
CA GLU A 129 9.81 -30.89 -18.50
C GLU A 129 10.91 -31.31 -17.54
N ARG A 130 10.67 -32.39 -16.78
CA ARG A 130 11.67 -32.94 -15.87
C ARG A 130 11.38 -34.43 -15.62
N ASN A 131 12.42 -35.27 -15.72
CA ASN A 131 12.36 -36.72 -15.39
C ASN A 131 11.19 -37.44 -16.09
N GLY A 132 11.06 -37.25 -17.41
CA GLY A 132 10.04 -37.97 -18.19
C GLY A 132 8.59 -37.49 -18.14
N LEU A 133 8.32 -36.34 -17.51
CA LEU A 133 7.02 -35.64 -17.57
C LEU A 133 7.17 -34.22 -18.15
N LYS A 134 6.36 -33.95 -19.16
CA LYS A 134 6.37 -32.66 -19.82
C LYS A 134 5.01 -32.06 -19.47
N VAL A 135 5.02 -30.80 -19.00
CA VAL A 135 3.79 -30.07 -18.68
C VAL A 135 3.83 -28.74 -19.43
N GLU A 136 2.87 -28.60 -20.34
CA GLU A 136 2.68 -27.43 -21.15
C GLU A 136 1.40 -26.77 -20.67
N THR A 137 1.47 -25.47 -20.45
CA THR A 137 0.29 -24.74 -20.14
C THR A 137 0.05 -23.60 -21.12
N LEU A 138 -1.17 -23.54 -21.64
CA LEU A 138 -1.58 -22.48 -22.52
C LEU A 138 -2.40 -21.53 -21.66
N PHE A 139 -2.00 -20.27 -21.54
CA PHE A 139 -2.81 -19.31 -20.78
C PHE A 139 -3.43 -18.29 -21.73
N PHE A 140 -4.69 -17.94 -21.48
CA PHE A 140 -5.28 -16.80 -22.19
C PHE A 140 -6.62 -16.36 -21.66
N VAL A 141 -7.06 -15.20 -22.13
CA VAL A 141 -8.36 -14.64 -21.83
C VAL A 141 -9.23 -14.68 -23.07
N PRO A 142 -10.31 -15.53 -23.06
CA PRO A 142 -11.12 -15.68 -24.26
C PRO A 142 -11.94 -14.42 -24.51
N LEU A 143 -12.13 -14.09 -25.79
CA LEU A 143 -13.08 -13.09 -26.24
C LEU A 143 -14.45 -13.24 -25.64
N GLY A 144 -14.96 -12.09 -25.18
CA GLY A 144 -16.26 -12.06 -24.56
C GLY A 144 -16.31 -12.72 -23.19
N GLU A 145 -15.19 -13.13 -22.60
CA GLU A 145 -15.23 -13.76 -21.25
C GLU A 145 -14.43 -13.01 -20.23
N ASN A 146 -14.96 -12.90 -19.02
CA ASN A 146 -14.19 -12.36 -17.88
C ASN A 146 -13.53 -13.54 -17.14
N ALA A 147 -12.51 -14.10 -17.79
CA ALA A 147 -11.90 -15.27 -17.24
C ALA A 147 -10.53 -15.52 -17.84
N GLU A 148 -9.69 -16.16 -17.06
CA GLU A 148 -8.42 -16.63 -17.59
C GLU A 148 -8.48 -18.18 -17.61
N VAL A 149 -8.23 -18.73 -18.80
CA VAL A 149 -8.33 -20.15 -19.07
C VAL A 149 -6.90 -20.67 -19.20
N GLN A 150 -6.60 -21.80 -18.54
CA GLN A 150 -5.34 -22.51 -18.73
C GLN A 150 -5.62 -23.88 -19.28
N LYS A 151 -4.97 -24.24 -20.38
CA LYS A 151 -5.09 -25.62 -20.85
C LYS A 151 -3.75 -26.25 -20.56
N VAL A 152 -3.76 -27.28 -19.71
CA VAL A 152 -2.54 -27.96 -19.29
C VAL A 152 -2.47 -29.28 -20.05
N THR A 153 -1.36 -29.52 -20.71
CA THR A 153 -1.13 -30.82 -21.33
C THR A 153 0.06 -31.51 -20.65
N VAL A 154 -0.20 -32.67 -20.04
CA VAL A 154 0.80 -33.48 -19.39
C VAL A 154 1.11 -34.71 -20.26
N THR A 155 2.39 -34.88 -20.59
CA THR A 155 2.86 -35.95 -21.44
C THR A 155 3.99 -36.80 -20.79
N ASN A 156 3.83 -38.11 -20.85
CA ASN A 156 4.90 -39.02 -20.47
C ASN A 156 5.86 -39.13 -21.63
N THR A 157 7.06 -38.57 -21.49
CA THR A 157 8.08 -38.63 -22.54
C THR A 157 9.12 -39.73 -22.26
N SER A 158 8.99 -40.39 -21.10
CA SER A 158 9.83 -41.53 -20.75
C SER A 158 9.39 -42.82 -21.48
N ASP A 159 10.06 -43.91 -21.13
CA ASP A 159 9.85 -45.21 -21.74
C ASP A 159 9.17 -46.16 -20.75
N ALA A 160 8.70 -45.59 -19.65
CA ALA A 160 8.04 -46.36 -18.60
C ALA A 160 6.82 -45.58 -18.14
N PRO A 161 5.81 -46.29 -17.59
CA PRO A 161 4.60 -45.62 -17.08
C PRO A 161 4.90 -44.60 -16.01
N LYS A 162 4.07 -43.59 -15.90
CA LYS A 162 4.24 -42.59 -14.87
C LYS A 162 2.97 -42.38 -14.14
N THR A 163 3.07 -42.05 -12.86
CA THR A 163 1.92 -41.60 -12.10
C THR A 163 2.35 -40.32 -11.37
N ALA A 164 1.67 -39.18 -11.61
CA ALA A 164 1.95 -37.95 -10.85
C ALA A 164 0.67 -37.32 -10.32
N THR A 165 0.83 -36.49 -9.30
CA THR A 165 -0.25 -35.65 -8.82
C THR A 165 0.03 -34.18 -9.11
N LEU A 166 -0.97 -33.51 -9.70
CA LEU A 166 -0.92 -32.12 -10.18
C LEU A 166 -1.77 -31.30 -9.24
N PHE A 167 -1.15 -30.30 -8.58
CA PHE A 167 -1.85 -29.42 -7.67
C PHE A 167 -1.85 -28.03 -8.33
N SER A 168 -3.02 -27.55 -8.75
CA SER A 168 -3.12 -26.19 -9.27
C SER A 168 -3.09 -25.26 -8.04
N PHE A 169 -2.76 -23.97 -8.25
CA PHE A 169 -2.65 -23.04 -7.12
C PHE A 169 -2.79 -21.61 -7.57
N VAL A 170 -3.82 -20.94 -7.04
CA VAL A 170 -3.83 -19.50 -7.19
C VAL A 170 -4.14 -18.87 -5.85
N GLU A 171 -3.57 -17.72 -5.58
CA GLU A 171 -3.82 -16.98 -4.36
C GLU A 171 -4.78 -15.80 -4.61
N PHE A 172 -5.90 -15.76 -3.89
CA PHE A 172 -6.91 -14.70 -4.12
C PHE A 172 -6.47 -13.40 -3.46
N CYS A 173 -6.93 -12.27 -4.05
CA CYS A 173 -6.79 -10.98 -3.44
C CYS A 173 -8.23 -10.58 -3.02
N LEU A 174 -8.37 -9.74 -2.00
CA LEU A 174 -9.71 -9.36 -1.50
C LEU A 174 -10.28 -8.16 -2.26
N TRP A 175 -10.10 -8.18 -3.57
CA TRP A 175 -10.75 -7.26 -4.51
C TRP A 175 -10.16 -5.84 -4.54
N ASN A 176 -10.23 -5.13 -3.43
CA ASN A 176 -9.62 -3.81 -3.29
C ASN A 176 -8.17 -4.06 -2.93
N ALA A 177 -7.30 -3.88 -3.91
CA ALA A 177 -5.87 -4.20 -3.76
C ALA A 177 -5.21 -3.33 -2.67
N GLN A 178 -5.61 -2.07 -2.56
CA GLN A 178 -5.05 -1.21 -1.52
C GLN A 178 -5.47 -1.73 -0.15
N ASP A 179 -6.74 -2.05 0.03
CA ASP A 179 -7.22 -2.54 1.32
C ASP A 179 -6.54 -3.88 1.63
N ASP A 180 -6.36 -4.68 0.58
CA ASP A 180 -5.71 -5.99 0.67
C ASP A 180 -4.32 -5.95 1.30
N GLN A 181 -3.57 -4.91 0.97
CA GLN A 181 -2.18 -4.84 1.35
C GLN A 181 -1.97 -3.97 2.54
N THR A 182 -2.99 -3.28 3.00
CA THR A 182 -2.81 -2.36 4.14
C THR A 182 -3.74 -2.58 5.35
N ASN A 183 -4.87 -3.26 5.14
CA ASN A 183 -5.97 -3.22 6.13
C ASN A 183 -6.26 -4.58 6.77
N TYR A 184 -5.17 -5.27 7.13
CA TYR A 184 -5.26 -6.57 7.79
C TYR A 184 -6.02 -6.49 9.09
N GLN A 185 -5.94 -5.36 9.79
CA GLN A 185 -6.63 -5.24 11.09
C GLN A 185 -8.14 -5.61 10.95
N ARG A 186 -8.68 -5.39 9.75
CA ARG A 186 -10.05 -5.80 9.38
C ARG A 186 -10.05 -7.08 8.55
N ASN A 187 -9.31 -7.06 7.46
CA ASN A 187 -9.53 -7.99 6.36
C ASN A 187 -9.04 -9.43 6.61
N LEU A 188 -8.32 -9.66 7.70
CA LEU A 188 -7.91 -11.04 7.97
C LEU A 188 -9.07 -11.84 8.61
N SER A 189 -10.15 -11.17 8.93
CA SER A 189 -11.29 -11.86 9.45
C SER A 189 -12.39 -11.99 8.43
N ILE A 190 -12.19 -11.55 7.18
CA ILE A 190 -13.34 -11.45 6.25
C ILE A 190 -13.31 -12.38 5.09
N GLY A 191 -12.17 -13.07 4.91
CA GLY A 191 -12.03 -13.98 3.75
C GLY A 191 -13.04 -15.13 3.78
N GLU A 192 -13.79 -15.36 2.68
CA GLU A 192 -14.78 -16.48 2.69
C GLU A 192 -14.77 -17.22 1.39
N VAL A 193 -15.08 -18.53 1.44
CA VAL A 193 -15.02 -19.38 0.23
C VAL A 193 -16.17 -20.32 0.29
N GLU A 194 -16.47 -20.97 -0.82
CA GLU A 194 -17.29 -22.21 -0.81
C GLU A 194 -16.54 -23.16 -1.74
N VAL A 195 -16.75 -24.46 -1.54
CA VAL A 195 -16.01 -25.47 -2.25
C VAL A 195 -17.07 -26.34 -2.92
N GLU A 196 -16.88 -26.68 -4.18
CA GLU A 196 -17.86 -27.52 -4.85
C GLU A 196 -17.05 -28.64 -5.53
N GLN A 197 -16.78 -29.73 -4.79
CA GLN A 197 -15.99 -30.84 -5.34
C GLN A 197 -16.73 -31.53 -6.50
N ASP A 198 -18.07 -31.57 -6.47
CA ASP A 198 -18.84 -32.30 -7.48
C ASP A 198 -19.78 -31.44 -8.34
N GLY A 199 -19.22 -30.44 -9.07
CA GLY A 199 -20.02 -29.55 -9.87
C GLY A 199 -20.45 -30.22 -11.17
N PRO A 200 -21.13 -29.44 -12.04
CA PRO A 200 -21.65 -30.05 -13.27
C PRO A 200 -20.57 -30.49 -14.25
N HIS A 201 -19.38 -29.89 -14.19
CA HIS A 201 -18.35 -30.25 -15.15
C HIS A 201 -17.04 -30.60 -14.52
N GLY A 202 -16.98 -30.59 -13.19
CA GLY A 202 -15.67 -30.81 -12.54
C GLY A 202 -15.72 -30.13 -11.20
N SER A 203 -14.58 -29.92 -10.60
CA SER A 203 -14.54 -29.29 -9.29
C SER A 203 -14.35 -27.77 -9.39
N ALA A 204 -14.84 -27.01 -8.39
CA ALA A 204 -14.74 -25.54 -8.34
C ALA A 204 -14.63 -25.01 -6.89
N ILE A 205 -13.87 -23.95 -6.72
CA ILE A 205 -13.73 -23.24 -5.43
C ILE A 205 -14.26 -21.85 -5.71
N TYR A 206 -14.99 -21.26 -4.77
CA TYR A 206 -15.55 -19.95 -4.96
C TYR A 206 -14.91 -19.02 -3.98
N HIS A 207 -14.28 -17.94 -4.46
CA HIS A 207 -13.84 -16.85 -3.57
C HIS A 207 -14.88 -15.74 -3.53
N LYS A 208 -15.48 -15.53 -2.35
CA LYS A 208 -16.66 -14.66 -2.24
C LYS A 208 -16.60 -13.71 -1.05
N THR A 209 -15.39 -13.26 -0.72
CA THR A 209 -15.19 -12.22 0.28
C THR A 209 -16.06 -11.00 -0.02
N GLU A 210 -16.74 -10.51 1.02
CA GLU A 210 -17.67 -9.40 0.96
C GLU A 210 -18.90 -9.56 0.05
N TYR A 211 -19.13 -10.76 -0.47
CA TYR A 211 -20.37 -10.95 -1.22
C TYR A 211 -21.56 -11.01 -0.26
N ARG A 212 -21.30 -11.38 0.99
CA ARG A 212 -22.21 -11.33 2.12
C ARG A 212 -22.77 -9.90 2.23
N GLU A 213 -21.94 -8.93 1.91
CA GLU A 213 -22.33 -7.53 2.08
C GLU A 213 -22.55 -6.82 0.74
N ARG A 214 -21.76 -5.77 0.43
CA ARG A 214 -22.05 -4.94 -0.79
C ARG A 214 -21.63 -5.47 -2.15
N ARG A 215 -20.77 -6.49 -2.22
CA ARG A 215 -20.33 -7.00 -3.53
C ARG A 215 -21.30 -7.99 -4.18
N ASP A 216 -21.59 -7.79 -5.47
CA ASP A 216 -22.53 -8.64 -6.25
C ASP A 216 -21.74 -9.58 -7.15
N HIS A 217 -20.44 -9.65 -6.85
CA HIS A 217 -19.48 -10.44 -7.59
C HIS A 217 -18.66 -11.42 -6.76
N TYR A 218 -18.25 -12.50 -7.36
CA TYR A 218 -17.37 -13.45 -6.71
C TYR A 218 -16.43 -14.00 -7.81
N ALA A 219 -15.35 -14.71 -7.40
CA ALA A 219 -14.46 -15.41 -8.35
C ALA A 219 -14.68 -16.92 -8.29
N VAL A 220 -14.53 -17.59 -9.41
CA VAL A 220 -14.49 -19.05 -9.37
C VAL A 220 -13.10 -19.55 -9.82
N PHE A 221 -12.64 -20.64 -9.25
CA PHE A 221 -11.46 -21.34 -9.79
C PHE A 221 -11.79 -22.83 -9.92
N GLY A 222 -11.89 -23.30 -11.16
CA GLY A 222 -12.38 -24.64 -11.45
C GLY A 222 -11.54 -25.39 -12.44
N VAL A 223 -11.72 -26.71 -12.41
CA VAL A 223 -11.06 -27.64 -13.33
C VAL A 223 -12.14 -28.50 -13.99
N ASN A 224 -11.91 -28.89 -15.24
CA ASN A 224 -12.88 -29.69 -15.96
C ASN A 224 -12.82 -31.22 -15.65
N THR A 225 -12.62 -31.54 -14.37
CA THR A 225 -12.64 -32.91 -13.89
C THR A 225 -12.97 -32.88 -12.41
N ARG A 226 -13.49 -34.00 -11.93
CA ARG A 226 -13.69 -34.24 -10.52
C ARG A 226 -12.33 -34.46 -9.82
N ALA A 227 -11.85 -33.43 -9.14
CA ALA A 227 -10.57 -33.40 -8.45
C ALA A 227 -10.51 -34.43 -7.28
N ASP A 228 -9.33 -34.97 -6.99
CA ASP A 228 -9.19 -35.85 -5.84
C ASP A 228 -9.33 -35.07 -4.53
N GLY A 229 -8.84 -33.83 -4.51
CA GLY A 229 -9.06 -32.95 -3.36
C GLY A 229 -8.76 -31.49 -3.67
N PHE A 230 -8.71 -30.65 -2.63
CA PHE A 230 -8.74 -29.21 -2.85
C PHE A 230 -8.14 -28.58 -1.67
N ASP A 231 -7.85 -27.29 -1.81
CA ASP A 231 -7.36 -26.48 -0.70
C ASP A 231 -7.78 -25.07 -0.92
N THR A 232 -8.24 -24.42 0.15
CA THR A 232 -8.67 -23.04 0.04
C THR A 232 -7.95 -22.18 1.10
N ASP A 233 -7.17 -22.77 1.99
CA ASP A 233 -6.45 -21.98 2.99
C ASP A 233 -4.96 -21.93 2.63
N ARG A 234 -4.40 -20.72 2.47
CA ARG A 234 -2.99 -20.63 2.08
C ARG A 234 -2.00 -21.30 3.05
N ASP A 235 -2.14 -20.95 4.33
CA ASP A 235 -1.26 -21.49 5.38
C ASP A 235 -1.27 -23.02 5.48
N THR A 236 -2.41 -23.65 5.23
CA THR A 236 -2.51 -25.12 5.29
C THR A 236 -1.79 -25.69 4.04
N PHE A 237 -2.11 -25.20 2.86
CA PHE A 237 -1.41 -25.64 1.61
C PHE A 237 0.14 -25.50 1.61
N VAL A 238 0.63 -24.34 2.01
CA VAL A 238 2.03 -24.04 1.95
C VAL A 238 2.74 -24.57 3.21
N GLY A 239 2.12 -24.40 4.38
CA GLY A 239 2.74 -24.86 5.64
C GLY A 239 3.45 -23.72 6.38
N ALA A 240 3.49 -23.80 7.72
CA ALA A 240 4.18 -22.84 8.55
C ALA A 240 5.64 -22.79 8.18
N TYR A 241 6.27 -21.59 8.19
CA TYR A 241 7.73 -21.36 7.95
C TYR A 241 8.20 -21.63 6.53
N ASN A 242 7.24 -21.92 5.63
CA ASN A 242 7.54 -22.30 4.27
C ASN A 242 7.26 -21.17 3.26
N SER A 243 8.09 -21.10 2.21
CA SER A 243 7.80 -20.27 1.05
C SER A 243 6.91 -21.05 0.03
N LEU A 244 6.53 -20.40 -1.08
CA LEU A 244 5.75 -21.10 -2.09
C LEU A 244 6.53 -22.25 -2.74
N GLY A 245 7.87 -22.15 -2.79
CA GLY A 245 8.72 -23.21 -3.35
C GLY A 245 8.84 -24.43 -2.45
N GLU A 246 8.32 -24.36 -1.22
CA GLU A 246 8.48 -25.42 -0.26
C GLU A 246 7.11 -25.89 0.22
N ALA A 247 6.03 -25.43 -0.44
CA ALA A 247 4.67 -25.80 -0.09
C ALA A 247 4.47 -27.27 0.42
N SER A 248 3.84 -27.43 1.59
CA SER A 248 3.77 -28.75 2.23
C SER A 248 2.90 -29.74 1.53
N VAL A 249 1.80 -29.26 0.95
CA VAL A 249 0.78 -30.15 0.44
C VAL A 249 1.30 -30.87 -0.78
N PRO A 250 1.85 -30.14 -1.78
CA PRO A 250 2.41 -30.92 -2.87
C PRO A 250 3.51 -31.88 -2.37
N ARG A 251 4.31 -31.48 -1.38
CA ARG A 251 5.37 -32.38 -0.86
C ARG A 251 4.74 -33.67 -0.23
N ALA A 252 3.65 -33.50 0.53
CA ALA A 252 2.92 -34.61 1.16
C ALA A 252 2.25 -35.48 0.10
N GLY A 253 2.03 -34.92 -1.06
CA GLY A 253 1.46 -35.70 -2.13
C GLY A 253 -0.03 -35.83 -2.12
N LYS A 254 -0.69 -35.12 -1.22
CA LYS A 254 -2.13 -35.05 -1.26
C LYS A 254 -2.68 -33.77 -0.67
N SER A 255 -3.86 -33.38 -1.18
CA SER A 255 -4.53 -32.17 -0.70
C SER A 255 -4.97 -32.32 0.76
N ALA A 256 -5.00 -31.23 1.49
CA ALA A 256 -5.42 -31.24 2.85
C ALA A 256 -6.96 -30.90 2.99
N ASP A 257 -7.64 -30.71 1.84
CA ASP A 257 -9.03 -30.31 1.79
C ASP A 257 -9.34 -29.19 2.81
N SER A 258 -8.48 -28.15 2.84
CA SER A 258 -8.71 -27.02 3.81
C SER A 258 -9.86 -26.09 3.36
N VAL A 259 -10.65 -25.67 4.34
CA VAL A 259 -11.75 -24.69 4.17
C VAL A 259 -11.40 -23.42 4.96
N ALA A 260 -11.20 -22.35 4.21
CA ALA A 260 -10.66 -21.13 4.79
C ALA A 260 -11.70 -20.50 5.71
N SER A 261 -11.26 -19.92 6.82
CA SER A 261 -12.06 -18.89 7.51
C SER A 261 -11.19 -17.70 7.82
N GLY A 262 -11.28 -16.65 7.00
CA GLY A 262 -10.36 -15.49 7.16
C GLY A 262 -8.97 -15.88 6.68
N TRP A 263 -7.96 -15.20 7.18
CA TRP A 263 -6.58 -15.40 6.71
C TRP A 263 -6.48 -15.30 5.18
N TYR A 264 -5.79 -16.25 4.52
CA TYR A 264 -5.48 -16.11 3.05
C TYR A 264 -6.12 -17.14 2.16
N PRO A 265 -7.31 -16.82 1.61
CA PRO A 265 -7.95 -17.77 0.69
C PRO A 265 -7.13 -18.03 -0.54
N ILE A 266 -7.15 -19.28 -1.00
CA ILE A 266 -6.51 -19.69 -2.29
C ILE A 266 -7.46 -20.62 -3.01
N GLY A 267 -7.12 -20.94 -4.27
CA GLY A 267 -7.75 -21.93 -5.12
C GLY A 267 -6.69 -23.00 -5.43
N SER A 268 -7.04 -24.25 -5.18
CA SER A 268 -6.18 -25.40 -5.44
C SER A 268 -7.00 -26.67 -5.53
N HIS A 269 -6.81 -27.41 -6.63
CA HIS A 269 -7.30 -28.76 -6.81
C HIS A 269 -6.16 -29.70 -7.07
N SER A 270 -6.29 -30.93 -6.56
CA SER A 270 -5.36 -32.00 -6.91
C SER A 270 -5.97 -33.02 -7.90
N VAL A 271 -5.20 -33.42 -8.92
CA VAL A 271 -5.56 -34.47 -9.87
C VAL A 271 -4.40 -35.45 -10.07
N ALA A 272 -4.64 -36.72 -9.78
CA ALA A 272 -3.68 -37.77 -9.99
C ALA A 272 -3.87 -38.27 -11.42
N VAL A 273 -2.79 -38.51 -12.17
CA VAL A 273 -2.87 -39.04 -13.53
C VAL A 273 -1.91 -40.20 -13.68
N THR A 274 -2.29 -41.16 -14.49
CA THR A 274 -1.43 -42.26 -14.87
C THR A 274 -1.30 -42.26 -16.38
N LEU A 275 -0.06 -42.31 -16.87
CA LEU A 275 0.22 -42.19 -18.30
C LEU A 275 1.24 -43.24 -18.78
N GLN A 276 0.89 -43.96 -19.85
CA GLN A 276 1.79 -44.91 -20.49
C GLN A 276 2.83 -44.13 -21.27
N PRO A 277 3.99 -44.74 -21.61
CA PRO A 277 4.97 -44.00 -22.45
C PRO A 277 4.26 -43.35 -23.63
N GLY A 278 4.60 -42.09 -23.92
CA GLY A 278 4.02 -41.40 -25.04
C GLY A 278 2.64 -40.78 -24.83
N GLU A 279 1.92 -41.18 -23.78
CA GLU A 279 0.55 -40.71 -23.55
C GLU A 279 0.45 -39.28 -22.97
N SER A 280 -0.60 -38.56 -23.32
CA SER A 280 -0.81 -37.29 -22.67
C SER A 280 -2.22 -37.15 -22.10
N ARG A 281 -2.43 -36.19 -21.20
CA ARG A 281 -3.75 -35.86 -20.71
C ARG A 281 -3.95 -34.34 -20.67
N ASP A 282 -5.07 -33.84 -21.15
CA ASP A 282 -5.40 -32.40 -21.01
C ASP A 282 -6.28 -32.11 -19.78
N LEU A 283 -6.10 -30.93 -19.18
CA LEU A 283 -6.90 -30.46 -18.10
C LEU A 283 -7.12 -28.98 -18.32
N VAL A 284 -8.32 -28.52 -18.01
CA VAL A 284 -8.66 -27.15 -18.32
C VAL A 284 -9.12 -26.47 -17.06
N TYR A 285 -8.36 -25.45 -16.67
CA TYR A 285 -8.66 -24.67 -15.48
C TYR A 285 -9.16 -23.32 -15.93
N VAL A 286 -10.03 -22.74 -15.10
CA VAL A 286 -10.67 -21.48 -15.39
C VAL A 286 -10.66 -20.70 -14.10
N LEU A 287 -10.16 -19.46 -14.19
CA LEU A 287 -10.34 -18.49 -13.15
C LEU A 287 -11.29 -17.48 -13.71
N GLY A 288 -12.49 -17.41 -13.13
CA GLY A 288 -13.60 -16.59 -13.62
C GLY A 288 -14.06 -15.43 -12.73
N TYR A 289 -14.51 -14.31 -13.32
CA TYR A 289 -15.12 -13.25 -12.59
C TYR A 289 -16.64 -13.34 -12.87
N LEU A 290 -17.49 -13.43 -11.81
CA LEU A 290 -18.97 -13.61 -11.97
C LEU A 290 -19.71 -12.55 -11.19
N GLU A 291 -20.80 -12.09 -11.80
CA GLU A 291 -21.73 -11.16 -11.14
C GLU A 291 -23.08 -11.76 -11.16
N ASN A 292 -23.88 -11.37 -10.18
CA ASN A 292 -25.30 -11.71 -10.21
C ASN A 292 -26.10 -10.45 -9.98
N PRO A 293 -27.29 -10.37 -10.60
CA PRO A 293 -28.30 -9.37 -10.18
C PRO A 293 -28.59 -9.46 -8.68
N ASP A 294 -28.87 -8.33 -8.06
CA ASP A 294 -29.10 -8.29 -6.60
C ASP A 294 -30.19 -9.24 -6.13
N GLU A 295 -31.26 -9.33 -6.90
CA GLU A 295 -32.39 -10.24 -6.59
C GLU A 295 -32.02 -11.70 -6.77
N GLU A 296 -30.93 -11.92 -7.48
CA GLU A 296 -30.50 -13.26 -7.81
C GLU A 296 -29.17 -13.60 -7.15
N LYS A 297 -28.77 -12.89 -6.11
CA LYS A 297 -27.48 -13.19 -5.50
C LYS A 297 -27.36 -14.59 -4.90
N TRP A 298 -28.43 -15.10 -4.29
CA TRP A 298 -28.36 -16.28 -3.37
C TRP A 298 -29.09 -17.51 -3.87
N ALA A 299 -28.52 -18.69 -3.65
CA ALA A 299 -29.22 -19.95 -4.01
C ALA A 299 -30.39 -20.20 -3.07
N ASP A 300 -30.32 -19.70 -1.84
CA ASP A 300 -31.26 -20.11 -0.78
C ASP A 300 -31.97 -18.89 -0.20
N ASP A 301 -33.17 -19.09 0.35
CA ASP A 301 -33.92 -18.01 1.03
C ASP A 301 -33.16 -17.37 2.19
N ALA A 302 -32.31 -18.14 2.86
CA ALA A 302 -31.60 -17.59 4.03
C ALA A 302 -30.41 -16.64 3.69
N HIS A 303 -30.10 -16.48 2.39
CA HIS A 303 -28.96 -15.68 1.91
C HIS A 303 -27.59 -16.09 2.45
N GLN A 304 -27.27 -17.37 2.33
CA GLN A 304 -26.04 -17.95 2.87
C GLN A 304 -25.15 -18.63 1.75
N VAL A 305 -25.74 -19.01 0.63
CA VAL A 305 -25.10 -19.85 -0.35
C VAL A 305 -25.17 -19.12 -1.67
N VAL A 306 -24.01 -18.91 -2.32
CA VAL A 306 -23.99 -18.03 -3.50
C VAL A 306 -24.65 -18.70 -4.69
N ASN A 307 -25.30 -17.90 -5.53
CA ASN A 307 -25.95 -18.48 -6.71
C ASN A 307 -24.86 -18.70 -7.74
N LYS A 308 -24.71 -19.97 -8.15
CA LYS A 308 -23.54 -20.47 -8.92
C LYS A 308 -23.86 -20.58 -10.41
N ALA A 309 -25.14 -20.36 -10.73
CA ALA A 309 -25.56 -20.47 -12.13
C ALA A 309 -24.57 -19.85 -13.17
N PRO A 310 -24.12 -18.58 -13.01
CA PRO A 310 -23.18 -18.08 -14.09
C PRO A 310 -21.78 -18.70 -14.09
N ALA A 311 -21.34 -19.14 -12.92
CA ALA A 311 -20.12 -19.95 -12.79
C ALA A 311 -20.26 -21.30 -13.45
N HIS A 312 -21.41 -21.95 -13.27
CA HIS A 312 -21.59 -23.27 -13.92
C HIS A 312 -21.65 -23.08 -15.46
N ALA A 313 -22.29 -22.00 -15.91
CA ALA A 313 -22.29 -21.73 -17.36
C ALA A 313 -20.86 -21.46 -17.92
N LEU A 314 -20.09 -20.61 -17.24
CA LEU A 314 -18.67 -20.40 -17.59
C LEU A 314 -17.84 -21.68 -17.63
N LEU A 315 -17.91 -22.48 -16.56
CA LEU A 315 -17.22 -23.77 -16.55
C LEU A 315 -17.69 -24.71 -17.71
N GLY A 316 -18.96 -24.62 -18.10
CA GLY A 316 -19.51 -25.43 -19.19
C GLY A 316 -19.01 -24.96 -20.52
N ARG A 317 -18.59 -23.69 -20.59
CA ARG A 317 -18.11 -23.12 -21.87
C ARG A 317 -16.67 -23.47 -22.11
N PHE A 318 -15.99 -23.99 -21.08
CA PHE A 318 -14.61 -24.50 -21.19
C PHE A 318 -14.43 -25.90 -20.56
N ALA A 319 -15.46 -26.75 -20.72
CA ALA A 319 -15.35 -28.10 -20.17
C ALA A 319 -14.44 -28.99 -21.00
N THR A 320 -14.23 -28.66 -22.27
CA THR A 320 -13.41 -29.53 -23.13
C THR A 320 -12.22 -28.81 -23.80
N SER A 321 -11.19 -29.56 -24.17
CA SER A 321 -10.10 -29.07 -25.02
C SER A 321 -10.57 -28.45 -26.34
N GLU A 322 -11.57 -29.04 -27.00
CA GLU A 322 -12.08 -28.52 -28.28
C GLU A 322 -12.58 -27.09 -28.11
N GLN A 323 -13.29 -26.88 -26.99
CA GLN A 323 -13.84 -25.56 -26.67
C GLN A 323 -12.74 -24.51 -26.47
N VAL A 324 -11.72 -24.87 -25.70
CA VAL A 324 -10.47 -24.07 -25.67
C VAL A 324 -9.86 -23.76 -27.07
N ASP A 325 -9.63 -24.80 -27.86
CA ASP A 325 -9.03 -24.58 -29.17
C ASP A 325 -9.85 -23.63 -30.06
N ALA A 326 -11.19 -23.79 -30.02
CA ALA A 326 -12.09 -22.93 -30.81
C ALA A 326 -11.97 -21.46 -30.35
N ALA A 327 -11.84 -21.24 -29.06
CA ALA A 327 -11.67 -19.89 -28.54
C ALA A 327 -10.28 -19.34 -28.87
N LEU A 328 -9.24 -20.14 -28.71
CA LEU A 328 -7.91 -19.70 -29.13
C LEU A 328 -7.89 -19.36 -30.63
N GLU A 329 -8.50 -20.20 -31.46
CA GLU A 329 -8.51 -19.91 -32.87
C GLU A 329 -9.29 -18.59 -33.15
N ALA A 330 -10.37 -18.32 -32.39
CA ALA A 330 -11.12 -17.08 -32.55
C ALA A 330 -10.31 -15.83 -32.14
N LEU A 331 -9.41 -16.02 -31.16
CA LEU A 331 -8.53 -14.97 -30.71
C LEU A 331 -7.51 -14.68 -31.80
N ASN A 332 -7.00 -15.76 -32.40
CA ASN A 332 -6.09 -15.61 -33.53
C ASN A 332 -6.75 -14.82 -34.70
N SER A 333 -7.94 -15.26 -35.15
CA SER A 333 -8.71 -14.53 -36.18
C SER A 333 -8.87 -13.04 -35.82
N TYR A 334 -9.22 -12.80 -34.55
CA TYR A 334 -9.55 -11.44 -34.08
C TYR A 334 -8.29 -10.60 -34.27
N TRP A 335 -7.11 -11.09 -33.84
CA TRP A 335 -5.85 -10.40 -34.08
C TRP A 335 -5.46 -10.29 -35.55
N THR A 336 -5.66 -11.33 -36.37
CA THR A 336 -5.33 -11.19 -37.77
C THR A 336 -6.15 -10.03 -38.35
N ASN A 337 -7.38 -9.95 -37.91
CA ASN A 337 -8.22 -8.91 -38.33
C ASN A 337 -7.75 -7.52 -37.86
N LEU A 338 -7.35 -7.38 -36.58
CA LEU A 338 -6.86 -6.09 -36.14
C LEU A 338 -5.62 -5.66 -36.87
N LEU A 339 -4.74 -6.61 -37.17
CA LEU A 339 -3.47 -6.28 -37.77
C LEU A 339 -3.56 -6.15 -39.29
N SER A 340 -4.76 -6.24 -39.83
CA SER A 340 -4.93 -6.15 -41.29
C SER A 340 -5.04 -4.68 -41.82
N THR A 341 -5.17 -3.70 -40.92
CA THR A 341 -5.32 -2.30 -41.28
C THR A 341 -4.04 -1.64 -41.74
N TYR A 342 -2.94 -1.88 -41.05
CA TYR A 342 -1.71 -1.28 -41.46
C TYR A 342 -0.65 -2.33 -41.44
N SER A 343 0.02 -2.54 -42.57
CA SER A 343 1.18 -3.38 -42.57
C SER A 343 2.21 -2.98 -43.61
N VAL A 344 3.45 -3.44 -43.40
CA VAL A 344 4.51 -3.07 -44.25
C VAL A 344 5.31 -4.29 -44.61
N SER A 345 5.80 -4.30 -45.84
CA SER A 345 6.70 -5.35 -46.23
C SER A 345 7.96 -4.67 -46.77
N SER A 346 9.12 -4.87 -46.14
CA SER A 346 10.34 -4.19 -46.64
C SER A 346 11.57 -5.11 -46.58
N THR A 347 12.76 -4.53 -46.73
CA THR A 347 14.00 -5.30 -46.55
C THR A 347 14.52 -5.30 -45.12
N ASP A 348 13.77 -4.69 -44.18
CA ASP A 348 14.21 -4.70 -42.77
C ASP A 348 13.21 -5.46 -41.86
N GLU A 349 13.63 -6.68 -41.49
CA GLU A 349 12.81 -7.65 -40.77
C GLU A 349 12.49 -7.13 -39.38
N LYS A 350 13.42 -6.35 -38.79
CA LYS A 350 13.22 -5.72 -37.48
C LYS A 350 12.18 -4.63 -37.50
N LEU A 351 12.36 -3.68 -38.41
CA LEU A 351 11.32 -2.70 -38.70
C LEU A 351 9.94 -3.37 -38.85
N ASP A 352 9.88 -4.35 -39.76
CA ASP A 352 8.62 -5.00 -40.13
C ASP A 352 7.94 -5.69 -38.93
N ARG A 353 8.71 -6.40 -38.11
CA ARG A 353 8.07 -7.05 -36.97
C ARG A 353 7.53 -6.02 -36.01
N MET A 354 8.13 -4.81 -35.98
CA MET A 354 7.68 -3.76 -35.08
C MET A 354 6.38 -3.19 -35.60
N VAL A 355 6.35 -2.91 -36.88
CA VAL A 355 5.23 -2.25 -37.47
C VAL A 355 4.03 -3.20 -37.65
N ASN A 356 4.33 -4.46 -37.99
CA ASN A 356 3.28 -5.43 -38.29
C ASN A 356 2.62 -6.05 -37.08
N ILE A 357 3.39 -6.20 -36.01
CA ILE A 357 2.94 -6.97 -34.88
C ILE A 357 3.15 -6.21 -33.60
N TRP A 358 4.41 -6.10 -33.17
CA TRP A 358 4.64 -5.77 -31.76
C TRP A 358 4.16 -4.40 -31.33
N ASN A 359 4.35 -3.35 -32.17
CA ASN A 359 4.03 -1.98 -31.70
C ASN A 359 2.49 -1.81 -31.67
N GLN A 360 1.80 -2.54 -32.53
CA GLN A 360 0.35 -2.45 -32.60
C GLN A 360 -0.30 -3.15 -31.43
N TYR A 361 0.32 -4.28 -31.04
CA TYR A 361 -0.14 -5.10 -29.93
C TYR A 361 0.06 -4.30 -28.67
N GLN A 362 1.21 -3.61 -28.54
CA GLN A 362 1.47 -2.79 -27.31
C GLN A 362 0.45 -1.66 -27.21
N CYS A 363 0.09 -1.08 -28.37
CA CYS A 363 -0.88 -0.01 -28.46
C CYS A 363 -2.27 -0.40 -27.99
N MET A 364 -2.68 -1.65 -28.22
CA MET A 364 -3.87 -2.17 -27.64
C MET A 364 -3.73 -2.24 -26.10
N VAL A 365 -2.60 -2.74 -25.61
CA VAL A 365 -2.40 -2.83 -24.16
C VAL A 365 -2.46 -1.42 -23.52
N THR A 366 -1.74 -0.44 -24.07
CA THR A 366 -1.73 0.91 -23.44
C THR A 366 -3.15 1.51 -23.56
N PHE A 367 -3.85 1.27 -24.68
CA PHE A 367 -5.21 1.76 -24.76
C PHE A 367 -6.03 1.24 -23.58
N ASN A 368 -5.92 -0.04 -23.28
CA ASN A 368 -6.69 -0.63 -22.15
C ASN A 368 -6.20 -0.26 -20.75
N MET A 369 -4.89 -0.24 -20.55
CA MET A 369 -4.30 -0.11 -19.24
C MET A 369 -3.95 1.33 -18.85
N SER A 370 -3.78 2.22 -19.85
CA SER A 370 -3.22 3.55 -19.63
C SER A 370 -1.86 3.39 -18.92
N ARG A 371 -1.73 3.91 -17.71
CA ARG A 371 -0.50 3.68 -16.96
C ARG A 371 -0.79 3.03 -15.61
N SER A 372 -1.86 2.25 -15.50
CA SER A 372 -2.31 1.76 -14.17
C SER A 372 -1.50 0.62 -13.58
N ALA A 373 -1.34 -0.46 -14.36
CA ALA A 373 -0.90 -1.77 -13.79
C ALA A 373 0.08 -2.46 -14.68
N SER A 374 1.33 -2.62 -14.24
CA SER A 374 2.34 -3.35 -15.02
C SER A 374 3.17 -4.05 -13.94
N PHE A 375 4.42 -4.42 -14.22
CA PHE A 375 5.29 -4.88 -13.13
C PHE A 375 6.04 -3.75 -12.39
N PHE A 376 5.78 -2.49 -12.78
CA PHE A 376 6.35 -1.30 -12.18
C PHE A 376 5.16 -0.47 -11.65
N GLU A 377 4.11 -0.22 -12.49
CA GLU A 377 2.90 0.44 -11.96
C GLU A 377 2.08 -0.57 -11.17
N THR A 378 1.64 -0.19 -9.96
CA THR A 378 1.12 -1.10 -8.98
C THR A 378 -0.41 -1.33 -8.98
N GLY A 379 -1.13 -0.61 -9.85
CA GLY A 379 -2.57 -0.83 -10.04
C GLY A 379 -3.24 -0.23 -8.82
N ILE A 380 -2.63 0.81 -8.27
CA ILE A 380 -3.21 1.49 -7.12
C ILE A 380 -3.52 2.97 -7.37
N GLY A 381 -2.53 3.85 -7.34
CA GLY A 381 -2.72 5.26 -7.58
C GLY A 381 -3.17 5.64 -8.99
N ARG A 382 -2.67 4.95 -10.02
CA ARG A 382 -2.95 5.35 -11.40
C ARG A 382 -4.25 4.74 -11.97
N GLY A 383 -5.14 5.60 -12.46
CA GLY A 383 -6.35 5.19 -13.21
C GLY A 383 -6.12 5.37 -14.71
N MET A 384 -7.02 6.06 -15.41
CA MET A 384 -6.79 6.40 -16.81
C MET A 384 -6.40 7.87 -16.90
N GLY A 385 -5.17 8.14 -17.33
CA GLY A 385 -4.68 9.52 -17.41
C GLY A 385 -5.31 10.28 -18.54
N PHE A 386 -5.67 11.53 -18.28
CA PHE A 386 -6.27 12.41 -19.32
C PHE A 386 -5.27 12.59 -20.48
N ARG A 387 -4.05 13.03 -20.21
CA ARG A 387 -3.13 13.22 -21.35
C ARG A 387 -2.71 11.83 -21.88
N ASP A 388 -2.60 10.87 -20.97
CA ASP A 388 -2.00 9.60 -21.31
C ASP A 388 -2.92 8.86 -22.28
N SER A 389 -4.20 8.83 -21.95
CA SER A 389 -5.17 8.14 -22.77
C SER A 389 -5.54 8.86 -24.04
N ASN A 390 -5.46 10.19 -24.04
CA ASN A 390 -5.59 10.96 -25.26
C ASN A 390 -4.47 10.67 -26.26
N GLN A 391 -3.24 10.67 -25.80
CA GLN A 391 -2.11 10.31 -26.69
C GLN A 391 -2.13 8.85 -27.06
N ASP A 392 -2.52 7.93 -26.16
CA ASP A 392 -2.70 6.53 -26.58
C ASP A 392 -3.63 6.41 -27.80
N LEU A 393 -4.65 7.23 -27.87
CA LEU A 393 -5.51 7.21 -29.04
C LEU A 393 -4.74 7.34 -30.36
N LEU A 394 -3.67 8.12 -30.37
CA LEU A 394 -2.99 8.35 -31.65
C LEU A 394 -2.47 7.06 -32.30
N GLY A 395 -2.21 6.01 -31.51
CA GLY A 395 -1.70 4.76 -32.06
C GLY A 395 -2.78 3.70 -32.00
N PHE A 396 -3.99 4.09 -31.63
CA PHE A 396 -5.10 3.16 -31.52
C PHE A 396 -6.21 3.36 -32.54
N VAL A 397 -6.42 4.60 -33.01
CA VAL A 397 -7.58 4.91 -33.85
C VAL A 397 -7.75 4.02 -35.09
N HIS A 398 -6.64 3.60 -35.70
CA HIS A 398 -6.74 2.69 -36.86
C HIS A 398 -7.11 1.25 -36.44
N LEU A 399 -6.87 0.84 -35.18
CA LEU A 399 -7.17 -0.56 -34.78
C LEU A 399 -8.62 -0.83 -34.60
N ILE A 400 -9.27 -0.16 -33.63
CA ILE A 400 -10.71 -0.29 -33.51
C ILE A 400 -11.28 1.09 -33.33
N PRO A 401 -11.66 1.77 -34.43
CA PRO A 401 -12.09 3.18 -34.26
C PRO A 401 -13.38 3.36 -33.39
N GLU A 402 -14.28 2.39 -33.38
CA GLU A 402 -15.49 2.49 -32.52
C GLU A 402 -15.15 2.47 -31.04
N ARG A 403 -14.03 1.85 -30.65
CA ARG A 403 -13.66 1.87 -29.24
C ARG A 403 -12.90 3.17 -28.94
N ALA A 404 -12.19 3.69 -29.94
CA ALA A 404 -11.54 4.98 -29.76
C ALA A 404 -12.62 6.03 -29.59
N ARG A 405 -13.73 5.89 -30.33
CA ARG A 405 -14.83 6.86 -30.24
C ARG A 405 -15.35 6.90 -28.84
N GLU A 406 -15.74 5.76 -28.32
CA GLU A 406 -16.21 5.70 -26.94
C GLU A 406 -15.26 6.29 -25.90
N ARG A 407 -13.96 5.96 -26.05
CA ARG A 407 -12.90 6.49 -25.19
C ARG A 407 -12.81 8.03 -25.22
N ILE A 408 -12.90 8.65 -26.40
CA ILE A 408 -12.96 10.12 -26.46
C ILE A 408 -14.10 10.65 -25.60
N ILE A 409 -15.31 10.11 -25.75
CA ILE A 409 -16.51 10.53 -24.98
C ILE A 409 -16.23 10.42 -23.47
N ASP A 410 -15.63 9.30 -23.06
CA ASP A 410 -15.27 9.03 -21.67
C ASP A 410 -14.25 10.02 -21.09
N ILE A 411 -13.18 10.26 -21.82
CA ILE A 411 -12.22 11.28 -21.43
C ILE A 411 -12.85 12.68 -21.29
N ALA A 412 -13.55 13.11 -22.33
CA ALA A 412 -14.13 14.48 -22.38
C ALA A 412 -15.16 14.73 -21.30
N SER A 413 -15.78 13.64 -20.83
CA SER A 413 -16.78 13.69 -19.78
C SER A 413 -16.11 13.98 -18.45
N THR A 414 -14.77 13.95 -18.39
CA THR A 414 -14.11 14.22 -17.09
C THR A 414 -13.52 15.64 -17.12
N GLN A 415 -13.81 16.37 -18.18
CA GLN A 415 -13.37 17.73 -18.30
C GLN A 415 -14.35 18.61 -17.56
N PHE A 416 -13.83 19.67 -16.94
CA PHE A 416 -14.63 20.77 -16.36
C PHE A 416 -15.11 21.87 -17.38
N ALA A 417 -16.22 22.52 -17.02
CA ALA A 417 -16.77 23.59 -17.84
C ALA A 417 -15.75 24.68 -18.21
N ASP A 418 -14.81 25.02 -17.35
CA ASP A 418 -13.80 26.02 -17.73
C ASP A 418 -12.70 25.51 -18.71
N GLY A 419 -12.84 24.26 -19.16
CA GLY A 419 -11.89 23.67 -20.12
C GLY A 419 -10.72 22.92 -19.46
N SER A 420 -10.46 23.14 -18.17
CA SER A 420 -9.44 22.36 -17.47
C SER A 420 -10.07 20.98 -17.20
N ALA A 421 -9.25 19.99 -16.86
CA ALA A 421 -9.79 18.63 -16.65
C ALA A 421 -9.19 17.99 -15.45
N TYR A 422 -9.86 16.93 -14.99
CA TYR A 422 -9.27 15.98 -14.09
C TYR A 422 -8.08 15.33 -14.75
N HIS A 423 -7.02 15.16 -13.98
CA HIS A 423 -5.77 14.68 -14.56
C HIS A 423 -5.92 13.21 -14.93
N GLN A 424 -6.86 12.52 -14.29
CA GLN A 424 -7.08 11.07 -14.55
C GLN A 424 -8.40 10.62 -13.99
N TYR A 425 -8.89 9.45 -14.46
CA TYR A 425 -10.14 8.92 -13.93
C TYR A 425 -10.07 7.44 -13.47
N GLN A 426 -10.99 7.05 -12.59
CA GLN A 426 -11.03 5.71 -12.09
C GLN A 426 -11.60 4.80 -13.19
N PRO A 427 -10.84 3.75 -13.60
CA PRO A 427 -11.40 2.89 -14.66
C PRO A 427 -12.77 2.31 -14.33
N LEU A 428 -13.03 1.93 -13.09
CA LEU A 428 -14.29 1.27 -12.78
C LEU A 428 -15.50 2.22 -12.95
N THR A 429 -15.40 3.44 -12.46
CA THR A 429 -16.55 4.35 -12.41
C THR A 429 -16.51 5.39 -13.55
N LYS A 430 -15.39 5.53 -14.23
CA LYS A 430 -15.15 6.56 -15.26
C LYS A 430 -15.23 7.98 -14.70
N ARG A 431 -15.00 8.12 -13.42
CA ARG A 431 -15.09 9.43 -12.77
C ARG A 431 -13.68 9.96 -12.49
N GLY A 432 -13.41 11.23 -12.76
CA GLY A 432 -12.08 11.83 -12.50
C GLY A 432 -11.67 11.94 -11.04
N ASN A 433 -10.38 11.96 -10.76
CA ASN A 433 -9.96 12.22 -9.41
C ASN A 433 -8.67 13.04 -9.40
N ASN A 434 -8.28 13.51 -8.21
CA ASN A 434 -7.04 14.26 -7.99
C ASN A 434 -5.95 13.47 -7.29
N ASP A 435 -6.05 12.16 -7.25
CA ASP A 435 -5.08 11.35 -6.51
C ASP A 435 -3.65 11.57 -6.97
N ILE A 436 -3.44 11.98 -8.22
CA ILE A 436 -2.05 12.28 -8.64
C ILE A 436 -1.98 13.74 -9.11
N GLY A 437 -2.90 14.56 -8.57
CA GLY A 437 -2.76 15.99 -8.64
C GLY A 437 -3.72 16.61 -9.63
N SER A 438 -3.63 17.94 -9.77
CA SER A 438 -4.62 18.64 -10.58
C SER A 438 -3.98 19.91 -11.19
N GLY A 439 -4.66 20.52 -12.17
CA GLY A 439 -4.20 21.80 -12.69
C GLY A 439 -2.95 21.69 -13.50
N PHE A 440 -2.89 20.66 -14.34
CA PHE A 440 -1.80 20.45 -15.28
C PHE A 440 -2.27 21.15 -16.60
N ASN A 441 -1.66 22.28 -16.95
CA ASN A 441 -2.17 23.10 -18.09
C ASN A 441 -2.00 22.63 -19.55
N ASP A 442 -1.19 21.59 -19.80
CA ASP A 442 -1.08 20.94 -21.13
C ASP A 442 -2.24 19.99 -21.31
N ASP A 443 -2.88 19.56 -20.22
CA ASP A 443 -3.94 18.52 -20.33
C ASP A 443 -5.01 18.83 -21.38
N PRO A 444 -5.65 20.03 -21.29
CA PRO A 444 -6.86 20.30 -22.12
C PRO A 444 -6.63 20.18 -23.64
N LEU A 445 -5.50 20.68 -24.12
CA LEU A 445 -5.14 20.55 -25.55
C LEU A 445 -5.02 19.09 -26.06
N TRP A 446 -4.63 18.13 -25.18
CA TRP A 446 -4.56 16.73 -25.62
C TRP A 446 -5.92 16.23 -26.08
N LEU A 447 -7.00 16.73 -25.53
CA LEU A 447 -8.31 16.27 -26.02
C LEU A 447 -8.47 16.53 -27.51
N ILE A 448 -8.06 17.74 -27.97
CA ILE A 448 -8.10 18.14 -29.39
C ILE A 448 -7.18 17.25 -30.23
N ALA A 449 -6.02 16.89 -29.70
CA ALA A 449 -5.13 15.96 -30.41
C ALA A 449 -5.84 14.64 -30.72
N GLY A 450 -6.44 14.09 -29.67
CA GLY A 450 -7.18 12.83 -29.80
C GLY A 450 -8.29 12.92 -30.83
N VAL A 451 -9.16 13.92 -30.70
CA VAL A 451 -10.27 14.05 -31.61
C VAL A 451 -9.80 14.30 -33.08
N ALA A 452 -8.74 15.08 -33.25
CA ALA A 452 -8.29 15.40 -34.61
C ALA A 452 -7.80 14.10 -35.22
N ALA A 453 -6.98 13.36 -34.48
CA ALA A 453 -6.47 12.06 -35.00
C ALA A 453 -7.61 11.13 -35.37
N TYR A 454 -8.63 11.04 -34.49
CA TYR A 454 -9.76 10.13 -34.71
C TYR A 454 -10.56 10.47 -35.99
N ILE A 455 -10.87 11.76 -36.18
CA ILE A 455 -11.64 12.24 -37.35
C ILE A 455 -10.82 12.05 -38.61
N LYS A 456 -9.54 12.33 -38.59
CA LYS A 456 -8.70 12.04 -39.75
C LYS A 456 -8.76 10.59 -40.14
N GLU A 457 -8.64 9.69 -39.14
CA GLU A 457 -8.69 8.27 -39.35
C GLU A 457 -10.04 7.81 -39.91
N SER A 458 -11.12 8.18 -39.25
CA SER A 458 -12.42 7.59 -39.53
C SER A 458 -13.31 8.39 -40.44
N GLY A 459 -13.17 9.72 -40.42
CA GLY A 459 -14.12 10.62 -41.09
C GLY A 459 -15.47 10.72 -40.37
N ASP A 460 -15.46 10.43 -39.08
CA ASP A 460 -16.67 10.45 -38.35
C ASP A 460 -16.79 11.85 -37.75
N TRP A 461 -17.05 12.84 -38.60
CA TRP A 461 -17.39 14.19 -38.19
C TRP A 461 -18.57 14.25 -37.22
N GLY A 462 -19.48 13.28 -37.33
CA GLY A 462 -20.60 13.22 -36.40
C GLY A 462 -20.25 13.21 -34.90
N ILE A 463 -19.03 12.77 -34.54
CA ILE A 463 -18.62 12.68 -33.13
C ILE A 463 -18.60 14.08 -32.50
N LEU A 464 -18.33 15.11 -33.29
CA LEU A 464 -18.34 16.50 -32.84
C LEU A 464 -19.72 16.95 -32.34
N ASP A 465 -20.78 16.27 -32.77
CA ASP A 465 -22.12 16.51 -32.27
C ASP A 465 -22.48 15.68 -31.04
N GLU A 466 -21.62 14.75 -30.64
CA GLU A 466 -21.97 13.92 -29.49
C GLU A 466 -22.16 14.82 -28.26
N PRO A 467 -23.31 14.70 -27.58
CA PRO A 467 -23.52 15.45 -26.34
C PRO A 467 -22.69 14.82 -25.20
N VAL A 468 -21.93 15.64 -24.50
CA VAL A 468 -20.91 15.17 -23.57
C VAL A 468 -20.95 16.03 -22.31
N PRO A 469 -21.12 15.38 -21.15
CA PRO A 469 -21.23 16.21 -19.91
C PRO A 469 -19.87 16.80 -19.51
N PHE A 470 -19.89 17.73 -18.58
CA PHE A 470 -18.70 18.16 -17.88
C PHE A 470 -18.70 17.51 -16.50
N ASP A 471 -17.59 16.87 -16.12
CA ASP A 471 -17.50 16.18 -14.84
C ASP A 471 -18.69 15.24 -14.53
N ASN A 472 -19.10 14.50 -15.57
CA ASN A 472 -20.18 13.52 -15.47
C ASN A 472 -21.53 14.06 -14.92
N GLU A 473 -21.78 15.38 -14.90
CA GLU A 473 -23.08 15.91 -14.38
C GLU A 473 -24.22 15.62 -15.35
N PRO A 474 -25.21 14.82 -14.92
CA PRO A 474 -26.35 14.62 -15.83
C PRO A 474 -27.00 15.99 -16.07
N GLY A 475 -27.39 16.27 -17.31
CA GLY A 475 -27.91 17.58 -17.68
C GLY A 475 -26.89 18.63 -18.07
N SER A 476 -25.59 18.38 -17.88
CA SER A 476 -24.56 19.37 -18.31
C SER A 476 -24.08 19.21 -19.78
N GLU A 477 -24.65 18.27 -20.54
CA GLU A 477 -24.17 17.94 -21.88
C GLU A 477 -24.01 19.11 -22.87
N VAL A 478 -22.88 19.15 -23.59
CA VAL A 478 -22.77 20.07 -24.71
C VAL A 478 -22.15 19.25 -25.85
N PRO A 479 -22.26 19.70 -27.11
CA PRO A 479 -21.60 18.92 -28.13
C PRO A 479 -20.10 18.81 -27.81
N LEU A 480 -19.54 17.66 -28.13
CA LEU A 480 -18.09 17.37 -28.02
C LEU A 480 -17.30 18.56 -28.56
N PHE A 481 -17.70 19.07 -29.74
CA PHE A 481 -16.96 20.19 -30.31
C PHE A 481 -16.84 21.30 -29.26
N GLU A 482 -17.93 21.55 -28.53
CA GLU A 482 -17.95 22.64 -27.56
C GLU A 482 -16.90 22.41 -26.46
N HIS A 483 -16.63 21.14 -26.13
CA HIS A 483 -15.57 20.80 -25.16
C HIS A 483 -14.23 21.24 -25.72
N LEU A 484 -14.01 21.00 -27.00
CA LEU A 484 -12.78 21.41 -27.67
C LEU A 484 -12.56 22.93 -27.62
N THR A 485 -13.62 23.69 -27.91
CA THR A 485 -13.53 25.12 -27.71
C THR A 485 -13.15 25.44 -26.24
N ARG A 486 -13.65 24.69 -25.24
CA ARG A 486 -13.26 25.00 -23.85
C ARG A 486 -11.75 24.76 -23.69
N SER A 487 -11.28 23.67 -24.27
CA SER A 487 -9.81 23.39 -24.24
C SER A 487 -9.02 24.53 -24.88
N PHE A 488 -9.41 24.90 -26.08
CA PHE A 488 -8.71 25.92 -26.82
C PHE A 488 -8.68 27.27 -26.05
N GLN A 489 -9.85 27.66 -25.52
CA GLN A 489 -10.03 28.93 -24.81
C GLN A 489 -9.27 28.91 -23.48
N PHE A 490 -9.26 27.77 -22.81
CA PHE A 490 -8.42 27.67 -21.63
C PHE A 490 -7.03 28.20 -21.85
N THR A 491 -6.35 27.74 -22.91
CA THR A 491 -5.02 28.22 -23.17
C THR A 491 -4.99 29.70 -23.59
N VAL A 492 -6.03 30.14 -24.32
CA VAL A 492 -6.02 31.50 -24.86
C VAL A 492 -6.04 32.46 -23.67
N GLN A 493 -6.81 32.12 -22.65
CA GLN A 493 -7.10 33.02 -21.56
C GLN A 493 -6.18 32.82 -20.34
N ASN A 494 -5.08 32.07 -20.54
CA ASN A 494 -4.09 31.78 -19.51
C ASN A 494 -2.69 31.83 -20.10
N ARG A 495 -2.37 33.01 -20.64
CA ARG A 495 -1.04 33.24 -21.16
C ARG A 495 -0.30 34.18 -20.22
N GLY A 496 1.03 34.06 -20.14
CA GLY A 496 1.84 34.92 -19.25
C GLY A 496 2.32 36.19 -19.93
N PRO A 497 3.33 36.84 -19.32
CA PRO A 497 3.83 38.14 -19.79
C PRO A 497 4.46 38.11 -21.16
N HIS A 498 4.96 36.95 -21.61
CA HIS A 498 5.53 36.83 -22.95
C HIS A 498 4.57 36.32 -24.00
N GLY A 499 3.28 36.27 -23.73
CA GLY A 499 2.38 35.54 -24.65
C GLY A 499 2.45 34.00 -24.66
N LEU A 500 3.13 33.39 -23.70
CA LEU A 500 3.27 31.95 -23.68
C LEU A 500 2.29 31.38 -22.62
N PRO A 501 1.73 30.16 -22.83
CA PRO A 501 0.75 29.58 -21.87
C PRO A 501 1.33 29.45 -20.47
N LEU A 502 0.57 29.89 -19.48
CA LEU A 502 0.87 29.66 -18.06
C LEU A 502 1.00 28.14 -17.87
N ILE A 503 2.03 27.73 -17.12
CA ILE A 503 2.30 26.30 -16.92
C ILE A 503 1.38 25.59 -15.92
N GLY A 504 0.96 26.26 -14.85
CA GLY A 504 0.19 25.55 -13.82
C GLY A 504 1.03 24.55 -13.06
N ARG A 505 0.42 23.45 -12.61
CA ARG A 505 1.13 22.45 -11.82
C ARG A 505 2.39 21.93 -12.52
N ALA A 506 2.25 21.66 -13.81
CA ALA A 506 3.30 21.11 -14.68
C ALA A 506 2.72 21.07 -16.08
N ASP A 507 3.57 20.94 -17.10
CA ASP A 507 3.09 20.69 -18.47
C ASP A 507 3.25 19.19 -18.75
N TRP A 508 3.52 18.79 -20.00
CA TRP A 508 3.76 17.36 -20.30
C TRP A 508 4.75 16.72 -19.30
N ASN A 509 5.74 17.51 -18.91
CA ASN A 509 6.70 17.08 -17.91
C ASN A 509 6.15 17.27 -16.50
N ASP A 510 5.68 16.15 -15.93
CA ASP A 510 5.09 16.08 -14.59
C ASP A 510 6.00 16.65 -13.51
N CYS A 511 7.31 16.59 -13.70
CA CYS A 511 8.28 17.02 -12.71
C CYS A 511 8.78 18.46 -12.89
N LEU A 512 8.26 19.20 -13.89
CA LEU A 512 8.59 20.63 -14.00
C LEU A 512 7.53 21.39 -13.27
N ASN A 513 7.72 21.52 -11.96
CA ASN A 513 6.74 22.14 -11.07
C ASN A 513 7.30 23.52 -10.65
N LEU A 514 6.92 24.58 -11.40
CA LEU A 514 7.43 25.95 -11.19
C LEU A 514 6.66 26.75 -10.14
N ASN A 515 5.52 26.21 -9.69
CA ASN A 515 4.66 26.82 -8.69
C ASN A 515 4.65 26.07 -7.38
N CYS A 516 5.79 25.55 -6.95
CA CYS A 516 5.80 24.51 -5.91
C CYS A 516 6.62 24.92 -4.72
N PHE A 517 7.92 25.08 -4.87
CA PHE A 517 8.79 25.51 -3.78
C PHE A 517 8.61 24.67 -2.50
N SER A 518 8.58 23.33 -2.63
CA SER A 518 8.35 22.49 -1.47
C SER A 518 9.63 22.25 -0.68
N THR A 519 9.53 22.48 0.62
CA THR A 519 10.59 22.12 1.57
C THR A 519 10.12 21.03 2.56
N THR A 520 8.94 20.51 2.36
CA THR A 520 8.40 19.46 3.24
C THR A 520 8.68 18.06 2.66
N PRO A 521 9.49 17.25 3.35
CA PRO A 521 9.74 15.92 2.81
C PRO A 521 8.52 15.01 2.80
N GLY A 522 8.54 14.09 1.82
CA GLY A 522 7.66 12.93 1.77
C GLY A 522 6.29 13.26 1.24
N GLU A 523 6.01 14.56 1.07
CA GLU A 523 4.79 14.99 0.38
C GLU A 523 5.03 15.07 -1.12
N SER A 524 4.15 14.38 -1.83
CA SER A 524 4.23 14.26 -3.26
C SER A 524 4.25 15.62 -3.98
N PHE A 525 5.23 15.83 -4.85
CA PHE A 525 5.19 17.01 -5.72
C PHE A 525 3.95 16.98 -6.59
N GLN A 526 3.42 15.80 -6.92
CA GLN A 526 2.23 15.71 -7.79
C GLN A 526 0.94 16.22 -7.12
N THR A 527 0.80 16.01 -5.82
CA THR A 527 -0.46 16.31 -5.11
C THR A 527 -0.34 17.55 -4.22
N THR A 528 0.91 17.91 -3.88
CA THR A 528 1.19 19.01 -2.94
C THR A 528 0.62 20.36 -3.41
N GLU A 529 0.16 21.17 -2.47
CA GLU A 529 -0.48 22.47 -2.79
C GLU A 529 0.47 23.40 -3.56
N ASN A 530 -0.04 24.13 -4.55
CA ASN A 530 0.81 25.03 -5.30
C ASN A 530 0.61 26.49 -4.90
N GLN A 531 1.60 27.34 -5.25
CA GLN A 531 1.54 28.76 -4.92
C GLN A 531 0.70 29.42 -5.97
N ALA A 532 -0.31 30.16 -5.54
CA ALA A 532 -0.99 31.12 -6.42
C ALA A 532 0.08 32.18 -6.87
N GLY A 533 -0.18 32.96 -7.93
CA GLY A 533 0.75 34.05 -8.40
C GLY A 533 1.99 33.67 -9.25
N GLY A 534 3.00 34.55 -9.31
CA GLY A 534 4.18 34.31 -10.15
C GLY A 534 3.88 34.39 -11.64
N VAL A 535 4.88 34.16 -12.49
CA VAL A 535 4.63 34.32 -13.90
C VAL A 535 5.11 33.15 -14.78
N ALA A 536 4.97 31.93 -14.27
CA ALA A 536 5.65 30.77 -14.88
C ALA A 536 4.97 30.35 -16.18
N GLU A 537 5.76 30.21 -17.24
CA GLU A 537 5.20 29.94 -18.58
C GLU A 537 5.89 28.73 -19.17
N SER A 538 5.18 28.05 -20.05
CA SER A 538 5.75 26.87 -20.64
C SER A 538 5.94 27.07 -22.17
N VAL A 539 7.16 26.87 -22.68
CA VAL A 539 7.39 26.89 -24.15
C VAL A 539 6.79 25.62 -24.82
N PHE A 540 6.85 24.49 -24.10
CA PHE A 540 6.15 23.31 -24.58
C PHE A 540 4.63 23.49 -24.84
N ILE A 541 3.87 23.96 -23.87
CA ILE A 541 2.41 24.19 -24.11
C ILE A 541 2.26 25.14 -25.31
N ALA A 542 3.16 26.12 -25.42
CA ALA A 542 3.06 27.09 -26.51
C ALA A 542 3.11 26.33 -27.83
N ALA A 543 4.11 25.49 -28.00
CA ALA A 543 4.23 24.65 -29.18
C ALA A 543 3.02 23.74 -29.34
N GLN A 544 2.57 23.13 -28.25
CA GLN A 544 1.41 22.22 -28.28
C GLN A 544 0.20 22.97 -28.82
N PHE A 545 0.04 24.19 -28.32
CA PHE A 545 -1.03 25.07 -28.72
C PHE A 545 -0.98 25.39 -30.21
N VAL A 546 0.20 25.68 -30.73
CA VAL A 546 0.28 25.98 -32.14
C VAL A 546 -0.11 24.75 -32.97
N LEU A 547 0.43 23.59 -32.60
CA LEU A 547 0.10 22.35 -33.26
C LEU A 547 -1.41 22.04 -33.19
N TYR A 548 -1.97 21.98 -32.00
CA TYR A 548 -3.36 21.56 -31.92
C TYR A 548 -4.39 22.68 -32.02
N GLY A 549 -3.92 23.91 -31.85
CA GLY A 549 -4.78 25.08 -32.08
C GLY A 549 -5.12 25.14 -33.55
N ALA A 550 -4.10 24.86 -34.36
CA ALA A 550 -4.29 24.71 -35.81
C ALA A 550 -5.36 23.69 -36.16
N GLU A 551 -5.33 22.49 -35.55
CA GLU A 551 -6.39 21.49 -35.79
C GLU A 551 -7.74 21.99 -35.32
N TYR A 552 -7.76 22.65 -34.17
CA TYR A 552 -9.02 23.21 -33.67
C TYR A 552 -9.64 24.19 -34.70
N ALA A 553 -8.78 25.09 -35.21
CA ALA A 553 -9.19 26.07 -36.21
C ALA A 553 -9.79 25.35 -37.42
N THR A 554 -9.12 24.29 -37.89
CA THR A 554 -9.68 23.46 -38.98
C THR A 554 -11.08 22.90 -38.65
N LEU A 555 -11.28 22.36 -37.45
CA LEU A 555 -12.60 21.80 -37.15
C LEU A 555 -13.70 22.87 -37.07
N ALA A 556 -13.36 24.07 -36.56
CA ALA A 556 -14.28 25.20 -36.51
C ALA A 556 -14.68 25.61 -37.91
N GLU A 557 -13.69 25.75 -38.80
CA GLU A 557 -13.99 26.03 -40.20
C GLU A 557 -14.96 25.02 -40.85
N ARG A 558 -14.67 23.73 -40.70
CA ARG A 558 -15.57 22.67 -41.19
C ARG A 558 -16.92 22.64 -40.44
N ARG A 559 -17.01 23.19 -39.21
CA ARG A 559 -18.30 23.18 -38.52
C ARG A 559 -19.17 24.34 -39.01
N GLY A 560 -18.63 25.18 -39.91
CA GLY A 560 -19.34 26.30 -40.47
C GLY A 560 -19.13 27.52 -39.61
N LEU A 561 -18.06 27.51 -38.80
CA LEU A 561 -17.85 28.55 -37.77
C LEU A 561 -16.76 29.54 -38.18
N ALA A 562 -17.06 30.34 -39.20
CA ALA A 562 -16.05 31.15 -39.86
C ALA A 562 -15.26 32.12 -38.94
N ASP A 563 -15.99 32.77 -38.04
CA ASP A 563 -15.39 33.78 -37.15
C ASP A 563 -14.61 33.14 -36.04
N VAL A 564 -15.11 31.98 -35.61
CA VAL A 564 -14.43 31.24 -34.56
C VAL A 564 -13.09 30.75 -35.14
N ALA A 565 -13.14 30.23 -36.37
CA ALA A 565 -11.93 29.78 -37.06
C ALA A 565 -10.90 30.90 -37.27
N THR A 566 -11.35 32.06 -37.76
CA THR A 566 -10.47 33.26 -38.00
C THR A 566 -9.80 33.69 -36.68
N GLU A 567 -10.65 33.89 -35.67
CA GLU A 567 -10.19 34.20 -34.35
C GLU A 567 -9.16 33.17 -33.83
N ALA A 568 -9.42 31.88 -34.04
CA ALA A 568 -8.53 30.82 -33.58
C ALA A 568 -7.18 30.87 -34.26
N ARG A 569 -7.18 31.14 -35.59
CA ARG A 569 -5.93 31.27 -36.36
C ARG A 569 -5.12 32.47 -35.91
N LYS A 570 -5.78 33.53 -35.46
CA LYS A 570 -5.05 34.70 -35.04
C LYS A 570 -4.27 34.40 -33.73
N TYR A 571 -4.93 33.67 -32.82
CA TYR A 571 -4.27 33.27 -31.57
C TYR A 571 -3.02 32.38 -31.76
N VAL A 572 -3.15 31.39 -32.64
CA VAL A 572 -2.11 30.43 -33.02
C VAL A 572 -0.92 31.23 -33.56
N ASP A 573 -1.21 32.15 -34.48
CA ASP A 573 -0.19 33.11 -35.00
C ASP A 573 0.52 33.96 -33.89
N GLU A 574 -0.23 34.39 -32.88
CA GLU A 574 0.32 35.11 -31.75
C GLU A 574 1.27 34.23 -30.97
N VAL A 575 0.82 33.01 -30.66
CA VAL A 575 1.60 32.15 -29.81
C VAL A 575 2.83 31.66 -30.56
N ARG A 576 2.68 31.33 -31.84
CA ARG A 576 3.80 30.97 -32.67
C ARG A 576 4.83 32.06 -32.66
N ALA A 577 4.36 33.31 -32.80
CA ALA A 577 5.27 34.50 -32.82
C ALA A 577 6.00 34.65 -31.47
N ALA A 578 5.25 34.42 -30.40
CA ALA A 578 5.81 34.51 -29.06
C ALA A 578 6.90 33.45 -28.81
N VAL A 579 6.74 32.27 -29.43
CA VAL A 579 7.78 31.23 -29.29
C VAL A 579 9.05 31.74 -29.94
N LEU A 580 8.89 32.39 -31.07
CA LEU A 580 10.04 32.92 -31.79
C LEU A 580 10.60 34.20 -31.15
N GLU A 581 9.75 35.11 -30.72
CA GLU A 581 10.26 36.29 -30.01
C GLU A 581 10.86 36.00 -28.60
N HIS A 582 10.21 35.12 -27.81
CA HIS A 582 10.57 34.92 -26.40
C HIS A 582 10.96 33.50 -25.97
N GLY A 583 10.85 32.54 -26.89
CA GLY A 583 11.13 31.18 -26.52
C GLY A 583 12.32 30.60 -27.21
N TRP A 584 13.22 31.46 -27.67
CA TRP A 584 14.40 31.02 -28.40
C TRP A 584 15.66 31.39 -27.62
N ASP A 585 16.57 30.44 -27.38
CA ASP A 585 17.79 30.69 -26.63
C ASP A 585 19.05 31.07 -27.46
N GLY A 586 19.01 30.84 -28.76
CA GLY A 586 20.14 31.11 -29.64
C GLY A 586 20.50 29.93 -30.50
N GLN A 587 20.70 28.77 -29.89
CA GLN A 587 20.96 27.53 -30.62
C GLN A 587 19.89 26.48 -30.36
N TRP A 588 18.95 26.80 -29.47
CA TRP A 588 17.81 25.90 -29.20
C TRP A 588 16.62 26.63 -28.62
N PHE A 589 15.47 25.99 -28.55
CA PHE A 589 14.31 26.64 -27.89
C PHE A 589 14.42 26.60 -26.36
N LEU A 590 13.91 27.65 -25.73
CA LEU A 590 13.86 27.75 -24.29
C LEU A 590 12.85 26.73 -23.81
N ARG A 591 12.98 26.30 -22.56
CA ARG A 591 12.01 25.37 -21.92
C ARG A 591 10.79 26.03 -21.26
N ALA A 592 11.01 27.15 -20.56
CA ALA A 592 10.04 27.83 -19.71
C ALA A 592 10.57 29.17 -19.09
N TYR A 593 9.65 29.90 -18.48
CA TYR A 593 10.03 30.97 -17.55
C TYR A 593 9.55 30.52 -16.19
N ASP A 594 10.39 30.67 -15.16
CA ASP A 594 10.05 30.14 -13.84
C ASP A 594 9.09 31.07 -13.16
N TYR A 595 8.76 30.78 -11.92
CA TYR A 595 7.86 31.63 -11.11
C TYR A 595 8.31 33.11 -11.09
N TYR A 596 9.61 33.32 -11.20
CA TYR A 596 10.15 34.65 -11.05
C TYR A 596 10.23 35.36 -12.40
N GLY A 597 9.99 34.66 -13.50
CA GLY A 597 10.19 35.28 -14.81
C GLY A 597 11.56 35.03 -15.39
N ASN A 598 12.36 34.16 -14.74
CA ASN A 598 13.68 33.84 -15.30
C ASN A 598 13.60 32.64 -16.25
N PRO A 599 14.48 32.65 -17.28
CA PRO A 599 14.42 31.55 -18.26
C PRO A 599 14.95 30.21 -17.72
N VAL A 600 14.25 29.13 -18.14
CA VAL A 600 14.60 27.75 -17.88
C VAL A 600 14.98 27.11 -19.21
N GLY A 601 16.08 26.34 -19.21
CA GLY A 601 16.52 25.67 -20.39
C GLY A 601 17.31 26.63 -21.27
N THR A 602 18.19 27.44 -20.64
CA THR A 602 19.08 28.36 -21.34
C THR A 602 20.56 28.01 -21.21
N ASP A 603 21.35 28.42 -22.20
CA ASP A 603 22.80 28.20 -22.12
C ASP A 603 23.43 29.05 -21.00
N ALA A 604 22.68 30.02 -20.48
CA ALA A 604 23.21 30.91 -19.41
C ALA A 604 23.29 30.25 -18.01
N LYS A 605 22.63 29.08 -17.85
CA LYS A 605 22.61 28.34 -16.57
C LYS A 605 23.55 27.18 -16.78
N PRO A 606 24.14 26.68 -15.69
CA PRO A 606 25.12 25.59 -15.76
C PRO A 606 24.49 24.21 -16.02
N GLU A 607 23.27 24.00 -15.54
CA GLU A 607 22.68 22.69 -15.69
C GLU A 607 21.31 22.91 -16.28
N GLY A 608 20.81 21.90 -16.99
CA GLY A 608 19.49 22.02 -17.60
C GLY A 608 19.54 23.02 -18.73
N LYS A 609 20.64 23.04 -19.47
CA LYS A 609 20.85 24.04 -20.49
C LYS A 609 19.87 23.89 -21.65
N ILE A 610 19.71 22.65 -22.15
CA ILE A 610 18.82 22.32 -23.26
C ILE A 610 17.83 21.18 -22.88
N TRP A 611 16.54 21.46 -23.03
CA TRP A 611 15.54 20.43 -22.79
C TRP A 611 14.94 19.98 -24.10
N ILE A 612 14.71 18.65 -24.22
CA ILE A 612 14.26 18.02 -25.46
C ILE A 612 12.82 18.42 -25.91
N GLU A 613 11.89 18.56 -24.97
CA GLU A 613 10.48 18.60 -25.33
C GLU A 613 10.11 19.70 -26.30
N PRO A 614 10.48 20.98 -26.02
CA PRO A 614 10.09 22.02 -26.95
C PRO A 614 10.82 21.94 -28.28
N GLN A 615 11.98 21.29 -28.34
CA GLN A 615 12.68 21.08 -29.59
C GLN A 615 11.84 20.20 -30.54
N GLY A 616 11.35 19.05 -30.06
CA GLY A 616 10.64 18.18 -30.97
C GLY A 616 9.33 18.84 -31.30
N PHE A 617 8.62 19.30 -30.27
CA PHE A 617 7.24 19.73 -30.44
C PHE A 617 7.11 21.08 -31.18
N ALA A 618 8.05 22.01 -30.97
CA ALA A 618 8.00 23.26 -31.75
C ALA A 618 8.29 22.95 -33.20
N VAL A 619 9.34 22.16 -33.48
CA VAL A 619 9.60 21.79 -34.84
C VAL A 619 8.43 21.06 -35.54
N MET A 620 7.75 20.14 -34.83
CA MET A 620 6.52 19.47 -35.37
C MET A 620 5.43 20.47 -35.68
N ALA A 621 5.39 21.55 -34.92
CA ALA A 621 4.38 22.61 -35.14
C ALA A 621 4.88 23.50 -36.30
N GLY A 622 6.02 23.14 -36.90
CA GLY A 622 6.56 23.91 -37.99
C GLY A 622 7.26 25.24 -37.61
N ILE A 623 7.50 25.48 -36.32
CA ILE A 623 8.12 26.72 -35.84
C ILE A 623 9.61 26.76 -36.15
N GLY A 624 10.08 27.80 -36.86
CA GLY A 624 11.50 27.95 -37.24
C GLY A 624 12.07 27.04 -38.34
N VAL A 625 11.18 26.42 -39.10
CA VAL A 625 11.55 25.58 -40.26
C VAL A 625 11.87 26.49 -41.45
N GLY A 626 13.01 26.27 -42.09
CA GLY A 626 13.45 27.14 -43.21
C GLY A 626 13.35 26.51 -44.59
N GLU A 627 14.41 26.68 -45.39
CA GLU A 627 14.38 26.34 -46.81
C GLU A 627 14.39 24.87 -47.04
N GLY A 628 15.27 24.17 -46.32
CA GLY A 628 15.36 22.71 -46.35
C GLY A 628 16.40 22.29 -45.32
N PRO A 629 16.73 20.97 -45.27
CA PRO A 629 17.65 20.32 -44.32
C PRO A 629 19.10 20.85 -44.28
N ASP A 630 19.54 21.47 -45.38
CA ASP A 630 20.86 22.09 -45.46
C ASP A 630 20.88 23.59 -45.02
N ASP A 631 19.72 24.11 -44.63
CA ASP A 631 19.58 25.51 -44.21
C ASP A 631 19.99 25.64 -42.73
N ALA A 632 21.31 25.64 -42.54
CA ALA A 632 21.93 25.72 -41.23
C ALA A 632 21.55 26.97 -40.42
N ASP A 633 20.76 27.85 -41.02
CA ASP A 633 20.33 29.08 -40.37
C ASP A 633 18.95 28.97 -39.72
N ALA A 634 18.14 28.04 -40.20
CA ALA A 634 16.79 27.85 -39.67
C ALA A 634 16.88 27.40 -38.19
N PRO A 635 16.11 28.03 -37.33
CA PRO A 635 16.16 27.72 -35.89
C PRO A 635 15.87 26.21 -35.61
N ALA A 636 14.92 25.64 -36.37
CA ALA A 636 14.55 24.23 -36.27
C ALA A 636 15.78 23.37 -36.49
N VAL A 637 16.62 23.70 -37.46
CA VAL A 637 17.82 22.88 -37.72
C VAL A 637 18.81 23.05 -36.60
N LYS A 638 18.94 24.29 -36.14
CA LYS A 638 19.89 24.59 -35.10
C LYS A 638 19.44 23.84 -33.87
N ALA A 639 18.14 23.91 -33.56
CA ALA A 639 17.59 23.21 -32.37
C ALA A 639 17.87 21.69 -32.44
N LEU A 640 17.59 21.08 -33.58
CA LEU A 640 17.78 19.64 -33.76
C LEU A 640 19.26 19.24 -33.79
N ASP A 641 20.14 20.11 -34.32
CA ASP A 641 21.57 19.84 -34.18
C ASP A 641 21.98 19.90 -32.73
N SER A 642 21.50 20.89 -31.97
CA SER A 642 21.88 20.91 -30.54
C SER A 642 21.29 19.66 -29.84
N VAL A 643 20.13 19.17 -30.28
CA VAL A 643 19.59 17.90 -29.69
C VAL A 643 20.51 16.73 -30.02
N ASN A 644 21.02 16.68 -31.25
CA ASN A 644 21.89 15.57 -31.60
C ASN A 644 23.13 15.54 -30.72
N GLU A 645 23.77 16.70 -30.63
CA GLU A 645 25.07 16.87 -30.02
C GLU A 645 25.02 16.80 -28.48
N MET A 646 24.01 17.39 -27.88
CA MET A 646 23.98 17.52 -26.42
C MET A 646 23.20 16.44 -25.67
N LEU A 647 22.21 15.85 -26.37
CA LEU A 647 21.23 14.92 -25.81
C LEU A 647 21.45 13.50 -26.33
N GLY A 648 22.25 13.34 -27.40
CA GLY A 648 22.35 12.01 -28.06
C GLY A 648 23.19 11.01 -27.28
N THR A 649 22.66 9.80 -27.11
CA THR A 649 23.42 8.67 -26.65
C THR A 649 23.09 7.51 -27.58
N PRO A 650 23.88 6.42 -27.52
CA PRO A 650 23.62 5.21 -28.30
C PRO A 650 22.24 4.61 -27.96
N HIS A 651 21.68 4.94 -26.78
CA HIS A 651 20.37 4.42 -26.27
C HIS A 651 19.15 5.28 -26.53
N GLY A 652 19.37 6.42 -27.18
CA GLY A 652 18.30 7.39 -27.35
C GLY A 652 18.70 8.78 -26.90
N LEU A 653 17.72 9.69 -26.83
CA LEU A 653 17.94 11.07 -26.46
C LEU A 653 17.46 11.40 -25.00
N VAL A 654 18.39 11.93 -24.21
CA VAL A 654 18.11 12.23 -22.79
C VAL A 654 17.23 13.49 -22.73
N LEU A 655 16.49 13.67 -21.63
CA LEU A 655 15.46 14.73 -21.58
C LEU A 655 16.11 16.14 -21.56
N GLN A 656 17.13 16.30 -20.73
CA GLN A 656 17.85 17.57 -20.65
C GLN A 656 19.34 17.30 -20.31
N TYR A 657 20.16 18.33 -20.55
CA TYR A 657 21.57 18.23 -20.32
C TYR A 657 22.12 19.58 -19.95
N PRO A 658 23.04 19.62 -18.98
CA PRO A 658 23.36 18.52 -18.08
C PRO A 658 22.20 18.25 -17.16
N ALA A 659 22.13 17.06 -16.58
CA ALA A 659 21.18 16.80 -15.50
C ALA A 659 21.55 17.61 -14.24
N TYR A 660 20.54 17.92 -13.39
CA TYR A 660 20.74 18.69 -12.18
C TYR A 660 21.41 17.86 -11.13
N THR A 661 22.52 18.37 -10.59
CA THR A 661 23.25 17.71 -9.53
C THR A 661 22.84 18.16 -8.12
N THR A 662 22.09 19.26 -8.02
CA THR A 662 21.58 19.65 -6.68
C THR A 662 20.10 20.03 -6.76
N TYR A 663 19.41 19.93 -5.62
CA TYR A 663 18.01 20.28 -5.58
C TYR A 663 17.77 21.72 -5.96
N GLN A 664 16.96 21.94 -7.00
CA GLN A 664 16.57 23.28 -7.44
C GLN A 664 15.13 23.53 -7.04
N ILE A 665 14.94 24.38 -6.02
CA ILE A 665 13.66 24.42 -5.33
C ILE A 665 12.59 25.01 -6.21
N GLU A 666 12.98 25.93 -7.09
CA GLU A 666 12.05 26.58 -7.99
C GLU A 666 11.59 25.64 -9.11
N LEU A 667 12.21 24.48 -9.26
CA LEU A 667 11.81 23.66 -10.42
C LEU A 667 10.99 22.39 -10.13
N GLY A 668 10.84 22.02 -8.86
CA GLY A 668 9.95 20.98 -8.42
C GLY A 668 10.58 19.62 -8.40
N GLU A 669 9.87 18.62 -8.89
CA GLU A 669 10.32 17.26 -8.70
C GLU A 669 11.58 16.96 -9.47
N VAL A 670 11.83 17.70 -10.57
CA VAL A 670 12.80 17.31 -11.59
C VAL A 670 14.17 16.97 -11.04
N SER A 671 14.75 17.92 -10.30
CA SER A 671 16.07 17.73 -9.74
C SER A 671 16.11 16.81 -8.53
N THR A 672 14.99 16.20 -8.16
CA THR A 672 15.06 15.24 -7.02
C THR A 672 15.53 13.87 -7.48
N TYR A 673 15.45 13.56 -8.78
CA TYR A 673 16.06 12.33 -9.29
C TYR A 673 17.58 12.42 -9.42
N PRO A 674 18.30 11.36 -9.00
CA PRO A 674 19.74 11.31 -9.29
C PRO A 674 19.93 11.44 -10.81
N PRO A 675 21.01 12.10 -11.26
CA PRO A 675 21.20 12.42 -12.69
C PRO A 675 21.17 11.20 -13.55
N GLY A 676 20.51 11.29 -14.70
CA GLY A 676 20.50 10.15 -15.63
C GLY A 676 19.25 9.27 -15.50
N TYR A 677 18.35 9.54 -14.53
CA TYR A 677 17.15 8.76 -14.35
C TYR A 677 15.88 9.59 -14.48
N LYS A 678 14.86 8.99 -15.08
CA LYS A 678 13.55 9.59 -15.16
C LYS A 678 13.66 10.98 -15.75
N GLU A 679 12.98 11.94 -15.15
CA GLU A 679 12.88 13.26 -15.79
C GLU A 679 14.16 14.11 -15.59
N ASN A 680 15.10 13.61 -14.80
CA ASN A 680 16.39 14.28 -14.65
C ASN A 680 17.46 13.56 -15.46
N GLY A 681 17.41 13.68 -16.79
CA GLY A 681 18.52 13.19 -17.65
C GLY A 681 18.36 11.72 -18.08
N GLY A 682 17.15 11.19 -17.88
CA GLY A 682 16.89 9.84 -18.30
C GLY A 682 16.47 10.02 -19.75
N ILE A 683 16.56 8.97 -20.53
CA ILE A 683 15.92 8.97 -21.82
C ILE A 683 14.47 8.67 -21.53
N PHE A 684 13.63 9.69 -21.66
CA PHE A 684 12.22 9.49 -21.48
C PHE A 684 11.68 9.23 -22.87
N CYS A 685 11.47 7.97 -23.18
CA CYS A 685 11.37 7.53 -24.56
C CYS A 685 10.17 8.14 -25.26
N HIS A 686 9.14 8.44 -24.47
CA HIS A 686 7.86 9.00 -24.98
C HIS A 686 8.16 10.26 -25.83
N ASN A 687 9.07 11.12 -25.38
CA ASN A 687 9.42 12.30 -26.20
C ASN A 687 10.44 12.12 -27.38
N ASN A 688 11.06 10.94 -27.48
CA ASN A 688 11.95 10.67 -28.61
C ASN A 688 11.24 10.74 -30.02
N PRO A 689 10.01 10.10 -30.15
CA PRO A 689 9.24 10.26 -31.43
C PRO A 689 8.96 11.72 -31.85
N TRP A 690 8.96 12.66 -30.90
CA TRP A 690 8.76 14.05 -31.27
C TRP A 690 9.95 14.63 -32.10
N VAL A 691 11.16 14.27 -31.66
CA VAL A 691 12.37 14.57 -32.39
C VAL A 691 12.44 13.77 -33.71
N ILE A 692 11.99 12.53 -33.69
CA ILE A 692 11.92 11.73 -34.91
C ILE A 692 11.04 12.43 -35.94
N ILE A 693 9.83 12.79 -35.52
CA ILE A 693 8.87 13.47 -36.37
C ILE A 693 9.44 14.80 -36.82
N ALA A 694 9.91 15.61 -35.87
CA ALA A 694 10.59 16.88 -36.25
C ALA A 694 11.61 16.65 -37.36
N GLU A 695 12.47 15.61 -37.24
CA GLU A 695 13.56 15.42 -38.19
C GLU A 695 13.01 15.15 -39.62
N THR A 696 11.88 14.44 -39.72
CA THR A 696 11.25 14.19 -40.97
C THR A 696 10.67 15.49 -41.47
N VAL A 697 10.22 16.36 -40.57
CA VAL A 697 9.66 17.63 -41.02
C VAL A 697 10.70 18.48 -41.77
N VAL A 698 11.91 18.54 -41.26
CA VAL A 698 12.94 19.35 -41.87
C VAL A 698 13.66 18.58 -42.97
N GLY A 699 13.35 17.29 -43.15
CA GLY A 699 13.82 16.53 -44.27
C GLY A 699 15.07 15.74 -44.00
N ARG A 700 15.25 15.25 -42.78
CA ARG A 700 16.43 14.45 -42.47
C ARG A 700 16.00 13.08 -42.01
N GLY A 701 15.43 12.39 -42.96
CA GLY A 701 14.96 11.03 -42.80
C GLY A 701 15.97 10.06 -42.24
N ALA A 702 17.23 10.16 -42.67
CA ALA A 702 18.28 9.26 -42.20
C ALA A 702 18.45 9.37 -40.66
N GLN A 703 18.51 10.59 -40.19
CA GLN A 703 18.71 10.78 -38.75
C GLN A 703 17.45 10.45 -37.94
N ALA A 704 16.27 10.73 -38.50
CA ALA A 704 15.01 10.36 -37.90
C ALA A 704 14.95 8.82 -37.70
N PHE A 705 15.34 8.07 -38.75
CA PHE A 705 15.31 6.59 -38.68
C PHE A 705 16.37 6.10 -37.68
N ASP A 706 17.47 6.83 -37.59
CA ASP A 706 18.52 6.47 -36.64
C ASP A 706 17.93 6.57 -35.22
N TYR A 707 17.28 7.67 -34.91
CA TYR A 707 16.66 7.86 -33.63
C TYR A 707 15.62 6.78 -33.28
N TYR A 708 14.77 6.45 -34.25
CA TYR A 708 13.82 5.32 -34.20
C TYR A 708 14.47 4.02 -33.76
N LYS A 709 15.58 3.66 -34.40
CA LYS A 709 16.29 2.45 -34.11
C LYS A 709 16.88 2.39 -32.71
N ARG A 710 17.36 3.54 -32.21
CA ARG A 710 18.08 3.54 -30.96
C ARG A 710 17.22 3.04 -29.77
N ILE A 711 15.92 3.28 -29.81
CA ILE A 711 15.03 2.97 -28.72
C ILE A 711 14.04 1.85 -29.03
N THR A 712 14.06 1.32 -30.25
CA THR A 712 13.04 0.36 -30.70
C THR A 712 13.38 -1.10 -30.31
N PRO A 713 12.41 -1.82 -29.68
CA PRO A 713 12.69 -3.15 -29.13
C PRO A 713 13.43 -4.10 -30.09
N ALA A 714 12.90 -4.34 -31.30
CA ALA A 714 13.55 -5.25 -32.26
C ALA A 714 15.07 -4.99 -32.47
N TYR A 715 15.50 -3.72 -32.40
CA TYR A 715 16.92 -3.36 -32.65
C TYR A 715 17.75 -3.44 -31.39
N ARG A 716 17.04 -3.44 -30.25
CA ARG A 716 17.74 -3.52 -28.98
C ARG A 716 17.78 -4.93 -28.38
N GLU A 717 17.11 -5.87 -29.04
CA GLU A 717 17.08 -7.29 -28.61
C GLU A 717 18.48 -7.85 -28.40
N ASP A 718 19.42 -7.44 -29.26
CA ASP A 718 20.79 -7.95 -29.21
C ASP A 718 21.58 -7.37 -28.01
N ILE A 719 20.99 -6.40 -27.31
CA ILE A 719 21.56 -5.99 -26.02
C ILE A 719 20.60 -6.25 -24.87
N SER A 720 19.94 -7.42 -24.85
CA SER A 720 18.94 -7.74 -23.82
C SER A 720 19.54 -7.66 -22.42
N ASP A 721 20.84 -7.91 -22.25
CA ASP A 721 21.44 -7.81 -20.91
C ASP A 721 21.70 -6.38 -20.41
N THR A 722 21.68 -5.41 -21.32
CA THR A 722 21.79 -4.03 -20.95
C THR A 722 20.38 -3.50 -20.79
N HIS A 723 19.52 -3.72 -21.78
CA HIS A 723 18.17 -3.17 -21.62
C HIS A 723 17.44 -3.85 -20.43
N LYS A 724 17.69 -5.15 -20.17
CA LYS A 724 17.12 -5.88 -19.01
C LYS A 724 15.66 -6.27 -19.13
N LEU A 725 14.85 -5.37 -19.65
CA LEU A 725 13.41 -5.53 -19.64
C LEU A 725 12.95 -6.19 -20.96
N GLU A 726 11.64 -6.31 -21.16
CA GLU A 726 11.12 -7.06 -22.31
C GLU A 726 11.77 -6.55 -23.62
N PRO A 727 12.30 -7.47 -24.46
CA PRO A 727 12.87 -7.07 -25.75
C PRO A 727 11.85 -6.89 -26.87
N TYR A 728 10.55 -6.97 -26.57
CA TYR A 728 9.49 -6.90 -27.62
C TYR A 728 8.51 -5.72 -27.38
N VAL A 729 8.72 -4.93 -26.31
CA VAL A 729 7.91 -3.75 -26.05
C VAL A 729 8.77 -2.57 -25.58
N TYR A 730 8.30 -1.36 -25.88
CA TYR A 730 8.87 -0.16 -25.35
C TYR A 730 8.71 0.00 -23.82
N ALA A 731 9.66 0.70 -23.25
CA ALA A 731 9.68 1.07 -21.85
C ALA A 731 9.58 2.60 -21.79
N GLN A 732 9.16 3.11 -20.64
CA GLN A 732 9.05 4.53 -20.40
C GLN A 732 10.45 5.20 -20.40
N MET A 733 11.39 4.53 -19.75
CA MET A 733 12.58 5.20 -19.23
C MET A 733 13.74 4.28 -19.50
N ILE A 734 14.73 4.78 -20.24
CA ILE A 734 16.03 4.11 -20.34
C ILE A 734 17.09 5.01 -19.68
N ALA A 735 17.86 4.51 -18.70
CA ALA A 735 18.81 5.37 -17.95
C ALA A 735 19.71 6.13 -18.93
N GLY A 736 20.05 7.36 -18.59
CA GLY A 736 20.78 8.24 -19.55
C GLY A 736 22.30 8.19 -19.44
N LYS A 737 22.98 8.98 -20.28
CA LYS A 737 24.46 9.02 -20.24
C LYS A 737 25.01 9.43 -18.87
N GLU A 738 24.24 10.14 -18.05
CA GLU A 738 24.81 10.51 -16.74
C GLU A 738 24.50 9.49 -15.63
N ALA A 739 23.86 8.38 -15.98
CA ALA A 739 23.59 7.31 -15.03
C ALA A 739 24.69 6.24 -15.00
N VAL A 740 25.01 5.74 -13.80
CA VAL A 740 25.86 4.54 -13.69
C VAL A 740 25.27 3.39 -14.49
N ARG A 741 23.93 3.36 -14.58
CA ARG A 741 23.20 2.29 -15.21
C ARG A 741 22.78 2.62 -16.65
N ALA A 742 23.45 3.60 -17.25
CA ALA A 742 23.19 4.04 -18.60
C ALA A 742 22.73 2.87 -19.46
N GLY A 743 21.52 2.96 -20.07
CA GLY A 743 21.04 1.95 -21.05
C GLY A 743 20.10 0.85 -20.47
N GLU A 744 19.97 0.83 -19.14
CA GLU A 744 18.99 -0.08 -18.42
C GLU A 744 17.58 0.52 -18.32
N ALA A 745 16.57 -0.24 -18.70
CA ALA A 745 15.25 0.35 -18.78
C ALA A 745 14.49 0.13 -17.47
N LYS A 746 13.47 0.95 -17.21
CA LYS A 746 12.54 0.73 -16.10
C LYS A 746 11.14 1.02 -16.67
N ASN A 747 10.09 0.44 -16.12
CA ASN A 747 8.74 0.87 -16.52
C ASN A 747 8.41 0.47 -17.99
N SER A 748 8.58 -0.83 -18.28
CA SER A 748 8.20 -1.41 -19.56
C SER A 748 6.69 -1.42 -19.71
N TRP A 749 6.28 -1.58 -20.98
CA TRP A 749 4.89 -1.85 -21.39
C TRP A 749 3.98 -0.61 -21.38
N LEU A 750 3.80 0.03 -20.22
CA LEU A 750 2.80 1.13 -20.09
C LEU A 750 3.47 2.50 -20.26
N THR A 751 3.42 2.97 -21.49
CA THR A 751 4.13 4.15 -21.90
C THR A 751 3.54 4.70 -23.21
N GLY A 752 3.47 6.03 -23.32
CA GLY A 752 2.97 6.67 -24.55
C GLY A 752 3.96 6.53 -25.66
N THR A 753 5.16 6.06 -25.34
CA THR A 753 6.22 5.70 -26.33
C THR A 753 5.67 4.80 -27.42
N ALA A 754 4.74 3.91 -27.06
CA ALA A 754 4.26 2.96 -28.02
C ALA A 754 3.43 3.68 -29.11
N ALA A 755 2.41 4.40 -28.67
CA ALA A 755 1.53 5.08 -29.58
C ALA A 755 2.33 6.14 -30.38
N TRP A 756 3.14 6.96 -29.68
CA TRP A 756 4.00 7.95 -30.39
C TRP A 756 4.99 7.31 -31.40
N ASN A 757 5.62 6.18 -31.07
CA ASN A 757 6.53 5.61 -32.08
C ASN A 757 5.72 5.03 -33.21
N PHE A 758 4.51 4.57 -32.91
CA PHE A 758 3.71 4.01 -33.98
C PHE A 758 3.31 5.16 -34.87
N VAL A 759 2.85 6.26 -34.29
CA VAL A 759 2.65 7.46 -35.12
C VAL A 759 3.93 7.80 -35.91
N ALA A 760 5.09 7.88 -35.26
CA ALA A 760 6.33 8.22 -35.95
C ALA A 760 6.66 7.31 -37.17
N VAL A 761 6.65 6.00 -36.99
CA VAL A 761 7.12 5.13 -38.06
C VAL A 761 6.02 4.90 -39.09
N SER A 762 4.77 4.79 -38.65
CA SER A 762 3.73 4.43 -39.60
C SER A 762 3.39 5.61 -40.46
N GLN A 763 3.41 6.81 -39.85
CA GLN A 763 2.90 7.99 -40.49
C GLN A 763 3.95 8.95 -41.01
N TYR A 764 5.13 9.03 -40.38
CA TYR A 764 6.12 10.03 -40.78
C TYR A 764 7.37 9.47 -41.43
N LEU A 765 7.80 8.29 -40.97
CA LEU A 765 9.00 7.63 -41.49
C LEU A 765 8.61 6.92 -42.79
N LEU A 766 7.76 5.88 -42.61
CA LEU A 766 7.12 5.24 -43.74
C LEU A 766 6.21 6.20 -44.48
N GLY A 767 5.63 7.16 -43.78
CA GLY A 767 4.96 8.29 -44.46
C GLY A 767 3.50 8.20 -44.83
N VAL A 768 2.80 7.22 -44.27
CA VAL A 768 1.44 7.03 -44.68
C VAL A 768 0.52 7.51 -43.57
N ARG A 769 -0.11 8.67 -43.74
CA ARG A 769 -0.94 9.21 -42.67
C ARG A 769 -2.25 9.80 -43.17
N PRO A 770 -3.34 9.43 -42.51
CA PRO A 770 -4.65 10.00 -42.87
C PRO A 770 -4.70 11.50 -42.58
N ASP A 771 -5.30 12.23 -43.51
CA ASP A 771 -5.70 13.65 -43.36
C ASP A 771 -7.25 13.72 -43.42
N TYR A 772 -7.85 14.91 -43.38
CA TYR A 772 -9.34 14.94 -43.37
C TYR A 772 -9.97 14.44 -44.66
N ASP A 773 -9.35 14.77 -45.81
CA ASP A 773 -9.95 14.50 -47.13
C ASP A 773 -9.13 13.59 -48.04
N GLY A 774 -7.92 13.24 -47.64
CA GLY A 774 -7.21 12.19 -48.36
C GLY A 774 -6.13 11.59 -47.52
N LEU A 775 -5.36 10.67 -48.11
CA LEU A 775 -4.37 9.91 -47.40
C LEU A 775 -3.06 10.43 -47.87
N VAL A 776 -2.28 11.00 -46.96
CA VAL A 776 -1.01 11.63 -47.33
C VAL A 776 0.02 10.51 -47.41
N VAL A 777 0.88 10.58 -48.44
CA VAL A 777 1.96 9.60 -48.65
C VAL A 777 3.27 10.37 -48.84
N ASP A 778 4.06 10.37 -47.78
CA ASP A 778 5.17 11.31 -47.66
C ASP A 778 6.31 10.68 -46.86
N PRO A 779 6.94 9.64 -47.45
CA PRO A 779 8.10 8.93 -46.88
C PRO A 779 9.28 9.86 -46.55
N GLN A 780 9.93 9.61 -45.41
CA GLN A 780 11.14 10.33 -45.00
C GLN A 780 11.90 9.46 -44.00
N ILE A 781 12.58 8.44 -44.51
CA ILE A 781 13.12 7.36 -43.70
C ILE A 781 14.60 7.18 -44.03
N GLY A 782 15.07 7.83 -45.10
CA GLY A 782 16.48 7.77 -45.46
C GLY A 782 16.84 6.52 -46.23
N PRO A 783 18.15 6.35 -46.55
CA PRO A 783 18.60 5.26 -47.44
C PRO A 783 18.59 3.80 -46.90
N ASP A 784 18.41 3.57 -45.60
CA ASP A 784 18.51 2.21 -45.02
C ASP A 784 17.31 1.32 -45.37
N VAL A 785 16.21 1.93 -45.87
CA VAL A 785 15.00 1.22 -46.30
C VAL A 785 14.72 1.67 -47.73
N PRO A 786 15.43 1.06 -48.70
CA PRO A 786 15.34 1.65 -50.06
C PRO A 786 14.09 1.26 -50.82
N SER A 787 13.40 0.20 -50.38
CA SER A 787 12.11 -0.21 -51.00
C SER A 787 11.16 -0.94 -50.05
N TYR A 788 9.87 -0.67 -50.17
CA TYR A 788 8.91 -1.28 -49.29
C TYR A 788 7.52 -1.01 -49.77
N THR A 789 6.56 -1.80 -49.28
CA THR A 789 5.18 -1.62 -49.70
C THR A 789 4.34 -1.50 -48.41
N VAL A 790 3.46 -0.51 -48.35
CA VAL A 790 2.55 -0.44 -47.22
C VAL A 790 1.16 -0.81 -47.70
N THR A 791 0.49 -1.68 -46.95
CA THR A 791 -0.91 -1.95 -47.18
C THR A 791 -1.68 -1.28 -46.08
N ARG A 792 -2.51 -0.31 -46.48
CA ARG A 792 -3.31 0.50 -45.57
C ARG A 792 -4.76 0.50 -45.96
N VAL A 793 -5.60 0.03 -45.05
CA VAL A 793 -7.05 0.15 -45.23
C VAL A 793 -7.49 1.45 -44.54
N ALA A 794 -8.14 2.33 -45.29
CA ALA A 794 -8.59 3.63 -44.78
C ALA A 794 -9.90 3.95 -45.38
N ARG A 795 -10.86 4.26 -44.55
CA ARG A 795 -12.21 4.56 -44.97
C ARG A 795 -12.72 3.51 -45.95
N GLY A 796 -12.61 2.22 -45.63
CA GLY A 796 -13.22 1.09 -46.40
C GLY A 796 -12.50 0.74 -47.72
N ALA A 797 -11.40 1.40 -48.02
CA ALA A 797 -10.68 1.07 -49.22
C ALA A 797 -9.25 0.67 -48.87
N THR A 798 -8.60 -0.08 -49.74
CA THR A 798 -7.28 -0.60 -49.43
C THR A 798 -6.37 0.12 -50.33
N TYR A 799 -5.29 0.66 -49.77
CA TYR A 799 -4.28 1.35 -50.55
C TYR A 799 -3.04 0.50 -50.58
N GLU A 800 -2.58 0.14 -51.79
CA GLU A 800 -1.31 -0.55 -51.93
C GLU A 800 -0.26 0.40 -52.41
N ILE A 801 0.63 0.70 -51.47
CA ILE A 801 1.55 1.79 -51.60
C ILE A 801 2.98 1.26 -51.83
N THR A 802 3.44 1.32 -53.08
CA THR A 802 4.74 0.75 -53.42
C THR A 802 5.77 1.85 -53.49
N VAL A 803 6.75 1.77 -52.58
CA VAL A 803 7.72 2.83 -52.44
C VAL A 803 9.12 2.48 -52.93
N THR A 804 9.63 3.31 -53.79
CA THR A 804 11.03 3.23 -54.24
C THR A 804 11.74 4.51 -53.68
N ASN A 805 12.69 4.30 -52.78
CA ASN A 805 13.19 5.36 -51.89
C ASN A 805 14.70 5.48 -51.96
N SER A 806 15.15 6.61 -52.51
CA SER A 806 16.56 6.94 -52.61
C SER A 806 17.14 7.34 -51.24
N GLY A 807 16.30 7.86 -50.33
CA GLY A 807 16.77 8.32 -49.01
C GLY A 807 17.62 9.59 -49.00
N ALA A 808 17.68 10.28 -50.15
CA ALA A 808 18.48 11.51 -50.35
C ALA A 808 17.97 12.68 -49.52
N PRO A 809 18.86 13.35 -48.78
CA PRO A 809 18.34 14.32 -47.82
C PRO A 809 17.38 15.33 -48.45
N GLY A 810 16.22 15.50 -47.81
CA GLY A 810 15.20 16.43 -48.24
C GLY A 810 14.55 16.11 -49.57
N ALA A 811 14.84 14.93 -50.10
CA ALA A 811 14.11 14.41 -51.27
C ALA A 811 12.73 14.04 -50.77
N ARG A 812 11.70 14.52 -51.47
CA ARG A 812 10.32 14.25 -51.08
C ARG A 812 9.57 13.60 -52.24
N ALA A 813 8.52 12.83 -51.94
CA ALA A 813 7.93 11.90 -52.92
C ALA A 813 7.08 12.53 -54.00
N SER A 814 7.02 11.85 -55.16
CA SER A 814 5.92 12.04 -56.09
C SER A 814 5.16 10.71 -56.27
N LEU A 815 3.90 10.87 -56.61
CA LEU A 815 2.94 9.82 -56.63
C LEU A 815 2.33 9.64 -58.01
N THR A 816 2.05 8.38 -58.31
CA THR A 816 1.15 8.00 -59.36
C THR A 816 0.08 7.08 -58.75
N VAL A 817 -1.15 7.19 -59.24
CA VAL A 817 -2.24 6.45 -58.62
C VAL A 817 -2.94 5.77 -59.77
N ASP A 818 -3.09 4.45 -59.69
CA ASP A 818 -3.78 3.69 -60.75
C ASP A 818 -3.32 4.10 -62.13
N GLY A 819 -2.00 4.26 -62.31
CA GLY A 819 -1.44 4.52 -63.65
C GLY A 819 -1.36 5.96 -64.05
N ALA A 820 -2.02 6.86 -63.32
CA ALA A 820 -1.98 8.29 -63.64
C ALA A 820 -1.25 9.15 -62.58
N PRO A 821 -0.35 10.06 -63.01
CA PRO A 821 0.27 11.01 -62.07
C PRO A 821 -0.75 11.86 -61.34
N VAL A 822 -0.45 12.20 -60.10
CA VAL A 822 -1.25 13.15 -59.36
C VAL A 822 -0.29 14.20 -58.79
N ASP A 823 -0.83 15.32 -58.35
CA ASP A 823 0.00 16.38 -57.84
C ASP A 823 0.05 16.33 -56.33
N GLY A 824 1.20 16.72 -55.79
CA GLY A 824 1.42 16.74 -54.35
C GLY A 824 1.34 15.35 -53.77
N ARG A 825 1.17 15.27 -52.46
CA ARG A 825 1.28 13.98 -51.81
C ARG A 825 0.00 13.52 -51.14
N THR A 826 -1.12 14.13 -51.47
CA THR A 826 -2.35 13.70 -50.87
C THR A 826 -3.24 12.98 -51.89
N VAL A 827 -3.60 11.72 -51.60
CA VAL A 827 -4.46 10.92 -52.45
C VAL A 827 -5.82 11.00 -51.84
N PRO A 828 -6.78 11.65 -52.52
CA PRO A 828 -8.16 11.79 -52.04
C PRO A 828 -8.72 10.41 -51.78
N TYR A 829 -9.55 10.25 -50.74
CA TYR A 829 -10.09 8.96 -50.41
C TYR A 829 -10.97 8.37 -51.50
N ALA A 830 -10.57 7.21 -51.97
CA ALA A 830 -11.40 6.49 -52.90
C ALA A 830 -12.65 5.89 -52.14
N PRO A 831 -13.68 5.40 -52.88
CA PRO A 831 -14.91 4.88 -52.24
C PRO A 831 -14.63 3.58 -51.52
N ALA A 832 -15.41 3.27 -50.49
CA ALA A 832 -15.31 2.00 -49.81
C ALA A 832 -15.31 0.83 -50.82
N GLY A 833 -14.49 -0.18 -50.58
CA GLY A 833 -14.51 -1.42 -51.37
C GLY A 833 -13.50 -1.37 -52.52
N SER A 834 -12.95 -0.20 -52.80
CA SER A 834 -11.98 -0.13 -53.86
C SER A 834 -10.54 -0.46 -53.37
N THR A 835 -9.67 -0.76 -54.34
CA THR A 835 -8.26 -1.04 -54.11
C THR A 835 -7.50 -0.03 -54.96
N VAL A 836 -6.68 0.80 -54.31
CA VAL A 836 -6.00 1.86 -54.96
C VAL A 836 -4.52 1.50 -54.95
N ARG A 837 -3.85 1.64 -56.09
CA ARG A 837 -2.44 1.28 -56.16
C ARG A 837 -1.64 2.54 -56.39
N VAL A 838 -0.86 2.87 -55.38
CA VAL A 838 -0.14 4.10 -55.37
C VAL A 838 1.29 3.70 -55.62
N GLU A 839 1.96 4.50 -56.43
CA GLU A 839 3.30 4.24 -56.78
C GLU A 839 4.11 5.46 -56.39
N VAL A 840 5.11 5.27 -55.54
CA VAL A 840 5.72 6.40 -54.88
C VAL A 840 7.18 6.47 -55.25
N THR A 841 7.62 7.66 -55.68
CA THR A 841 9.02 7.88 -56.01
C THR A 841 9.68 8.95 -55.15
N VAL A 842 10.69 8.55 -54.40
CA VAL A 842 11.43 9.49 -53.55
C VAL A 842 12.90 9.50 -53.97
N MET B 21 1.26 -26.83 23.48
CA MET B 21 0.56 -26.22 24.71
C MET B 21 1.24 -24.91 25.17
N ARG B 22 2.55 -24.97 25.47
CA ARG B 22 3.41 -23.78 25.70
C ARG B 22 4.68 -23.72 24.79
N TYR B 23 5.13 -22.51 24.41
CA TYR B 23 6.31 -22.35 23.54
C TYR B 23 7.46 -21.56 24.19
N GLY B 24 7.35 -21.37 25.50
CA GLY B 24 8.27 -20.57 26.28
C GLY B 24 7.72 -20.49 27.69
N HIS B 25 8.19 -19.49 28.45
CA HIS B 25 7.77 -19.33 29.82
C HIS B 25 8.17 -17.91 30.27
N PHE B 26 7.43 -17.39 31.25
CA PHE B 26 7.76 -16.12 31.86
C PHE B 26 8.98 -16.26 32.75
N ASP B 27 9.76 -15.21 32.84
CA ASP B 27 10.88 -15.23 33.78
C ASP B 27 10.68 -13.96 34.58
N ASP B 28 10.03 -14.09 35.71
CA ASP B 28 9.67 -12.90 36.50
C ASP B 28 10.87 -12.13 37.04
N ALA B 29 11.86 -12.83 37.61
CA ALA B 29 13.05 -12.15 38.18
C ALA B 29 13.73 -11.29 37.11
N ALA B 30 13.77 -11.79 35.88
CA ALA B 30 14.44 -11.08 34.80
C ALA B 30 13.51 -10.12 34.04
N ARG B 31 12.21 -10.19 34.30
CA ARG B 31 11.20 -9.36 33.61
C ARG B 31 11.27 -9.64 32.11
N GLU B 32 11.21 -10.94 31.79
CA GLU B 32 11.34 -11.44 30.45
C GLU B 32 10.32 -12.52 30.15
N TYR B 33 10.08 -12.72 28.86
CA TYR B 33 9.34 -13.88 28.32
C TYR B 33 10.32 -14.64 27.51
N VAL B 34 10.47 -15.92 27.84
CA VAL B 34 11.54 -16.74 27.24
C VAL B 34 10.93 -17.64 26.19
N ILE B 35 11.27 -17.44 24.93
CA ILE B 35 10.74 -18.28 23.84
C ILE B 35 11.75 -19.38 23.48
N THR B 36 11.33 -20.62 23.65
CA THR B 36 12.27 -21.76 23.62
C THR B 36 12.26 -22.54 22.29
N THR B 37 11.60 -21.96 21.27
CA THR B 37 11.56 -22.58 19.95
C THR B 37 11.36 -21.51 18.85
N PRO B 38 12.03 -21.67 17.68
CA PRO B 38 11.64 -20.84 16.55
C PRO B 38 10.17 -21.06 16.13
N HIS B 39 9.65 -22.26 16.39
CA HIS B 39 8.38 -22.70 15.81
C HIS B 39 7.18 -22.33 16.65
N THR B 40 6.92 -21.03 16.76
CA THR B 40 5.74 -20.53 17.45
C THR B 40 4.49 -20.55 16.53
N PRO B 41 3.25 -20.45 17.11
CA PRO B 41 2.09 -20.40 16.22
C PRO B 41 2.07 -19.18 15.30
N TYR B 42 2.73 -18.10 15.70
CA TYR B 42 2.76 -16.88 14.91
C TYR B 42 4.04 -16.11 15.30
N PRO B 43 4.48 -15.13 14.48
CA PRO B 43 5.62 -14.32 14.96
C PRO B 43 5.25 -13.56 16.22
N TRP B 44 6.10 -13.60 17.25
CA TRP B 44 5.85 -12.98 18.58
C TRP B 44 6.87 -11.90 18.77
N ILE B 45 6.42 -10.65 18.91
CA ILE B 45 7.35 -9.51 18.84
C ILE B 45 7.46 -8.81 20.14
N ASN B 46 8.43 -7.92 20.16
CA ASN B 46 8.64 -6.97 21.25
C ASN B 46 8.69 -5.61 20.57
N TYR B 47 8.44 -4.55 21.35
CA TYR B 47 8.78 -3.21 20.93
C TYR B 47 10.03 -2.71 21.67
N LEU B 48 10.99 -2.14 20.93
CA LEU B 48 12.17 -1.48 21.52
C LEU B 48 11.98 0.03 21.38
N GLY B 49 12.39 0.76 22.43
CA GLY B 49 12.24 2.18 22.48
C GLY B 49 10.99 2.59 23.24
N SER B 50 11.10 3.66 23.99
CA SER B 50 9.95 4.24 24.68
C SER B 50 9.86 5.77 24.45
N GLU B 51 10.67 6.37 23.55
CA GLU B 51 10.74 7.83 23.45
C GLU B 51 10.30 8.33 22.06
N GLN B 52 11.23 8.49 21.14
CA GLN B 52 10.82 8.88 19.79
C GLN B 52 11.24 7.90 18.70
N PHE B 53 12.07 6.90 19.01
CA PHE B 53 12.52 5.95 18.02
C PHE B 53 12.05 4.55 18.44
N PHE B 54 11.47 3.78 17.52
CA PHE B 54 10.89 2.50 17.85
C PHE B 54 11.23 1.42 16.87
N SER B 55 11.30 0.19 17.41
CA SER B 55 11.55 -1.04 16.67
C SER B 55 10.48 -2.13 17.01
N LEU B 56 9.98 -2.79 15.97
CA LEU B 56 9.21 -4.01 16.12
C LEU B 56 10.20 -5.12 15.83
N LEU B 57 10.33 -6.03 16.80
CA LEU B 57 11.29 -7.13 16.78
C LEU B 57 10.63 -8.47 17.08
N SER B 58 10.44 -9.31 16.07
CA SER B 58 9.97 -10.67 16.31
C SER B 58 11.08 -11.52 16.92
N HIS B 59 10.69 -12.68 17.45
CA HIS B 59 11.56 -13.64 18.04
C HIS B 59 12.37 -14.33 16.98
N GLN B 60 12.22 -13.90 15.72
CA GLN B 60 13.11 -14.29 14.63
C GLN B 60 13.79 -13.06 14.03
N ALA B 61 13.89 -11.98 14.79
CA ALA B 61 14.57 -10.76 14.32
C ALA B 61 13.88 -10.05 13.20
N GLY B 62 12.65 -10.48 12.89
CA GLY B 62 11.84 -9.82 11.82
C GLY B 62 11.28 -8.50 12.32
N GLY B 63 10.80 -7.66 11.41
CA GLY B 63 10.24 -6.36 11.77
C GLY B 63 10.98 -5.19 11.08
N TYR B 64 10.83 -4.00 11.68
CA TYR B 64 11.44 -2.75 11.22
C TYR B 64 11.55 -1.71 12.30
N SER B 65 12.07 -0.55 11.93
CA SER B 65 12.30 0.56 12.86
C SER B 65 11.82 1.89 12.23
N PHE B 66 11.36 2.83 13.05
CA PHE B 66 10.95 4.12 12.51
C PHE B 66 11.24 5.19 13.52
N TYR B 67 11.41 6.42 13.02
CA TYR B 67 11.55 7.61 13.85
C TYR B 67 10.23 8.38 13.90
N ARG B 68 9.63 8.40 15.09
CA ARG B 68 8.42 9.18 15.40
C ARG B 68 7.16 8.77 14.68
N ASP B 69 7.28 8.32 13.43
CA ASP B 69 6.09 8.06 12.64
C ASP B 69 6.35 6.89 11.73
N ALA B 70 5.56 5.81 11.89
CA ALA B 70 5.76 4.58 11.13
C ALA B 70 5.49 4.72 9.63
N LYS B 71 4.69 5.69 9.25
CA LYS B 71 4.40 5.94 7.84
C LYS B 71 5.41 6.83 7.19
N MET B 72 5.93 7.78 7.95
CA MET B 72 6.60 8.93 7.33
C MET B 72 8.12 8.92 7.51
N ARG B 73 8.62 8.12 8.43
CA ARG B 73 10.07 8.02 8.65
C ARG B 73 10.40 6.60 9.00
N ARG B 74 10.05 5.66 8.13
CA ARG B 74 10.34 4.26 8.39
C ARG B 74 11.76 3.99 7.82
N LEU B 75 12.67 3.50 8.66
CA LEU B 75 14.07 3.34 8.22
C LEU B 75 14.31 2.11 7.40
N THR B 76 13.65 1.01 7.78
CA THR B 76 13.95 -0.30 7.20
C THR B 76 12.67 -0.94 6.79
N ARG B 77 12.76 -1.77 5.75
CA ARG B 77 11.57 -2.29 5.09
C ARG B 77 11.10 -3.61 5.72
N TYR B 78 9.79 -3.83 5.74
CA TYR B 78 9.20 -5.06 6.21
C TYR B 78 7.96 -5.28 5.40
N ARG B 79 7.69 -6.54 5.12
CA ARG B 79 6.60 -6.98 4.29
C ARG B 79 5.54 -7.67 5.15
N TYR B 80 4.32 -7.14 5.12
CA TYR B 80 3.23 -7.81 5.78
C TYR B 80 2.77 -8.92 4.83
N ASN B 81 2.14 -9.97 5.35
CA ASN B 81 1.62 -11.04 4.49
C ASN B 81 2.70 -11.54 3.51
N ASN B 82 3.91 -11.76 3.99
CA ASN B 82 4.92 -12.40 3.24
C ASN B 82 4.76 -13.91 3.30
N ILE B 83 5.34 -14.62 2.33
CA ILE B 83 5.31 -16.08 2.39
C ILE B 83 6.77 -16.63 2.48
N PRO B 84 7.16 -17.18 3.64
CA PRO B 84 6.36 -17.23 4.85
C PRO B 84 6.33 -15.87 5.61
N ALA B 85 5.45 -15.80 6.62
CA ALA B 85 5.36 -14.62 7.47
C ALA B 85 6.73 -14.26 8.03
N ASP B 86 7.05 -12.99 8.00
CA ASP B 86 8.20 -12.54 8.78
C ASP B 86 9.55 -13.01 8.31
N ALA B 87 9.68 -13.38 7.04
CA ALA B 87 10.97 -13.56 6.42
C ALA B 87 11.47 -12.18 6.01
N GLY B 88 12.12 -11.48 6.94
CA GLY B 88 12.70 -10.19 6.67
C GLY B 88 12.98 -9.54 8.00
N GLY B 89 14.22 -9.10 8.20
CA GLY B 89 14.63 -8.35 9.39
C GLY B 89 16.15 -8.18 9.54
N ARG B 90 16.64 -8.30 10.78
CA ARG B 90 18.04 -7.97 11.06
C ARG B 90 18.77 -9.28 11.08
N TYR B 91 19.39 -9.61 9.96
CA TYR B 91 19.99 -10.93 9.84
C TYR B 91 21.50 -10.91 9.96
N LEU B 92 22.01 -11.97 10.56
CA LEU B 92 23.46 -12.18 10.64
C LEU B 92 23.72 -13.56 10.06
N TYR B 93 24.20 -13.60 8.83
CA TYR B 93 24.57 -14.91 8.23
C TYR B 93 25.96 -15.38 8.69
N VAL B 94 26.02 -16.59 9.22
CA VAL B 94 27.27 -17.13 9.61
C VAL B 94 27.74 -18.10 8.52
N ASN B 95 28.93 -17.90 7.96
CA ASN B 95 29.51 -18.91 7.06
C ASN B 95 30.68 -19.58 7.76
N ASP B 96 30.47 -20.86 8.11
CA ASP B 96 31.44 -21.67 8.75
C ASP B 96 31.81 -22.84 7.82
N GLY B 97 32.98 -22.78 7.16
CA GLY B 97 33.43 -23.87 6.27
C GLY B 97 32.58 -24.06 5.02
N GLY B 98 31.90 -23.00 4.56
CA GLY B 98 30.88 -23.13 3.53
C GLY B 98 29.44 -23.41 3.99
N ASP B 99 29.26 -23.79 5.25
CA ASP B 99 27.90 -23.99 5.79
C ASP B 99 27.33 -22.64 6.20
N VAL B 100 26.14 -22.30 5.72
CA VAL B 100 25.55 -20.98 6.02
C VAL B 100 24.27 -21.14 6.89
N TRP B 101 24.24 -20.47 8.03
CA TRP B 101 23.06 -20.51 8.87
C TRP B 101 22.87 -19.12 9.49
N THR B 102 21.66 -18.82 9.98
CA THR B 102 21.37 -17.62 10.76
C THR B 102 20.92 -18.04 12.17
N PRO B 103 21.46 -17.35 13.20
CA PRO B 103 21.04 -17.73 14.58
C PRO B 103 19.57 -17.38 14.88
N SER B 104 18.99 -16.49 14.10
CA SER B 104 17.52 -16.32 14.19
C SER B 104 16.71 -17.49 13.55
N TRP B 105 17.34 -18.57 13.12
CA TRP B 105 16.62 -19.64 12.34
C TRP B 105 16.23 -19.20 10.95
N LEU B 106 15.11 -18.50 10.83
CA LEU B 106 14.81 -17.78 9.62
C LEU B 106 15.99 -16.83 9.33
N PRO B 107 16.29 -16.60 8.04
CA PRO B 107 15.54 -17.11 6.89
C PRO B 107 16.06 -18.43 6.35
N VAL B 108 17.23 -18.90 6.82
CA VAL B 108 17.92 -20.02 6.24
C VAL B 108 17.35 -21.33 6.72
N LYS B 109 16.83 -21.34 7.95
CA LYS B 109 16.09 -22.48 8.49
C LYS B 109 17.03 -23.72 8.71
N ALA B 110 18.28 -23.44 9.04
CA ALA B 110 19.26 -24.48 9.30
C ALA B 110 18.99 -25.08 10.67
N ASP B 111 19.19 -26.38 10.84
CA ASP B 111 19.06 -27.00 12.15
C ASP B 111 20.04 -26.38 13.17
N LEU B 112 19.50 -25.95 14.30
CA LEU B 112 20.28 -25.36 15.36
C LEU B 112 20.36 -26.38 16.52
N ASP B 113 21.52 -26.47 17.17
CA ASP B 113 21.67 -27.33 18.36
C ASP B 113 20.90 -26.67 19.52
N HIS B 114 20.86 -25.34 19.50
CA HIS B 114 20.27 -24.59 20.58
C HIS B 114 19.69 -23.32 19.97
N PHE B 115 18.46 -23.01 20.37
CA PHE B 115 17.83 -21.74 20.05
C PHE B 115 17.10 -21.14 21.26
N GLU B 116 17.21 -19.82 21.41
CA GLU B 116 16.44 -19.14 22.44
C GLU B 116 16.20 -17.69 22.10
N ALA B 117 14.97 -17.19 22.35
CA ALA B 117 14.72 -15.75 22.33
C ALA B 117 14.15 -15.28 23.68
N ARG B 118 14.75 -14.25 24.24
CA ARG B 118 14.24 -13.63 25.43
C ARG B 118 13.76 -12.22 25.04
N HIS B 119 12.47 -11.95 25.27
CA HIS B 119 11.93 -10.60 25.07
C HIS B 119 11.84 -9.97 26.44
N GLY B 120 12.57 -8.86 26.63
CA GLY B 120 12.65 -8.11 27.89
C GLY B 120 11.98 -6.75 27.74
N LEU B 121 12.22 -5.85 28.69
CA LEU B 121 11.65 -4.48 28.67
C LEU B 121 12.54 -3.54 27.90
N GLY B 122 12.22 -3.35 26.62
CA GLY B 122 12.97 -2.48 25.76
C GLY B 122 14.21 -3.13 25.18
N TYR B 123 14.38 -4.44 25.35
CA TYR B 123 15.45 -5.16 24.68
C TYR B 123 15.01 -6.63 24.48
N SER B 124 15.69 -7.31 23.57
CA SER B 124 15.53 -8.75 23.37
C SER B 124 16.89 -9.42 23.09
N ARG B 125 16.92 -10.73 23.24
CA ARG B 125 18.16 -11.45 23.04
C ARG B 125 17.78 -12.63 22.21
N ILE B 126 18.51 -12.88 21.14
CA ILE B 126 18.20 -14.04 20.32
C ILE B 126 19.52 -14.78 20.20
N THR B 127 19.47 -16.05 20.58
CA THR B 127 20.63 -16.95 20.51
C THR B 127 20.36 -18.19 19.62
N GLY B 128 21.30 -18.46 18.74
CA GLY B 128 21.29 -19.67 17.95
C GLY B 128 22.69 -20.25 18.02
N GLU B 129 22.78 -21.57 18.17
CA GLU B 129 24.04 -22.28 18.09
C GLU B 129 23.96 -23.39 17.02
N ARG B 130 25.02 -23.51 16.23
CA ARG B 130 25.17 -24.56 15.20
C ARG B 130 26.66 -24.95 15.02
N ASN B 131 26.93 -26.26 15.14
CA ASN B 131 28.26 -26.86 14.83
C ASN B 131 29.43 -26.18 15.49
N GLY B 132 29.32 -25.98 16.80
CA GLY B 132 30.41 -25.37 17.56
C GLY B 132 30.49 -23.84 17.64
N LEU B 133 29.54 -23.14 17.02
CA LEU B 133 29.50 -21.69 17.09
C LEU B 133 28.12 -21.19 17.62
N LYS B 134 28.20 -20.49 18.78
CA LYS B 134 27.03 -19.90 19.41
C LYS B 134 27.07 -18.40 19.12
N VAL B 135 25.97 -17.87 18.57
CA VAL B 135 25.87 -16.44 18.26
C VAL B 135 24.68 -15.92 19.01
N GLU B 136 24.92 -15.07 20.00
CA GLU B 136 23.88 -14.39 20.76
C GLU B 136 23.80 -12.92 20.29
N THR B 137 22.58 -12.40 20.07
CA THR B 137 22.38 -10.95 19.82
C THR B 137 21.41 -10.28 20.79
N LEU B 138 21.91 -9.19 21.39
CA LEU B 138 21.13 -8.29 22.16
C LEU B 138 20.73 -7.10 21.26
N PHE B 139 19.41 -6.90 21.13
CA PHE B 139 18.78 -5.75 20.43
C PHE B 139 18.13 -4.84 21.46
N PHE B 140 18.38 -3.54 21.36
CA PHE B 140 17.66 -2.58 22.14
C PHE B 140 17.76 -1.18 21.53
N VAL B 141 16.84 -0.28 21.90
CA VAL B 141 16.96 1.12 21.55
C VAL B 141 17.44 1.79 22.85
N PRO B 142 18.67 2.43 22.85
CA PRO B 142 19.17 3.14 24.06
C PRO B 142 18.39 4.42 24.37
N LEU B 143 18.27 4.75 25.65
CA LEU B 143 17.61 5.98 26.12
C LEU B 143 18.30 7.17 25.53
N GLY B 144 17.53 8.17 25.09
CA GLY B 144 18.13 9.34 24.44
C GLY B 144 18.66 9.15 23.02
N GLU B 145 18.53 7.94 22.47
CA GLU B 145 19.09 7.66 21.13
C GLU B 145 18.00 7.26 20.14
N ASN B 146 18.13 7.81 18.93
CA ASN B 146 17.33 7.45 17.79
C ASN B 146 18.13 6.40 17.04
N ALA B 147 18.24 5.23 17.67
CA ALA B 147 19.03 4.12 17.08
C ALA B 147 18.67 2.76 17.67
N GLU B 148 18.83 1.73 16.86
CA GLU B 148 18.75 0.37 17.37
C GLU B 148 20.18 -0.27 17.42
N VAL B 149 20.52 -0.80 18.59
CA VAL B 149 21.86 -1.28 18.82
C VAL B 149 21.77 -2.79 18.95
N GLN B 150 22.73 -3.47 18.34
CA GLN B 150 22.79 -4.88 18.38
C GLN B 150 24.16 -5.22 18.87
N LYS B 151 24.24 -5.96 19.97
CA LYS B 151 25.54 -6.41 20.45
C LYS B 151 25.58 -7.93 20.28
N VAL B 152 26.50 -8.35 19.40
CA VAL B 152 26.61 -9.71 19.02
C VAL B 152 27.79 -10.36 19.75
N THR B 153 27.56 -11.54 20.32
CA THR B 153 28.59 -12.31 20.99
C THR B 153 28.62 -13.67 20.30
N VAL B 154 29.75 -13.95 19.62
CA VAL B 154 30.01 -15.24 19.01
C VAL B 154 31.01 -16.04 19.84
N THR B 155 30.66 -17.28 20.18
CA THR B 155 31.48 -18.08 21.06
C THR B 155 31.84 -19.38 20.38
N ASN B 156 33.09 -19.80 20.52
CA ASN B 156 33.48 -21.09 20.06
C ASN B 156 33.20 -22.09 21.18
N THR B 157 32.18 -22.93 21.02
CA THR B 157 31.87 -23.91 22.06
C THR B 157 32.46 -25.31 21.83
N SER B 158 33.25 -25.45 20.76
CA SER B 158 33.90 -26.70 20.47
C SER B 158 35.29 -26.72 21.15
N ASP B 159 35.96 -27.85 21.03
CA ASP B 159 37.31 -27.96 21.62
C ASP B 159 38.47 -27.66 20.65
N ALA B 160 38.17 -27.08 19.48
CA ALA B 160 39.23 -26.80 18.52
C ALA B 160 39.02 -25.43 17.92
N PRO B 161 40.11 -24.74 17.54
CA PRO B 161 39.96 -23.37 17.04
C PRO B 161 39.01 -23.35 15.84
N LYS B 162 38.26 -22.26 15.69
CA LYS B 162 37.26 -22.14 14.65
C LYS B 162 37.38 -20.80 13.98
N THR B 163 36.94 -20.73 12.73
CA THR B 163 36.93 -19.49 11.97
C THR B 163 35.60 -19.43 11.26
N ALA B 164 35.10 -18.23 11.01
CA ALA B 164 33.86 -18.04 10.27
C ALA B 164 33.84 -16.63 9.70
N THR B 165 32.99 -16.39 8.70
CA THR B 165 32.75 -14.98 8.29
C THR B 165 31.27 -14.59 8.60
N LEU B 166 31.06 -13.41 9.19
CA LEU B 166 29.69 -12.99 9.51
C LEU B 166 29.22 -11.87 8.58
N PHE B 167 28.03 -12.03 8.02
CA PHE B 167 27.47 -10.99 7.11
C PHE B 167 26.24 -10.36 7.74
N SER B 168 26.30 -9.06 8.03
CA SER B 168 25.15 -8.41 8.64
C SER B 168 24.22 -8.12 7.46
N PHE B 169 22.92 -7.89 7.73
CA PHE B 169 21.96 -7.61 6.67
C PHE B 169 20.78 -6.84 7.24
N VAL B 170 20.50 -5.71 6.60
CA VAL B 170 19.26 -5.00 6.87
C VAL B 170 18.86 -4.32 5.57
N GLU B 171 17.56 -4.28 5.30
CA GLU B 171 17.04 -3.83 4.06
C GLU B 171 16.39 -2.47 4.37
N PHE B 172 16.78 -1.42 3.68
CA PHE B 172 16.22 -0.10 3.94
C PHE B 172 14.81 0.10 3.35
N CYS B 173 14.03 0.95 4.01
CA CYS B 173 12.76 1.40 3.50
C CYS B 173 13.04 2.82 3.01
N LEU B 174 12.30 3.29 2.01
CA LEU B 174 12.62 4.64 1.51
C LEU B 174 11.85 5.69 2.30
N TRP B 175 11.86 5.59 3.60
CA TRP B 175 11.23 6.58 4.48
C TRP B 175 9.72 6.66 4.49
N ASN B 176 9.10 7.05 3.37
CA ASN B 176 7.66 7.03 3.21
C ASN B 176 7.22 5.61 2.91
N ALA B 177 6.70 4.93 3.91
CA ALA B 177 6.35 3.51 3.78
C ALA B 177 5.25 3.30 2.71
N GLN B 178 4.36 4.25 2.55
CA GLN B 178 3.29 4.12 1.55
C GLN B 178 3.85 4.26 0.14
N ASP B 179 4.66 5.27 -0.05
CA ASP B 179 5.40 5.43 -1.32
C ASP B 179 6.25 4.19 -1.61
N ASP B 180 6.96 3.71 -0.58
CA ASP B 180 7.89 2.55 -0.70
C ASP B 180 7.17 1.34 -1.30
N GLN B 181 5.91 1.14 -0.85
CA GLN B 181 5.15 -0.06 -1.26
C GLN B 181 4.31 0.09 -2.53
N THR B 182 4.18 1.31 -3.05
CA THR B 182 3.22 1.54 -4.13
C THR B 182 3.77 2.30 -5.33
N ASN B 183 4.92 2.97 -5.16
CA ASN B 183 5.35 4.00 -6.17
C ASN B 183 6.71 3.76 -6.86
N TYR B 184 6.94 2.51 -7.25
CA TYR B 184 8.15 2.03 -7.89
C TYR B 184 8.46 2.77 -9.19
N GLN B 185 7.44 3.27 -9.91
CA GLN B 185 7.62 3.98 -11.17
C GLN B 185 8.51 5.23 -10.95
N ARG B 186 8.43 5.79 -9.74
CA ARG B 186 9.34 6.85 -9.30
C ARG B 186 10.52 6.26 -8.52
N ASN B 187 10.21 5.54 -7.44
CA ASN B 187 11.19 5.28 -6.40
C ASN B 187 12.26 4.23 -6.72
N LEU B 188 12.12 3.50 -7.81
CA LEU B 188 13.21 2.56 -8.11
C LEU B 188 14.42 3.32 -8.64
N SER B 189 14.27 4.64 -8.89
CA SER B 189 15.34 5.42 -9.51
C SER B 189 16.02 6.38 -8.53
N ILE B 190 15.58 6.36 -7.25
CA ILE B 190 16.03 7.36 -6.25
C ILE B 190 16.91 6.85 -5.10
N GLY B 191 17.03 5.52 -4.96
CA GLY B 191 17.72 4.96 -3.79
C GLY B 191 19.19 5.37 -3.88
N GLU B 192 19.75 5.90 -2.80
CA GLU B 192 21.17 6.41 -2.80
C GLU B 192 21.82 6.05 -1.48
N VAL B 193 23.08 5.62 -1.55
CA VAL B 193 23.88 5.24 -0.39
C VAL B 193 25.20 5.94 -0.42
N GLU B 194 25.92 5.97 0.69
CA GLU B 194 27.39 6.13 0.64
C GLU B 194 28.01 5.01 1.50
N VAL B 195 29.27 4.66 1.19
CA VAL B 195 30.01 3.56 1.84
C VAL B 195 31.24 4.16 2.53
N GLU B 196 31.42 3.89 3.80
CA GLU B 196 32.58 4.37 4.50
C GLU B 196 33.25 3.19 5.15
N GLN B 197 34.18 2.55 4.44
CA GLN B 197 34.79 1.32 4.96
C GLN B 197 35.78 1.61 6.12
N ASP B 198 36.34 2.83 6.12
CA ASP B 198 37.36 3.26 7.09
C ASP B 198 36.92 4.46 7.90
N GLY B 199 35.85 4.28 8.69
CA GLY B 199 35.35 5.40 9.47
C GLY B 199 36.13 5.45 10.77
N PRO B 200 35.78 6.39 11.66
CA PRO B 200 36.50 6.59 12.95
C PRO B 200 36.49 5.38 13.88
N HIS B 201 35.47 4.52 13.78
CA HIS B 201 35.22 3.50 14.83
C HIS B 201 34.97 2.16 14.21
N GLY B 202 35.01 2.12 12.87
CA GLY B 202 34.63 0.92 12.13
C GLY B 202 34.04 1.31 10.78
N SER B 203 33.30 0.40 10.19
CA SER B 203 32.75 0.61 8.86
C SER B 203 31.28 1.04 8.94
N ALA B 204 30.85 1.91 8.02
CA ALA B 204 29.46 2.35 8.00
C ALA B 204 28.96 2.52 6.59
N ILE B 205 27.66 2.26 6.45
CA ILE B 205 26.92 2.51 5.23
C ILE B 205 25.85 3.54 5.57
N TYR B 206 25.64 4.48 4.65
CA TYR B 206 24.68 5.54 4.80
C TYR B 206 23.60 5.35 3.80
N HIS B 207 22.36 5.36 4.25
CA HIS B 207 21.20 5.35 3.37
C HIS B 207 20.65 6.75 3.30
N LYS B 208 20.75 7.39 2.13
CA LYS B 208 20.52 8.80 2.03
C LYS B 208 19.51 9.20 0.94
N THR B 209 18.64 8.28 0.55
CA THR B 209 17.54 8.56 -0.41
C THR B 209 16.81 9.86 -0.04
N GLU B 210 16.72 10.75 -1.02
CA GLU B 210 16.05 12.05 -0.88
C GLU B 210 16.70 13.09 0.05
N TYR B 211 17.82 12.76 0.66
CA TYR B 211 18.62 13.75 1.36
C TYR B 211 19.11 14.82 0.37
N ARG B 212 19.33 14.43 -0.88
CA ARG B 212 19.55 15.29 -2.02
C ARG B 212 18.54 16.44 -2.16
N GLU B 213 17.28 16.17 -1.87
CA GLU B 213 16.21 17.16 -1.97
C GLU B 213 15.67 17.55 -0.58
N ARG B 214 14.40 17.24 -0.26
CA ARG B 214 13.78 17.85 0.96
C ARG B 214 14.20 17.25 2.31
N ARG B 215 14.83 16.07 2.33
CA ARG B 215 15.09 15.42 3.62
C ARG B 215 16.36 15.96 4.22
N ASP B 216 16.31 16.28 5.51
CA ASP B 216 17.49 16.66 6.30
C ASP B 216 18.02 15.48 7.11
N HIS B 217 17.48 14.29 6.85
CA HIS B 217 17.88 13.10 7.63
C HIS B 217 18.36 11.94 6.74
N TYR B 218 19.27 11.12 7.26
CA TYR B 218 19.71 9.93 6.57
C TYR B 218 19.79 8.85 7.62
N ALA B 219 19.94 7.60 7.18
CA ALA B 219 20.16 6.48 8.14
C ALA B 219 21.59 5.98 8.06
N VAL B 220 22.10 5.44 9.16
CA VAL B 220 23.42 4.79 9.11
C VAL B 220 23.28 3.34 9.62
N PHE B 221 24.05 2.44 9.01
CA PHE B 221 24.19 1.07 9.47
C PHE B 221 25.68 0.80 9.58
N GLY B 222 26.19 0.71 10.79
CA GLY B 222 27.63 0.50 10.96
C GLY B 222 28.02 -0.50 12.06
N VAL B 223 29.31 -0.80 12.15
CA VAL B 223 29.78 -1.86 13.06
C VAL B 223 31.09 -1.41 13.67
N ASN B 224 31.36 -1.82 14.90
CA ASN B 224 32.56 -1.26 15.55
C ASN B 224 33.88 -1.96 15.19
N THR B 225 34.07 -2.24 13.90
CA THR B 225 35.28 -2.92 13.42
C THR B 225 35.39 -2.48 11.95
N ARG B 226 36.59 -2.62 11.37
CA ARG B 226 36.81 -2.40 9.96
C ARG B 226 36.38 -3.68 9.25
N ALA B 227 35.27 -3.61 8.54
CA ALA B 227 34.70 -4.81 7.91
C ALA B 227 35.58 -5.27 6.74
N ASP B 228 35.57 -6.58 6.46
CA ASP B 228 36.34 -7.07 5.34
C ASP B 228 35.77 -6.58 4.03
N GLY B 229 34.45 -6.41 3.98
CA GLY B 229 33.73 -6.02 2.78
C GLY B 229 32.30 -5.60 3.13
N PHE B 230 31.50 -5.27 2.10
CA PHE B 230 30.24 -4.64 2.34
C PHE B 230 29.38 -4.95 1.18
N ASP B 231 28.08 -4.69 1.33
CA ASP B 231 27.13 -4.66 0.21
C ASP B 231 25.99 -3.67 0.49
N THR B 232 25.61 -2.90 -0.54
CA THR B 232 24.51 -1.96 -0.40
C THR B 232 23.43 -2.24 -1.42
N ASP B 233 23.67 -3.18 -2.31
CA ASP B 233 22.66 -3.45 -3.35
C ASP B 233 21.97 -4.78 -3.05
N ARG B 234 20.64 -4.77 -2.88
CA ARG B 234 19.96 -6.03 -2.50
C ARG B 234 20.12 -7.17 -3.49
N ASP B 235 19.91 -6.86 -4.76
CA ASP B 235 19.94 -7.89 -5.80
C ASP B 235 21.32 -8.61 -5.90
N THR B 236 22.40 -7.85 -5.72
CA THR B 236 23.72 -8.46 -5.70
C THR B 236 23.96 -9.31 -4.45
N PHE B 237 23.55 -8.83 -3.29
CA PHE B 237 23.78 -9.62 -2.07
C PHE B 237 22.94 -10.93 -2.04
N VAL B 238 21.66 -10.82 -2.39
CA VAL B 238 20.79 -11.97 -2.35
C VAL B 238 20.96 -12.86 -3.60
N GLY B 239 21.16 -12.25 -4.77
CA GLY B 239 21.29 -12.98 -6.03
C GLY B 239 19.96 -13.13 -6.75
N ALA B 240 19.97 -13.09 -8.09
CA ALA B 240 18.74 -13.26 -8.89
C ALA B 240 18.03 -14.57 -8.56
N TYR B 241 16.70 -14.60 -8.53
CA TYR B 241 15.92 -15.86 -8.33
C TYR B 241 15.95 -16.39 -6.91
N ASN B 242 16.66 -15.72 -6.00
CA ASN B 242 16.86 -16.24 -4.61
C ASN B 242 16.03 -15.52 -3.59
N SER B 243 15.70 -16.22 -2.52
CA SER B 243 15.06 -15.62 -1.35
C SER B 243 16.14 -15.24 -0.38
N LEU B 244 15.76 -14.54 0.69
CA LEU B 244 16.77 -14.25 1.74
C LEU B 244 17.39 -15.52 2.31
N GLY B 245 16.70 -16.65 2.23
CA GLY B 245 17.22 -17.87 2.84
C GLY B 245 18.31 -18.50 1.97
N GLU B 246 18.41 -18.02 0.73
CA GLU B 246 19.38 -18.52 -0.26
C GLU B 246 20.38 -17.44 -0.68
N ALA B 247 20.57 -16.39 0.13
CA ALA B 247 21.32 -15.23 -0.32
C ALA B 247 22.71 -15.63 -0.86
N SER B 248 23.04 -15.18 -2.07
CA SER B 248 24.33 -15.56 -2.71
C SER B 248 25.61 -15.17 -2.01
N VAL B 249 25.74 -13.88 -1.65
CA VAL B 249 26.93 -13.40 -0.92
C VAL B 249 27.31 -14.29 0.26
N PRO B 250 26.40 -14.57 1.24
CA PRO B 250 26.94 -15.43 2.33
C PRO B 250 27.36 -16.80 1.84
N ARG B 251 26.62 -17.41 0.92
CA ARG B 251 27.03 -18.73 0.42
C ARG B 251 28.40 -18.75 -0.27
N ALA B 252 28.68 -17.72 -1.06
CA ALA B 252 29.98 -17.54 -1.71
C ALA B 252 31.09 -17.35 -0.69
N GLY B 253 30.78 -16.72 0.44
CA GLY B 253 31.76 -16.52 1.49
C GLY B 253 32.54 -15.20 1.39
N LYS B 254 32.10 -14.27 0.53
CA LYS B 254 32.79 -13.03 0.35
C LYS B 254 31.82 -11.96 -0.12
N SER B 255 31.91 -10.73 0.44
CA SER B 255 31.03 -9.63 0.00
C SER B 255 31.32 -9.26 -1.44
N ALA B 256 30.33 -8.73 -2.15
CA ALA B 256 30.61 -8.26 -3.51
C ALA B 256 30.98 -6.81 -3.52
N ASP B 257 30.91 -6.12 -2.38
CA ASP B 257 31.20 -4.69 -2.32
C ASP B 257 30.33 -3.87 -3.30
N SER B 258 29.04 -4.18 -3.37
CA SER B 258 28.06 -3.48 -4.24
C SER B 258 27.77 -2.12 -3.74
N VAL B 259 27.71 -1.18 -4.68
CA VAL B 259 27.32 0.20 -4.40
C VAL B 259 25.99 0.39 -5.14
N ALA B 260 24.87 0.54 -4.39
CA ALA B 260 23.54 0.68 -4.98
C ALA B 260 23.41 1.91 -5.89
N SER B 261 22.61 1.76 -6.94
CA SER B 261 22.16 2.92 -7.68
C SER B 261 20.71 2.68 -7.99
N GLY B 262 19.85 3.33 -7.22
CA GLY B 262 18.43 2.96 -7.19
C GLY B 262 18.17 1.50 -6.77
N TRP B 263 17.10 0.93 -7.30
CA TRP B 263 16.61 -0.39 -6.88
C TRP B 263 16.49 -0.47 -5.35
N TYR B 264 17.05 -1.53 -4.73
CA TYR B 264 16.82 -1.78 -3.31
C TYR B 264 18.10 -1.74 -2.46
N PRO B 265 18.36 -0.58 -1.80
CA PRO B 265 19.51 -0.40 -0.90
C PRO B 265 19.44 -1.24 0.36
N ILE B 266 20.59 -1.80 0.75
CA ILE B 266 20.65 -2.57 1.99
C ILE B 266 21.90 -2.16 2.70
N GLY B 267 21.99 -2.54 3.98
CA GLY B 267 23.23 -2.41 4.74
C GLY B 267 23.70 -3.82 5.09
N SER B 268 24.92 -4.12 4.65
CA SER B 268 25.61 -5.37 4.98
C SER B 268 27.12 -5.18 5.11
N HIS B 269 27.71 -5.83 6.12
CA HIS B 269 29.18 -5.88 6.32
C HIS B 269 29.58 -7.30 6.54
N SER B 270 30.72 -7.70 5.98
CA SER B 270 31.31 -9.00 6.36
C SER B 270 32.41 -8.80 7.40
N VAL B 271 32.44 -9.68 8.40
CA VAL B 271 33.50 -9.63 9.37
C VAL B 271 34.06 -11.04 9.55
N ALA B 272 35.37 -11.18 9.35
CA ALA B 272 36.01 -12.45 9.56
C ALA B 272 36.32 -12.61 11.06
N VAL B 273 35.98 -13.76 11.65
CA VAL B 273 36.23 -13.96 13.07
C VAL B 273 37.06 -15.26 13.29
N THR B 274 37.90 -15.26 14.32
CA THR B 274 38.74 -16.43 14.63
C THR B 274 38.61 -16.65 16.15
N LEU B 275 38.43 -17.88 16.59
CA LEU B 275 38.18 -18.06 17.99
C LEU B 275 38.85 -19.34 18.46
N GLN B 276 39.62 -19.20 19.54
CA GLN B 276 40.16 -20.34 20.23
C GLN B 276 39.02 -21.07 20.93
N PRO B 277 39.28 -22.29 21.38
CA PRO B 277 38.22 -23.00 22.09
C PRO B 277 37.70 -22.25 23.35
N GLY B 278 36.37 -22.12 23.48
CA GLY B 278 35.76 -21.42 24.63
C GLY B 278 35.81 -19.87 24.55
N GLU B 279 36.39 -19.33 23.49
CA GLU B 279 36.63 -17.88 23.37
C GLU B 279 35.44 -17.19 22.69
N SER B 280 35.17 -15.93 23.05
CA SER B 280 34.18 -15.19 22.31
C SER B 280 34.68 -13.81 21.85
N ARG B 281 33.91 -13.16 20.99
CA ARG B 281 34.22 -11.84 20.46
C ARG B 281 32.87 -11.16 20.41
N ASP B 282 32.83 -9.92 20.87
CA ASP B 282 31.67 -9.04 20.66
C ASP B 282 31.87 -8.13 19.45
N LEU B 283 30.77 -7.96 18.72
CA LEU B 283 30.67 -7.05 17.63
C LEU B 283 29.48 -6.14 17.99
N VAL B 284 29.61 -4.85 17.72
CA VAL B 284 28.52 -3.95 17.98
C VAL B 284 28.09 -3.26 16.68
N TYR B 285 26.81 -3.48 16.33
CA TYR B 285 26.16 -2.92 15.16
C TYR B 285 25.18 -1.85 15.58
N VAL B 286 25.05 -0.80 14.75
CA VAL B 286 24.19 0.32 15.06
C VAL B 286 23.39 0.72 13.81
N LEU B 287 22.06 0.78 13.93
CA LEU B 287 21.21 1.37 12.93
C LEU B 287 20.74 2.67 13.47
N GLY B 288 21.14 3.79 12.88
CA GLY B 288 20.83 5.11 13.44
C GLY B 288 20.11 6.04 12.49
N TYR B 289 19.30 6.93 13.12
CA TYR B 289 18.57 8.01 12.46
C TYR B 289 19.27 9.29 12.83
N LEU B 290 19.76 10.02 11.81
CA LEU B 290 20.54 11.27 12.03
C LEU B 290 19.90 12.39 11.26
N GLU B 291 19.97 13.59 11.81
CA GLU B 291 19.61 14.79 11.05
C GLU B 291 20.75 15.78 11.12
N ASN B 292 20.88 16.61 10.08
CA ASN B 292 21.74 17.79 10.15
C ASN B 292 20.84 19.05 9.99
N PRO B 293 21.18 20.18 10.69
CA PRO B 293 20.64 21.53 10.33
C PRO B 293 20.83 21.78 8.83
N ASP B 294 19.85 22.41 8.17
CA ASP B 294 19.94 22.60 6.70
C ASP B 294 21.30 23.18 6.23
N GLU B 295 21.85 24.09 7.03
CA GLU B 295 23.10 24.76 6.67
C GLU B 295 24.38 23.94 6.91
N GLU B 296 24.24 22.77 7.52
CA GLU B 296 25.34 21.82 7.64
C GLU B 296 25.04 20.46 7.00
N LYS B 297 24.25 20.40 5.94
CA LYS B 297 23.88 19.08 5.37
C LYS B 297 25.04 18.36 4.74
N TRP B 298 25.97 19.12 4.17
CA TRP B 298 26.97 18.56 3.29
C TRP B 298 28.42 18.69 3.74
N ALA B 299 29.24 17.69 3.43
CA ALA B 299 30.66 17.77 3.81
C ALA B 299 31.42 18.60 2.81
N ASP B 300 30.89 18.66 1.58
CA ASP B 300 31.58 19.22 0.40
C ASP B 300 30.84 20.42 -0.19
N ASP B 301 31.57 21.35 -0.81
CA ASP B 301 30.95 22.56 -1.38
C ASP B 301 29.94 22.16 -2.46
N ALA B 302 30.17 21.05 -3.13
CA ALA B 302 29.34 20.65 -4.30
C ALA B 302 28.04 19.91 -3.89
N HIS B 303 27.93 19.60 -2.59
CA HIS B 303 26.70 19.03 -1.98
C HIS B 303 26.42 17.61 -2.49
N GLN B 304 27.41 16.73 -2.46
CA GLN B 304 27.23 15.35 -2.95
C GLN B 304 27.50 14.34 -1.84
N VAL B 305 28.12 14.80 -0.76
CA VAL B 305 28.68 13.95 0.31
C VAL B 305 28.03 14.40 1.62
N VAL B 306 27.32 13.49 2.29
CA VAL B 306 26.58 13.87 3.47
C VAL B 306 27.54 14.18 4.59
N ASN B 307 27.15 15.18 5.38
CA ASN B 307 27.84 15.49 6.64
C ASN B 307 27.62 14.37 7.64
N LYS B 308 28.70 13.67 7.99
CA LYS B 308 28.66 12.48 8.83
C LYS B 308 28.96 12.71 10.34
N ALA B 309 29.22 13.96 10.70
CA ALA B 309 29.49 14.33 12.10
C ALA B 309 28.58 13.66 13.12
N PRO B 310 27.23 13.76 12.93
CA PRO B 310 26.36 13.13 13.95
C PRO B 310 26.43 11.61 14.00
N ALA B 311 26.64 11.00 12.84
CA ALA B 311 26.71 9.57 12.72
C ALA B 311 28.03 9.08 13.36
N HIS B 312 29.13 9.77 13.08
CA HIS B 312 30.43 9.39 13.71
C HIS B 312 30.27 9.43 15.24
N ALA B 313 29.59 10.46 15.73
CA ALA B 313 29.42 10.63 17.18
C ALA B 313 28.63 9.44 17.73
N LEU B 314 27.51 9.15 17.05
CA LEU B 314 26.64 8.06 17.48
C LEU B 314 27.40 6.74 17.53
N LEU B 315 28.14 6.45 16.47
CA LEU B 315 28.93 5.23 16.38
C LEU B 315 30.03 5.19 17.45
N GLY B 316 30.63 6.36 17.72
CA GLY B 316 31.53 6.45 18.90
C GLY B 316 30.84 6.29 20.25
N ARG B 317 29.53 6.55 20.32
CA ARG B 317 28.78 6.32 21.58
C ARG B 317 28.53 4.83 21.82
N PHE B 318 28.66 4.04 20.78
CA PHE B 318 28.53 2.59 20.92
C PHE B 318 29.70 1.86 20.26
N ALA B 319 30.91 2.38 20.47
CA ALA B 319 32.11 1.77 19.92
C ALA B 319 32.55 0.58 20.74
N THR B 320 32.21 0.52 22.02
CA THR B 320 32.69 -0.63 22.82
C THR B 320 31.56 -1.41 23.50
N SER B 321 31.85 -2.65 23.89
CA SER B 321 30.90 -3.42 24.69
C SER B 321 30.52 -2.74 25.95
N GLU B 322 31.47 -2.11 26.62
CA GLU B 322 31.23 -1.45 27.89
C GLU B 322 30.09 -0.41 27.80
N GLN B 323 30.11 0.42 26.74
CA GLN B 323 29.15 1.46 26.50
C GLN B 323 27.79 0.86 26.28
N VAL B 324 27.78 -0.32 25.64
CA VAL B 324 26.52 -0.97 25.36
C VAL B 324 25.95 -1.45 26.67
N ASP B 325 26.80 -2.04 27.48
CA ASP B 325 26.39 -2.60 28.74
C ASP B 325 25.89 -1.53 29.71
N ALA B 326 26.53 -0.35 29.67
CA ALA B 326 26.15 0.71 30.58
C ALA B 326 24.78 1.23 30.18
N ALA B 327 24.50 1.27 28.88
CA ALA B 327 23.23 1.77 28.42
C ALA B 327 22.09 0.76 28.65
N LEU B 328 22.41 -0.52 28.61
CA LEU B 328 21.42 -1.53 28.95
C LEU B 328 21.10 -1.44 30.46
N GLU B 329 22.14 -1.19 31.27
CA GLU B 329 21.91 -1.01 32.70
C GLU B 329 21.04 0.22 33.01
N ALA B 330 21.22 1.33 32.29
CA ALA B 330 20.42 2.52 32.50
C ALA B 330 18.97 2.28 32.04
N LEU B 331 18.81 1.50 30.97
CA LEU B 331 17.52 1.05 30.54
C LEU B 331 16.85 0.15 31.63
N ASN B 332 17.58 -0.77 32.22
CA ASN B 332 17.03 -1.56 33.33
C ASN B 332 16.59 -0.65 34.49
N SER B 333 17.40 0.38 34.80
CA SER B 333 17.11 1.25 35.91
C SER B 333 15.94 2.13 35.62
N TYR B 334 15.76 2.50 34.36
CA TYR B 334 14.62 3.29 33.97
C TYR B 334 13.35 2.48 34.14
N TRP B 335 13.34 1.21 33.72
CA TRP B 335 12.17 0.35 33.96
C TRP B 335 11.83 0.09 35.43
N THR B 336 12.84 -0.22 36.24
CA THR B 336 12.62 -0.38 37.69
C THR B 336 11.91 0.83 38.28
N ASN B 337 12.37 2.02 37.85
CA ASN B 337 11.83 3.22 38.34
C ASN B 337 10.39 3.46 37.82
N LEU B 338 10.11 3.23 36.53
CA LEU B 338 8.74 3.33 36.03
C LEU B 338 7.83 2.36 36.79
N LEU B 339 8.33 1.17 37.05
CA LEU B 339 7.51 0.16 37.66
C LEU B 339 7.40 0.30 39.19
N SER B 340 8.02 1.33 39.79
CA SER B 340 8.03 1.44 41.25
C SER B 340 6.76 2.09 41.79
N THR B 341 5.94 2.66 40.91
CA THR B 341 4.70 3.37 41.32
C THR B 341 3.56 2.49 41.73
N TYR B 342 3.30 1.41 40.99
CA TYR B 342 2.31 0.44 41.40
C TYR B 342 2.84 -0.99 41.39
N SER B 343 2.81 -1.66 42.55
CA SER B 343 3.12 -3.09 42.60
C SER B 343 2.20 -3.85 43.52
N VAL B 344 2.08 -5.14 43.28
CA VAL B 344 1.30 -6.01 44.13
C VAL B 344 2.13 -7.24 44.53
N SER B 345 1.90 -7.73 45.74
CA SER B 345 2.42 -9.05 46.07
C SER B 345 1.23 -9.85 46.63
N SER B 346 0.91 -10.98 45.99
CA SER B 346 -0.29 -11.73 46.32
C SER B 346 -0.01 -13.21 46.29
N THR B 347 -1.05 -14.01 46.43
CA THR B 347 -0.90 -15.45 46.37
C THR B 347 -1.01 -15.95 44.92
N ASP B 348 -1.26 -15.01 43.99
CA ASP B 348 -1.49 -15.38 42.59
C ASP B 348 -0.36 -14.79 41.73
N GLU B 349 0.53 -15.66 41.29
CA GLU B 349 1.73 -15.20 40.63
C GLU B 349 1.47 -14.80 39.17
N LYS B 350 0.35 -15.28 38.61
CA LYS B 350 -0.08 -14.85 37.27
C LYS B 350 -0.63 -13.43 37.37
N LEU B 351 -1.45 -13.20 38.39
CA LEU B 351 -1.91 -11.84 38.67
C LEU B 351 -0.73 -10.91 38.87
N ASP B 352 0.22 -11.32 39.71
CA ASP B 352 1.40 -10.50 40.00
C ASP B 352 2.22 -10.09 38.78
N ARG B 353 2.55 -11.05 37.93
CA ARG B 353 3.38 -10.75 36.77
C ARG B 353 2.62 -9.81 35.81
N MET B 354 1.29 -9.96 35.75
CA MET B 354 0.49 -9.05 34.92
C MET B 354 0.56 -7.65 35.43
N VAL B 355 0.30 -7.47 36.71
CA VAL B 355 0.20 -6.14 37.28
C VAL B 355 1.55 -5.56 37.41
N ASN B 356 2.53 -6.37 37.81
CA ASN B 356 3.81 -5.74 38.12
C ASN B 356 4.64 -5.40 36.93
N ILE B 357 4.47 -6.16 35.84
CA ILE B 357 5.39 -6.04 34.68
C ILE B 357 4.66 -5.86 33.35
N TRP B 358 3.96 -6.91 32.87
CA TRP B 358 3.51 -6.94 31.50
C TRP B 358 2.41 -5.95 31.12
N ASN B 359 1.40 -5.78 31.95
CA ASN B 359 0.31 -4.89 31.61
C ASN B 359 0.84 -3.41 31.63
N GLN B 360 1.73 -3.08 32.55
CA GLN B 360 2.35 -1.73 32.54
C GLN B 360 3.26 -1.48 31.33
N TYR B 361 4.12 -2.45 31.03
CA TYR B 361 4.97 -2.40 29.81
C TYR B 361 4.09 -2.22 28.56
N GLN B 362 3.00 -2.97 28.42
CA GLN B 362 2.12 -2.81 27.24
C GLN B 362 1.49 -1.39 27.15
N CYS B 363 1.11 -0.88 28.34
CA CYS B 363 0.57 0.47 28.46
C CYS B 363 1.50 1.56 27.97
N MET B 364 2.81 1.39 28.21
CA MET B 364 3.82 2.28 27.69
C MET B 364 3.82 2.28 26.14
N VAL B 365 3.70 1.08 25.58
CA VAL B 365 3.72 0.86 24.11
C VAL B 365 2.49 1.43 23.47
N THR B 366 1.31 1.19 24.07
CA THR B 366 0.11 1.77 23.50
C THR B 366 0.18 3.29 23.63
N PHE B 367 0.66 3.82 24.76
CA PHE B 367 0.88 5.27 24.84
C PHE B 367 1.71 5.76 23.67
N ASN B 368 2.81 5.10 23.37
CA ASN B 368 3.64 5.53 22.28
C ASN B 368 3.10 5.26 20.86
N MET B 369 2.48 4.11 20.63
CA MET B 369 2.09 3.76 19.26
C MET B 369 0.66 4.03 18.89
N SER B 370 -0.20 4.28 19.89
CA SER B 370 -1.66 4.29 19.68
C SER B 370 -2.14 2.96 18.99
N ARG B 371 -2.67 3.02 17.77
CA ARG B 371 -2.99 1.78 17.04
C ARG B 371 -2.29 1.77 15.70
N SER B 372 -1.15 2.41 15.60
CA SER B 372 -0.57 2.71 14.29
C SER B 372 0.17 1.56 13.64
N ALA B 373 0.99 0.84 14.40
CA ALA B 373 1.99 -0.05 13.82
C ALA B 373 2.33 -1.23 14.69
N SER B 374 1.95 -2.44 14.25
CA SER B 374 2.25 -3.72 14.91
C SER B 374 2.58 -4.72 13.83
N PHE B 375 2.41 -6.02 14.11
CA PHE B 375 2.42 -7.03 13.03
C PHE B 375 1.05 -7.24 12.38
N PHE B 376 0.07 -6.41 12.78
CA PHE B 376 -1.24 -6.37 12.13
C PHE B 376 -1.61 -4.99 11.63
N GLU B 377 -1.39 -3.98 12.44
CA GLU B 377 -1.58 -2.60 11.98
C GLU B 377 -0.37 -2.26 11.17
N THR B 378 -0.56 -1.72 9.96
CA THR B 378 0.54 -1.58 9.00
C THR B 378 1.37 -0.31 9.05
N GLY B 379 1.12 0.57 9.98
CA GLY B 379 1.90 1.81 10.06
C GLY B 379 1.73 2.67 8.80
N ILE B 380 0.52 2.68 8.24
CA ILE B 380 0.16 3.57 7.13
C ILE B 380 -1.03 4.48 7.51
N GLY B 381 -2.26 3.97 7.46
CA GLY B 381 -3.47 4.78 7.67
C GLY B 381 -3.79 5.26 9.11
N ARG B 382 -3.34 4.49 10.11
CA ARG B 382 -3.69 4.75 11.53
C ARG B 382 -2.62 5.63 12.11
N GLY B 383 -2.99 6.83 12.56
CA GLY B 383 -2.06 7.70 13.28
C GLY B 383 -2.29 7.58 14.79
N MET B 384 -2.63 8.69 15.45
CA MET B 384 -2.87 8.72 16.90
C MET B 384 -4.36 8.98 17.10
N GLY B 385 -5.10 7.94 17.52
CA GLY B 385 -6.53 8.02 17.54
C GLY B 385 -6.87 8.93 18.68
N PHE B 386 -7.79 9.86 18.46
CA PHE B 386 -8.38 10.70 19.52
C PHE B 386 -8.91 9.88 20.70
N ARG B 387 -9.87 9.01 20.39
CA ARG B 387 -10.51 8.10 21.34
C ARG B 387 -9.50 7.14 21.96
N ASP B 388 -8.58 6.66 21.14
CA ASP B 388 -7.70 5.58 21.53
C ASP B 388 -6.64 6.12 22.47
N SER B 389 -6.10 7.31 22.19
CA SER B 389 -4.99 7.82 23.01
C SER B 389 -5.49 8.45 24.29
N ASN B 390 -6.74 8.89 24.31
CA ASN B 390 -7.32 9.40 25.51
C ASN B 390 -7.48 8.25 26.48
N GLN B 391 -7.97 7.11 26.00
CA GLN B 391 -8.18 5.95 26.84
C GLN B 391 -6.83 5.34 27.22
N ASP B 392 -5.83 5.46 26.34
CA ASP B 392 -4.51 4.92 26.70
C ASP B 392 -3.97 5.64 27.94
N LEU B 393 -4.26 6.94 28.04
CA LEU B 393 -3.86 7.73 29.21
C LEU B 393 -4.29 7.11 30.55
N LEU B 394 -5.42 6.41 30.53
CA LEU B 394 -5.98 5.85 31.78
C LEU B 394 -5.06 4.84 32.42
N GLY B 395 -4.29 4.13 31.60
CA GLY B 395 -3.38 3.11 32.07
C GLY B 395 -1.95 3.61 32.14
N PHE B 396 -1.72 4.87 31.75
CA PHE B 396 -0.39 5.40 31.61
C PHE B 396 -0.09 6.54 32.60
N VAL B 397 -1.12 7.27 33.09
CA VAL B 397 -0.84 8.51 33.84
C VAL B 397 0.03 8.28 35.10
N HIS B 398 -0.04 7.07 35.67
CA HIS B 398 0.73 6.74 36.85
C HIS B 398 2.19 6.44 36.46
N LEU B 399 2.45 6.04 35.19
CA LEU B 399 3.84 5.76 34.77
C LEU B 399 4.71 7.00 34.63
N ILE B 400 4.31 7.93 33.76
CA ILE B 400 5.05 9.17 33.55
C ILE B 400 4.04 10.30 33.36
N PRO B 401 3.55 10.89 34.48
CA PRO B 401 2.55 11.96 34.42
C PRO B 401 2.93 13.12 33.48
N GLU B 402 4.21 13.49 33.44
CA GLU B 402 4.61 14.65 32.64
C GLU B 402 4.40 14.34 31.18
N ARG B 403 4.60 13.09 30.79
CA ARG B 403 4.40 12.81 29.36
C ARG B 403 2.93 12.74 29.03
N ALA B 404 2.13 12.24 29.98
CA ALA B 404 0.68 12.19 29.87
C ALA B 404 0.13 13.59 29.73
N ARG B 405 0.70 14.50 30.52
CA ARG B 405 0.32 15.91 30.51
C ARG B 405 0.40 16.51 29.09
N GLU B 406 1.59 16.40 28.51
CA GLU B 406 1.85 16.85 27.14
C GLU B 406 0.96 16.20 26.10
N ARG B 407 0.66 14.90 26.27
CA ARG B 407 -0.21 14.16 25.35
C ARG B 407 -1.63 14.74 25.39
N ILE B 408 -2.13 15.04 26.58
CA ILE B 408 -3.42 15.73 26.72
C ILE B 408 -3.44 17.02 25.87
N ILE B 409 -2.43 17.88 25.97
CA ILE B 409 -2.37 19.13 25.15
C ILE B 409 -2.36 18.86 23.61
N ASP B 410 -1.51 17.92 23.18
CA ASP B 410 -1.42 17.48 21.79
C ASP B 410 -2.78 17.03 21.29
N ILE B 411 -3.44 16.14 22.06
CA ILE B 411 -4.76 15.57 21.69
C ILE B 411 -5.81 16.66 21.55
N ALA B 412 -5.92 17.52 22.61
CA ALA B 412 -6.93 18.59 22.72
C ALA B 412 -6.76 19.64 21.63
N SER B 413 -5.52 19.78 21.17
CA SER B 413 -5.21 20.67 20.07
C SER B 413 -5.81 20.26 18.74
N THR B 414 -6.27 19.01 18.63
CA THR B 414 -6.82 18.53 17.36
C THR B 414 -8.36 18.56 17.46
N GLN B 415 -8.87 19.20 18.53
CA GLN B 415 -10.29 19.43 18.67
C GLN B 415 -10.74 20.73 17.97
N PHE B 416 -11.96 20.73 17.47
CA PHE B 416 -12.54 21.85 16.80
C PHE B 416 -13.29 22.72 17.82
N ALA B 417 -13.47 23.99 17.47
CA ALA B 417 -14.16 25.00 18.32
C ALA B 417 -15.54 24.55 18.74
N ASP B 418 -16.19 23.74 17.93
CA ASP B 418 -17.52 23.28 18.36
C ASP B 418 -17.49 22.00 19.23
N GLY B 419 -16.31 21.57 19.69
CA GLY B 419 -16.23 20.42 20.60
C GLY B 419 -16.06 19.05 19.97
N SER B 420 -16.42 18.91 18.70
CA SER B 420 -16.07 17.68 18.01
C SER B 420 -14.58 17.75 17.70
N ALA B 421 -14.07 16.65 17.14
CA ALA B 421 -12.63 16.53 17.00
C ALA B 421 -12.23 15.77 15.74
N TYR B 422 -10.98 15.98 15.31
CA TYR B 422 -10.38 15.05 14.37
C TYR B 422 -10.29 13.67 15.02
N HIS B 423 -10.71 12.65 14.31
CA HIS B 423 -10.80 11.31 14.86
C HIS B 423 -9.39 10.71 15.12
N GLN B 424 -8.36 11.23 14.44
CA GLN B 424 -6.96 10.89 14.71
C GLN B 424 -5.99 11.97 14.21
N TYR B 425 -4.74 11.86 14.61
CA TYR B 425 -3.71 12.80 14.11
C TYR B 425 -2.44 12.10 13.67
N GLN B 426 -1.70 12.77 12.82
CA GLN B 426 -0.46 12.27 12.24
C GLN B 426 0.68 12.37 13.29
N PRO B 427 1.27 11.21 13.72
CA PRO B 427 2.32 11.32 14.79
C PRO B 427 3.43 12.37 14.49
N LEU B 428 3.98 12.35 13.28
CA LEU B 428 5.02 13.31 12.95
C LEU B 428 4.64 14.78 13.13
N THR B 429 3.42 15.14 12.74
CA THR B 429 3.07 16.55 12.60
C THR B 429 2.15 17.00 13.73
N LYS B 430 1.52 16.06 14.42
CA LYS B 430 0.54 16.37 15.46
C LYS B 430 -0.77 17.02 14.93
N ARG B 431 -1.00 16.94 13.62
CA ARG B 431 -2.16 17.56 12.98
C ARG B 431 -3.24 16.50 12.75
N GLY B 432 -4.50 16.84 13.04
CA GLY B 432 -5.62 15.96 12.77
C GLY B 432 -5.78 15.65 11.28
N ASN B 433 -6.35 14.49 10.96
CA ASN B 433 -6.75 14.19 9.59
C ASN B 433 -7.99 13.30 9.66
N ASN B 434 -8.63 13.15 8.50
CA ASN B 434 -9.86 12.44 8.34
C ASN B 434 -9.66 11.09 7.67
N ASP B 435 -8.43 10.62 7.63
CA ASP B 435 -8.12 9.47 6.82
C ASP B 435 -8.91 8.17 7.20
N ILE B 436 -9.42 8.07 8.43
CA ILE B 436 -10.19 6.87 8.80
C ILE B 436 -11.59 7.29 9.35
N GLY B 437 -12.10 8.43 8.83
CA GLY B 437 -13.45 8.97 9.19
C GLY B 437 -13.51 10.24 10.06
N SER B 438 -14.67 10.92 10.05
CA SER B 438 -14.87 12.08 10.91
C SER B 438 -16.25 12.00 11.56
N GLY B 439 -16.53 12.87 12.51
CA GLY B 439 -17.87 12.94 13.09
C GLY B 439 -18.29 11.75 13.93
N PHE B 440 -17.38 11.16 14.72
CA PHE B 440 -17.67 10.07 15.67
C PHE B 440 -18.07 10.73 16.99
N ASN B 441 -19.34 10.58 17.35
CA ASN B 441 -19.90 11.44 18.38
C ASN B 441 -19.49 11.06 19.81
N ASP B 442 -18.91 9.87 20.02
CA ASP B 442 -18.30 9.55 21.33
C ASP B 442 -16.95 10.25 21.57
N ASP B 443 -16.26 10.65 20.52
CA ASP B 443 -14.90 11.15 20.62
C ASP B 443 -14.75 12.28 21.63
N PRO B 444 -15.61 13.31 21.59
CA PRO B 444 -15.29 14.45 22.45
C PRO B 444 -15.31 14.15 23.96
N LEU B 445 -16.16 13.24 24.46
CA LEU B 445 -16.15 13.00 25.93
C LEU B 445 -14.91 12.23 26.39
N TRP B 446 -14.19 11.59 25.47
CA TRP B 446 -12.97 10.88 25.93
C TRP B 446 -11.93 11.86 26.39
N LEU B 447 -11.99 13.10 25.88
CA LEU B 447 -11.04 14.11 26.38
C LEU B 447 -11.24 14.40 27.89
N ILE B 448 -12.50 14.46 28.32
CA ILE B 448 -12.81 14.58 29.74
C ILE B 448 -12.26 13.40 30.56
N ALA B 449 -12.46 12.18 30.06
CA ALA B 449 -12.02 10.98 30.72
C ALA B 449 -10.54 11.03 31.05
N GLY B 450 -9.76 11.43 30.05
CA GLY B 450 -8.34 11.44 30.16
C GLY B 450 -7.83 12.54 31.10
N VAL B 451 -8.49 13.69 31.11
CA VAL B 451 -8.04 14.79 31.92
C VAL B 451 -8.40 14.50 33.37
N ALA B 452 -9.60 13.96 33.60
CA ALA B 452 -10.00 13.59 34.94
C ALA B 452 -9.02 12.55 35.47
N ALA B 453 -8.71 11.50 34.70
CA ALA B 453 -7.79 10.47 35.21
C ALA B 453 -6.43 11.08 35.52
N TYR B 454 -6.01 12.07 34.74
CA TYR B 454 -4.75 12.72 34.98
C TYR B 454 -4.72 13.60 36.27
N ILE B 455 -5.78 14.35 36.51
CA ILE B 455 -5.86 15.20 37.67
C ILE B 455 -6.00 14.37 38.97
N LYS B 456 -6.85 13.33 38.92
CA LYS B 456 -6.91 12.39 40.05
C LYS B 456 -5.52 11.85 40.40
N GLU B 457 -4.76 11.40 39.38
CA GLU B 457 -3.38 10.91 39.57
C GLU B 457 -2.42 11.94 40.15
N SER B 458 -2.35 13.11 39.51
CA SER B 458 -1.26 14.01 39.76
C SER B 458 -1.63 15.16 40.68
N GLY B 459 -2.93 15.48 40.76
CA GLY B 459 -3.39 16.67 41.43
C GLY B 459 -2.93 17.92 40.70
N ASP B 460 -2.61 17.81 39.42
CA ASP B 460 -2.16 18.98 38.64
C ASP B 460 -3.35 19.79 38.06
N TRP B 461 -4.04 20.52 38.96
CA TRP B 461 -5.23 21.32 38.60
C TRP B 461 -4.88 22.37 37.58
N GLY B 462 -3.58 22.60 37.40
CA GLY B 462 -3.18 23.79 36.69
C GLY B 462 -3.16 23.51 35.24
N ILE B 463 -3.32 22.25 34.87
CA ILE B 463 -3.34 21.87 33.47
C ILE B 463 -4.61 22.43 32.85
N LEU B 464 -5.64 22.54 33.67
CA LEU B 464 -6.92 23.12 33.20
C LEU B 464 -6.82 24.56 32.70
N ASP B 465 -5.81 25.29 33.13
CA ASP B 465 -5.55 26.63 32.65
C ASP B 465 -4.61 26.61 31.45
N GLU B 466 -4.04 25.46 31.09
CA GLU B 466 -3.09 25.48 29.97
C GLU B 466 -3.83 26.02 28.74
N PRO B 467 -3.25 27.00 28.04
CA PRO B 467 -3.81 27.53 26.79
C PRO B 467 -3.68 26.50 25.67
N VAL B 468 -4.77 26.24 24.97
CA VAL B 468 -4.79 25.17 23.98
C VAL B 468 -5.59 25.57 22.74
N PRO B 469 -4.96 25.49 21.55
CA PRO B 469 -5.60 25.97 20.33
C PRO B 469 -6.75 25.04 19.92
N PHE B 470 -7.62 25.47 18.99
CA PHE B 470 -8.50 24.58 18.23
C PHE B 470 -7.90 24.31 16.89
N ASP B 471 -7.78 23.03 16.57
CA ASP B 471 -7.22 22.59 15.32
C ASP B 471 -5.88 23.28 14.97
N ASN B 472 -4.97 23.30 15.95
CA ASN B 472 -3.64 23.95 15.91
C ASN B 472 -3.59 25.37 15.39
N GLU B 473 -4.69 26.10 15.47
CA GLU B 473 -4.80 27.44 14.89
C GLU B 473 -4.09 28.49 15.76
N PRO B 474 -3.12 29.25 15.18
CA PRO B 474 -2.47 30.31 16.01
C PRO B 474 -3.55 31.32 16.47
N GLY B 475 -3.51 31.78 17.72
CA GLY B 475 -4.53 32.72 18.26
C GLY B 475 -5.92 32.19 18.61
N SER B 476 -6.13 30.89 18.43
CA SER B 476 -7.41 30.31 18.84
C SER B 476 -7.38 29.79 20.29
N GLU B 477 -6.27 29.98 21.03
CA GLU B 477 -6.11 29.41 22.38
C GLU B 477 -7.16 29.81 23.40
N VAL B 478 -7.67 28.80 24.11
CA VAL B 478 -8.49 28.96 25.28
C VAL B 478 -7.95 27.99 26.36
N PRO B 479 -8.37 28.16 27.61
CA PRO B 479 -7.84 27.18 28.58
C PRO B 479 -8.30 25.73 28.27
N LEU B 480 -7.44 24.75 28.48
CA LEU B 480 -7.89 23.33 28.46
C LEU B 480 -9.32 23.11 29.02
N PHE B 481 -9.67 23.80 30.10
CA PHE B 481 -10.98 23.63 30.71
C PHE B 481 -12.12 23.98 29.74
N GLU B 482 -11.92 25.04 28.95
CA GLU B 482 -12.89 25.43 27.97
C GLU B 482 -13.04 24.36 26.88
N HIS B 483 -11.94 23.70 26.54
CA HIS B 483 -12.05 22.56 25.63
C HIS B 483 -13.00 21.53 26.24
N LEU B 484 -12.98 21.33 27.55
CA LEU B 484 -13.79 20.25 28.18
C LEU B 484 -15.22 20.69 28.21
N THR B 485 -15.45 21.98 28.28
CA THR B 485 -16.85 22.45 28.21
C THR B 485 -17.37 22.36 26.76
N ARG B 486 -16.51 22.58 25.76
CA ARG B 486 -16.96 22.34 24.38
C ARG B 486 -17.32 20.85 24.15
N SER B 487 -16.54 19.95 24.70
CA SER B 487 -16.86 18.50 24.72
C SER B 487 -18.22 18.21 25.35
N PHE B 488 -18.43 18.80 26.51
CA PHE B 488 -19.58 18.48 27.31
C PHE B 488 -20.80 19.05 26.64
N GLN B 489 -20.65 20.27 26.12
CA GLN B 489 -21.77 20.97 25.45
C GLN B 489 -22.08 20.35 24.11
N PHE B 490 -21.09 19.72 23.45
CA PHE B 490 -21.37 18.96 22.26
C PHE B 490 -22.42 17.86 22.46
N THR B 491 -22.34 17.13 23.55
CA THR B 491 -23.35 16.13 23.78
C THR B 491 -24.70 16.78 24.17
N VAL B 492 -24.71 17.74 25.10
CA VAL B 492 -25.98 18.32 25.51
C VAL B 492 -26.75 18.88 24.34
N GLN B 493 -26.03 19.44 23.36
CA GLN B 493 -26.67 20.10 22.24
C GLN B 493 -26.91 19.19 21.03
N ASN B 494 -26.60 17.89 21.16
CA ASN B 494 -26.72 16.86 20.06
C ASN B 494 -27.36 15.58 20.59
N ARG B 495 -28.55 15.80 21.16
CA ARG B 495 -29.44 14.74 21.60
C ARG B 495 -30.64 14.59 20.65
N GLY B 496 -31.21 13.40 20.60
CA GLY B 496 -32.27 13.13 19.68
C GLY B 496 -33.60 13.08 20.41
N PRO B 497 -34.60 12.43 19.82
CA PRO B 497 -35.99 12.46 20.30
C PRO B 497 -36.22 11.77 21.63
N HIS B 498 -35.38 10.79 21.99
CA HIS B 498 -35.53 10.18 23.31
C HIS B 498 -34.66 10.88 24.36
N GLY B 499 -34.06 12.02 24.03
CA GLY B 499 -33.12 12.54 24.98
C GLY B 499 -31.75 11.81 25.04
N LEU B 500 -31.46 10.93 24.11
CA LEU B 500 -30.16 10.25 24.09
C LEU B 500 -29.30 10.94 23.04
N PRO B 501 -27.96 10.85 23.20
CA PRO B 501 -27.11 11.60 22.25
C PRO B 501 -27.10 10.99 20.86
N LEU B 502 -27.15 11.83 19.84
CA LEU B 502 -27.05 11.41 18.44
C LEU B 502 -25.71 10.71 18.24
N ILE B 503 -25.71 9.69 17.42
CA ILE B 503 -24.55 8.86 17.30
C ILE B 503 -23.53 9.36 16.29
N GLY B 504 -23.96 10.05 15.23
CA GLY B 504 -23.09 10.42 14.08
C GLY B 504 -22.55 9.19 13.30
N ARG B 505 -21.31 9.29 12.82
CA ARG B 505 -20.72 8.24 11.99
C ARG B 505 -20.75 6.88 12.75
N ALA B 506 -20.36 6.92 14.02
CA ALA B 506 -20.41 5.77 14.92
C ALA B 506 -20.13 6.29 16.31
N ASP B 507 -20.41 5.48 17.33
CA ASP B 507 -19.91 5.74 18.68
C ASP B 507 -18.60 4.94 18.91
N TRP B 508 -18.31 4.53 20.15
CA TRP B 508 -17.15 3.70 20.47
C TRP B 508 -17.03 2.57 19.45
N ASN B 509 -18.15 1.98 19.06
CA ASN B 509 -18.13 0.88 18.13
C ASN B 509 -18.04 1.48 16.74
N ASP B 510 -16.85 1.42 16.12
CA ASP B 510 -16.61 1.97 14.77
C ASP B 510 -17.52 1.38 13.67
N CYS B 511 -18.11 0.22 13.92
CA CYS B 511 -18.86 -0.51 12.89
C CYS B 511 -20.36 -0.36 13.01
N LEU B 512 -20.80 0.39 14.03
CA LEU B 512 -22.21 0.77 14.14
C LEU B 512 -22.42 2.10 13.39
N ASN B 513 -22.65 1.99 12.07
CA ASN B 513 -22.83 3.16 11.20
C ASN B 513 -24.27 3.26 10.79
N LEU B 514 -25.03 4.00 11.59
CA LEU B 514 -26.48 4.15 11.45
C LEU B 514 -26.90 5.21 10.41
N ASN B 515 -25.94 6.03 9.99
CA ASN B 515 -26.21 7.11 9.02
C ASN B 515 -25.55 6.78 7.67
N CYS B 516 -25.57 5.50 7.32
CA CYS B 516 -24.65 5.01 6.29
C CYS B 516 -25.40 4.49 5.06
N PHE B 517 -26.14 3.39 5.21
CA PHE B 517 -26.88 2.78 4.10
C PHE B 517 -26.08 2.64 2.81
N SER B 518 -24.86 2.10 2.91
CA SER B 518 -23.99 1.93 1.76
C SER B 518 -24.29 0.64 0.97
N THR B 519 -24.46 0.78 -0.36
CA THR B 519 -24.66 -0.39 -1.24
C THR B 519 -23.48 -0.54 -2.23
N THR B 520 -22.52 0.37 -2.13
CA THR B 520 -21.36 0.46 -3.01
C THR B 520 -20.18 -0.30 -2.45
N PRO B 521 -19.74 -1.33 -3.14
CA PRO B 521 -18.55 -2.03 -2.70
C PRO B 521 -17.26 -1.23 -2.72
N GLY B 522 -16.33 -1.63 -1.87
CA GLY B 522 -14.96 -1.10 -1.91
C GLY B 522 -14.72 0.32 -1.39
N GLU B 523 -15.76 1.07 -1.03
CA GLU B 523 -15.48 2.23 -0.16
C GLU B 523 -15.68 1.91 1.33
N SER B 524 -14.63 2.20 2.07
CA SER B 524 -14.57 1.94 3.47
C SER B 524 -15.83 2.54 4.15
N PHE B 525 -16.52 1.75 4.98
CA PHE B 525 -17.52 2.32 5.88
C PHE B 525 -16.91 3.42 6.75
N GLN B 526 -15.65 3.31 7.14
CA GLN B 526 -15.09 4.31 8.06
C GLN B 526 -15.12 5.70 7.49
N THR B 527 -15.06 5.78 6.16
CA THR B 527 -14.65 6.96 5.44
C THR B 527 -15.77 7.38 4.47
N THR B 528 -16.72 6.49 4.19
CA THR B 528 -17.76 6.79 3.20
C THR B 528 -18.74 7.94 3.66
N GLU B 529 -19.30 8.68 2.71
CA GLU B 529 -20.20 9.80 3.04
C GLU B 529 -21.46 9.37 3.83
N ASN B 530 -21.80 10.11 4.87
CA ASN B 530 -22.95 9.74 5.65
C ASN B 530 -24.21 10.52 5.25
N GLN B 531 -25.38 9.95 5.51
CA GLN B 531 -26.67 10.61 5.27
C GLN B 531 -26.93 11.63 6.38
N ALA B 532 -27.25 12.85 5.99
CA ALA B 532 -27.87 13.82 6.89
C ALA B 532 -29.30 13.37 7.30
N GLY B 533 -29.79 13.96 8.39
CA GLY B 533 -31.19 13.76 8.82
C GLY B 533 -31.32 12.55 9.76
N GLY B 534 -32.51 11.97 9.83
CA GLY B 534 -32.73 10.86 10.73
C GLY B 534 -32.63 11.18 12.20
N VAL B 535 -32.83 10.16 13.04
CA VAL B 535 -32.94 10.34 14.50
C VAL B 535 -32.08 9.38 15.28
N ALA B 536 -30.93 8.97 14.67
CA ALA B 536 -30.09 7.89 15.22
C ALA B 536 -29.44 8.26 16.54
N GLU B 537 -29.70 7.45 17.56
CA GLU B 537 -29.22 7.73 18.92
C GLU B 537 -28.38 6.60 19.50
N SER B 538 -27.43 6.94 20.35
CA SER B 538 -26.61 5.92 20.97
C SER B 538 -26.83 5.79 22.49
N VAL B 539 -27.18 4.58 22.92
CA VAL B 539 -27.24 4.31 24.35
C VAL B 539 -25.85 4.32 24.97
N PHE B 540 -24.84 3.91 24.18
CA PHE B 540 -23.49 3.95 24.69
C PHE B 540 -23.07 5.37 25.05
N ILE B 541 -23.17 6.30 24.08
CA ILE B 541 -22.80 7.69 24.39
C ILE B 541 -23.53 8.24 25.63
N ALA B 542 -24.79 7.88 25.78
CA ALA B 542 -25.57 8.26 26.94
C ALA B 542 -24.91 7.84 28.23
N ALA B 543 -24.53 6.56 28.34
CA ALA B 543 -23.81 6.08 29.53
C ALA B 543 -22.46 6.78 29.72
N GLN B 544 -21.77 7.04 28.61
CA GLN B 544 -20.50 7.79 28.59
C GLN B 544 -20.67 9.20 29.16
N PHE B 545 -21.79 9.82 28.81
CA PHE B 545 -22.10 11.18 29.22
C PHE B 545 -22.44 11.24 30.71
N VAL B 546 -23.23 10.26 31.17
CA VAL B 546 -23.51 10.15 32.60
C VAL B 546 -22.22 10.04 33.43
N LEU B 547 -21.31 9.17 33.03
CA LEU B 547 -20.04 8.95 33.72
C LEU B 547 -19.12 10.18 33.68
N TYR B 548 -18.82 10.64 32.47
CA TYR B 548 -17.87 11.74 32.28
C TYR B 548 -18.47 13.15 32.41
N GLY B 549 -19.79 13.30 32.19
CA GLY B 549 -20.46 14.56 32.58
C GLY B 549 -20.26 14.84 34.06
N ALA B 550 -20.32 13.80 34.86
CA ALA B 550 -20.23 13.98 36.27
C ALA B 550 -18.87 14.44 36.63
N GLU B 551 -17.87 13.92 35.88
CA GLU B 551 -16.47 14.27 36.10
C GLU B 551 -16.25 15.71 35.71
N TYR B 552 -16.82 16.10 34.58
CA TYR B 552 -16.77 17.48 34.15
C TYR B 552 -17.35 18.39 35.27
N ALA B 553 -18.52 18.01 35.78
CA ALA B 553 -19.13 18.85 36.81
C ALA B 553 -18.20 19.05 37.99
N THR B 554 -17.49 17.99 38.38
CA THR B 554 -16.58 18.05 39.51
C THR B 554 -15.43 19.01 39.15
N LEU B 555 -14.85 18.88 37.97
CA LEU B 555 -13.83 19.81 37.57
C LEU B 555 -14.34 21.25 37.63
N ALA B 556 -15.60 21.48 37.25
CA ALA B 556 -16.15 22.84 37.27
C ALA B 556 -16.32 23.31 38.72
N GLU B 557 -16.75 22.41 39.58
CA GLU B 557 -16.94 22.71 40.99
C GLU B 557 -15.63 23.11 41.62
N ARG B 558 -14.56 22.37 41.37
CA ARG B 558 -13.27 22.77 41.91
C ARG B 558 -12.83 24.14 41.45
N ARG B 559 -13.16 24.52 40.21
CA ARG B 559 -12.81 25.85 39.69
C ARG B 559 -13.78 26.97 40.16
N GLY B 560 -14.75 26.61 41.00
CA GLY B 560 -15.69 27.56 41.56
C GLY B 560 -16.78 28.03 40.60
N LEU B 561 -17.14 27.16 39.65
CA LEU B 561 -18.15 27.45 38.64
C LEU B 561 -19.46 26.75 39.02
N ALA B 562 -20.14 27.30 40.00
CA ALA B 562 -21.31 26.68 40.60
C ALA B 562 -22.57 26.69 39.66
N ASP B 563 -22.78 27.82 39.01
CA ASP B 563 -23.62 27.96 37.82
C ASP B 563 -23.37 26.76 36.83
N VAL B 564 -22.15 26.66 36.30
CA VAL B 564 -21.82 25.65 35.30
C VAL B 564 -22.05 24.24 35.82
N ALA B 565 -21.55 23.97 37.00
CA ALA B 565 -21.64 22.67 37.59
C ALA B 565 -23.07 22.23 37.84
N THR B 566 -23.90 23.16 38.33
CA THR B 566 -25.32 22.85 38.61
C THR B 566 -26.08 22.47 37.36
N GLU B 567 -25.94 23.29 36.34
CA GLU B 567 -26.51 23.04 35.04
C GLU B 567 -26.00 21.65 34.54
N ALA B 568 -24.70 21.39 34.70
CA ALA B 568 -24.13 20.14 34.23
C ALA B 568 -24.72 18.91 34.94
N ARG B 569 -24.84 18.95 36.28
CA ARG B 569 -25.49 17.81 37.00
C ARG B 569 -26.96 17.64 36.61
N LYS B 570 -27.61 18.72 36.21
CA LYS B 570 -28.97 18.64 35.65
C LYS B 570 -28.97 17.81 34.33
N TYR B 571 -28.17 18.19 33.36
CA TYR B 571 -28.10 17.41 32.12
C TYR B 571 -27.74 15.92 32.31
N VAL B 572 -26.71 15.67 33.11
CA VAL B 572 -26.43 14.31 33.53
C VAL B 572 -27.67 13.62 34.05
N ASP B 573 -28.43 14.29 34.93
CA ASP B 573 -29.70 13.72 35.41
C ASP B 573 -30.70 13.44 34.29
N GLU B 574 -30.83 14.35 33.34
CA GLU B 574 -31.79 14.13 32.29
C GLU B 574 -31.40 12.92 31.45
N VAL B 575 -30.11 12.83 31.10
CA VAL B 575 -29.61 11.68 30.34
C VAL B 575 -29.76 10.37 31.14
N ARG B 576 -29.38 10.38 32.40
CA ARG B 576 -29.55 9.16 33.17
C ARG B 576 -31.00 8.66 33.09
N ALA B 577 -31.97 9.59 33.20
CA ALA B 577 -33.38 9.28 33.25
C ALA B 577 -33.85 8.77 31.87
N ALA B 578 -33.37 9.42 30.80
CA ALA B 578 -33.58 8.90 29.42
C ALA B 578 -33.06 7.45 29.20
N VAL B 579 -31.94 7.08 29.83
CA VAL B 579 -31.50 5.71 29.70
C VAL B 579 -32.51 4.74 30.39
N LEU B 580 -32.95 5.07 31.60
CA LEU B 580 -33.91 4.22 32.27
C LEU B 580 -35.31 4.14 31.59
N GLU B 581 -35.74 5.22 30.97
CA GLU B 581 -37.05 5.28 30.41
C GLU B 581 -37.05 4.72 28.98
N HIS B 582 -36.09 5.14 28.16
CA HIS B 582 -36.09 4.79 26.74
C HIS B 582 -34.90 3.90 26.31
N GLY B 583 -34.06 3.47 27.25
CA GLY B 583 -32.83 2.75 26.87
C GLY B 583 -32.74 1.40 27.57
N TRP B 584 -33.88 0.93 28.07
CA TRP B 584 -33.95 -0.30 28.80
C TRP B 584 -34.88 -1.27 28.06
N ASP B 585 -34.44 -2.49 27.85
CA ASP B 585 -35.18 -3.41 27.00
C ASP B 585 -36.00 -4.46 27.78
N GLY B 586 -35.82 -4.50 29.10
CA GLY B 586 -36.42 -5.58 29.91
C GLY B 586 -35.44 -6.36 30.78
N GLN B 587 -34.39 -6.92 30.17
CA GLN B 587 -33.36 -7.64 30.94
C GLN B 587 -31.96 -7.09 30.64
N TRP B 588 -31.87 -6.03 29.84
CA TRP B 588 -30.58 -5.43 29.55
C TRP B 588 -30.83 -4.07 28.94
N PHE B 589 -29.78 -3.28 28.80
CA PHE B 589 -29.92 -1.99 28.14
C PHE B 589 -29.98 -2.13 26.62
N LEU B 590 -30.85 -1.32 26.01
CA LEU B 590 -30.84 -1.10 24.56
C LEU B 590 -29.46 -0.62 24.08
N ARG B 591 -29.14 -0.86 22.80
CA ARG B 591 -27.87 -0.40 22.22
C ARG B 591 -28.00 1.01 21.57
N ALA B 592 -29.08 1.21 20.81
CA ALA B 592 -29.21 2.38 19.97
C ALA B 592 -30.63 2.50 19.42
N TYR B 593 -30.90 3.65 18.76
CA TYR B 593 -32.07 3.81 17.88
C TYR B 593 -31.51 4.13 16.50
N ASP B 594 -32.00 3.45 15.46
CA ASP B 594 -31.43 3.63 14.15
C ASP B 594 -31.94 4.91 13.50
N TYR B 595 -31.54 5.16 12.25
CA TYR B 595 -31.89 6.40 11.52
C TYR B 595 -33.40 6.73 11.55
N TYR B 596 -34.24 5.70 11.57
CA TYR B 596 -35.69 5.83 11.47
C TYR B 596 -36.36 5.71 12.85
N GLY B 597 -35.50 5.63 13.89
CA GLY B 597 -35.97 5.54 15.24
C GLY B 597 -36.29 4.12 15.68
N ASN B 598 -35.81 3.11 14.94
CA ASN B 598 -36.00 1.72 15.36
C ASN B 598 -34.93 1.28 16.42
N PRO B 599 -35.39 0.61 17.49
CA PRO B 599 -34.50 0.09 18.54
C PRO B 599 -33.46 -0.90 17.97
N VAL B 600 -32.19 -0.75 18.38
CA VAL B 600 -31.12 -1.69 18.09
C VAL B 600 -30.70 -2.33 19.39
N GLY B 601 -30.50 -3.66 19.39
CA GLY B 601 -30.11 -4.39 20.57
C GLY B 601 -31.28 -4.66 21.49
N THR B 602 -32.36 -5.16 20.91
CA THR B 602 -33.59 -5.46 21.65
C THR B 602 -33.95 -6.93 21.40
N ASP B 603 -34.45 -7.61 22.41
CA ASP B 603 -34.97 -8.98 22.28
C ASP B 603 -36.07 -9.14 21.19
N ALA B 604 -36.70 -8.06 20.79
CA ALA B 604 -37.70 -8.16 19.70
C ALA B 604 -37.07 -8.45 18.34
N LYS B 605 -35.75 -8.31 18.21
CA LYS B 605 -35.03 -8.61 16.94
C LYS B 605 -34.45 -10.01 16.96
N PRO B 606 -34.38 -10.67 15.80
CA PRO B 606 -33.80 -12.02 15.77
C PRO B 606 -32.30 -12.07 16.04
N GLU B 607 -31.54 -11.07 15.60
CA GLU B 607 -30.07 -11.11 15.73
C GLU B 607 -29.55 -9.81 16.35
N GLY B 608 -28.48 -9.87 17.14
CA GLY B 608 -28.01 -8.65 17.80
C GLY B 608 -28.98 -8.21 18.91
N LYS B 609 -29.48 -9.18 19.66
CA LYS B 609 -30.44 -8.94 20.70
C LYS B 609 -29.84 -8.14 21.85
N ILE B 610 -28.63 -8.53 22.25
CA ILE B 610 -27.95 -7.90 23.36
C ILE B 610 -26.54 -7.47 22.95
N TRP B 611 -26.17 -6.24 23.23
CA TRP B 611 -24.85 -5.75 22.90
C TRP B 611 -24.17 -5.36 24.15
N ILE B 612 -22.89 -5.74 24.26
CA ILE B 612 -22.17 -5.57 25.52
C ILE B 612 -21.92 -4.11 25.94
N GLU B 613 -21.74 -3.16 25.03
CA GLU B 613 -21.04 -1.94 25.45
C GLU B 613 -21.90 -1.12 26.43
N PRO B 614 -23.23 -1.00 26.16
CA PRO B 614 -24.02 -0.20 27.10
C PRO B 614 -24.15 -0.93 28.46
N GLN B 615 -24.11 -2.27 28.46
CA GLN B 615 -24.24 -2.96 29.73
C GLN B 615 -23.13 -2.59 30.70
N GLY B 616 -21.87 -2.67 30.30
CA GLY B 616 -20.78 -2.33 31.20
C GLY B 616 -20.73 -0.83 31.45
N PHE B 617 -20.92 -0.05 30.40
CA PHE B 617 -20.76 1.38 30.56
C PHE B 617 -21.86 2.07 31.41
N ALA B 618 -23.11 1.68 31.18
CA ALA B 618 -24.24 2.20 32.00
C ALA B 618 -24.02 1.84 33.48
N VAL B 619 -23.63 0.59 33.74
CA VAL B 619 -23.46 0.17 35.14
C VAL B 619 -22.25 0.81 35.80
N MET B 620 -21.18 0.98 35.04
CA MET B 620 -20.01 1.74 35.50
C MET B 620 -20.43 3.14 35.86
N ALA B 621 -21.41 3.66 35.13
CA ALA B 621 -21.93 5.05 35.36
C ALA B 621 -22.92 5.12 36.53
N GLY B 622 -23.18 3.97 37.16
CA GLY B 622 -24.09 3.88 38.30
C GLY B 622 -25.57 3.72 37.91
N ILE B 623 -25.83 3.56 36.60
CA ILE B 623 -27.21 3.46 36.10
C ILE B 623 -27.86 2.10 36.44
N GLY B 624 -29.03 2.14 37.09
CA GLY B 624 -29.76 0.92 37.45
C GLY B 624 -29.13 0.04 38.54
N VAL B 625 -28.15 0.63 39.24
CA VAL B 625 -27.65 0.05 40.49
C VAL B 625 -28.72 0.02 41.58
N GLY B 626 -28.83 -1.10 42.29
CA GLY B 626 -29.91 -1.31 43.27
C GLY B 626 -29.42 -1.40 44.72
N GLU B 627 -29.93 -2.41 45.45
CA GLU B 627 -29.64 -2.55 46.89
C GLU B 627 -28.34 -3.29 47.22
N GLY B 628 -27.82 -4.02 46.24
CA GLY B 628 -26.60 -4.79 46.39
C GLY B 628 -26.64 -5.94 45.42
N PRO B 629 -25.60 -6.78 45.41
CA PRO B 629 -25.41 -7.85 44.41
C PRO B 629 -26.59 -8.85 44.26
N ASP B 630 -27.45 -8.89 45.27
CA ASP B 630 -28.52 -9.87 45.39
C ASP B 630 -29.89 -9.21 45.15
N ASP B 631 -29.87 -7.91 44.78
CA ASP B 631 -31.09 -7.17 44.44
C ASP B 631 -31.54 -7.56 43.00
N ALA B 632 -32.46 -8.50 42.93
CA ALA B 632 -32.81 -9.12 41.67
C ALA B 632 -33.70 -8.22 40.83
N ASP B 633 -34.22 -7.17 41.45
CA ASP B 633 -35.06 -6.18 40.79
C ASP B 633 -34.24 -5.09 40.07
N ALA B 634 -32.93 -5.06 40.30
CA ALA B 634 -32.13 -3.94 39.87
C ALA B 634 -31.71 -4.15 38.38
N PRO B 635 -31.97 -3.15 37.53
CA PRO B 635 -31.60 -3.19 36.10
C PRO B 635 -30.12 -3.62 35.90
N ALA B 636 -29.21 -2.96 36.60
CA ALA B 636 -27.82 -3.32 36.57
C ALA B 636 -27.56 -4.83 36.77
N VAL B 637 -28.24 -5.45 37.72
CA VAL B 637 -28.06 -6.91 37.95
C VAL B 637 -28.67 -7.71 36.80
N LYS B 638 -29.81 -7.26 36.26
CA LYS B 638 -30.40 -8.03 35.18
C LYS B 638 -29.56 -7.92 33.92
N ALA B 639 -29.06 -6.73 33.64
CA ALA B 639 -28.18 -6.52 32.51
C ALA B 639 -26.92 -7.44 32.62
N LEU B 640 -26.26 -7.46 33.78
CA LEU B 640 -25.03 -8.25 34.00
C LEU B 640 -25.24 -9.76 33.94
N ASP B 641 -26.37 -10.22 34.49
CA ASP B 641 -26.79 -11.63 34.33
C ASP B 641 -27.00 -12.01 32.86
N SER B 642 -27.68 -11.15 32.12
CA SER B 642 -27.92 -11.40 30.68
C SER B 642 -26.58 -11.45 29.92
N VAL B 643 -25.68 -10.48 30.16
CA VAL B 643 -24.27 -10.55 29.65
C VAL B 643 -23.64 -11.91 29.90
N ASN B 644 -23.72 -12.36 31.14
CA ASN B 644 -23.18 -13.64 31.51
C ASN B 644 -23.77 -14.85 30.75
N GLU B 645 -25.10 -14.93 30.65
CA GLU B 645 -25.70 -16.08 29.97
C GLU B 645 -25.52 -16.03 28.44
N MET B 646 -25.66 -14.85 27.83
CA MET B 646 -25.83 -14.78 26.40
C MET B 646 -24.53 -14.44 25.69
N LEU B 647 -23.66 -13.70 26.38
CA LEU B 647 -22.39 -13.26 25.82
C LEU B 647 -21.15 -14.02 26.30
N GLY B 648 -21.27 -14.83 27.36
CA GLY B 648 -20.10 -15.42 28.01
C GLY B 648 -19.49 -16.63 27.33
N THR B 649 -18.15 -16.68 27.27
CA THR B 649 -17.43 -17.82 26.70
C THR B 649 -16.18 -18.07 27.57
N PRO B 650 -15.54 -19.24 27.41
CA PRO B 650 -14.29 -19.53 28.12
C PRO B 650 -13.18 -18.55 27.76
N HIS B 651 -13.35 -17.83 26.65
CA HIS B 651 -12.31 -16.93 26.13
C HIS B 651 -12.61 -15.47 26.41
N GLY B 652 -13.74 -15.19 27.07
CA GLY B 652 -14.15 -13.83 27.31
C GLY B 652 -15.54 -13.61 26.79
N LEU B 653 -15.93 -12.34 26.67
CA LEU B 653 -17.32 -11.95 26.42
C LEU B 653 -17.48 -11.36 25.05
N VAL B 654 -18.34 -11.98 24.26
CA VAL B 654 -18.53 -11.56 22.86
C VAL B 654 -19.30 -10.25 22.82
N LEU B 655 -19.17 -9.52 21.71
CA LEU B 655 -19.60 -8.13 21.68
C LEU B 655 -21.15 -8.07 21.65
N GLN B 656 -21.75 -8.94 20.82
CA GLN B 656 -23.21 -9.06 20.84
C GLN B 656 -23.61 -10.45 20.45
N TYR B 657 -24.87 -10.77 20.79
CA TYR B 657 -25.45 -12.07 20.55
C TYR B 657 -26.95 -11.93 20.16
N PRO B 658 -27.39 -12.72 19.16
CA PRO B 658 -26.54 -13.49 18.24
C PRO B 658 -25.87 -12.58 17.23
N ALA B 659 -24.79 -13.08 16.63
CA ALA B 659 -24.12 -12.32 15.57
C ALA B 659 -25.07 -12.23 14.34
N TYR B 660 -24.92 -11.17 13.55
CA TYR B 660 -25.71 -11.03 12.33
C TYR B 660 -25.16 -11.97 11.25
N THR B 661 -26.04 -12.71 10.62
CA THR B 661 -25.71 -13.61 9.52
C THR B 661 -26.05 -13.06 8.13
N THR B 662 -26.75 -11.93 8.02
CA THR B 662 -26.97 -11.35 6.67
C THR B 662 -26.69 -9.88 6.76
N TYR B 663 -26.36 -9.24 5.64
CA TYR B 663 -26.01 -7.84 5.70
C TYR B 663 -27.18 -6.97 6.13
N GLN B 664 -27.02 -6.21 7.23
CA GLN B 664 -28.02 -5.25 7.69
C GLN B 664 -27.68 -3.80 7.22
N ILE B 665 -28.22 -3.41 6.06
CA ILE B 665 -27.90 -2.12 5.39
C ILE B 665 -27.89 -0.90 6.35
N GLU B 666 -28.84 -0.89 7.29
CA GLU B 666 -29.03 0.22 8.19
C GLU B 666 -28.06 0.25 9.35
N LEU B 667 -27.22 -0.77 9.52
CA LEU B 667 -26.26 -0.80 10.64
C LEU B 667 -24.79 -0.65 10.25
N GLY B 668 -24.51 -0.68 8.94
CA GLY B 668 -23.24 -0.27 8.40
C GLY B 668 -22.28 -1.42 8.43
N GLU B 669 -21.10 -1.19 9.02
CA GLU B 669 -19.97 -2.12 8.87
C GLU B 669 -20.15 -3.44 9.67
N VAL B 670 -20.91 -3.38 10.76
CA VAL B 670 -21.00 -4.48 11.75
C VAL B 670 -21.37 -5.83 11.14
N SER B 671 -22.45 -5.93 10.37
CA SER B 671 -22.90 -7.23 9.79
C SER B 671 -22.06 -7.70 8.59
N THR B 672 -21.04 -6.94 8.23
CA THR B 672 -20.09 -7.33 7.14
C THR B 672 -19.00 -8.30 7.59
N TYR B 673 -18.74 -8.40 8.87
CA TYR B 673 -17.86 -9.51 9.32
C TYR B 673 -18.58 -10.87 9.43
N PRO B 674 -17.92 -11.97 9.02
CA PRO B 674 -18.52 -13.30 9.29
C PRO B 674 -18.71 -13.43 10.79
N PRO B 675 -19.78 -14.11 11.23
CA PRO B 675 -20.10 -14.27 12.68
C PRO B 675 -18.92 -14.68 13.52
N GLY B 676 -18.72 -14.00 14.66
CA GLY B 676 -17.69 -14.38 15.68
C GLY B 676 -16.32 -13.68 15.49
N TYR B 677 -16.25 -12.77 14.51
CA TYR B 677 -15.00 -12.09 14.24
C TYR B 677 -15.15 -10.59 14.42
N LYS B 678 -14.18 -9.96 15.08
CA LYS B 678 -14.12 -8.49 15.20
C LYS B 678 -15.48 -7.98 15.76
N GLU B 679 -16.07 -6.94 15.17
CA GLU B 679 -17.25 -6.29 15.79
C GLU B 679 -18.55 -7.11 15.65
N ASN B 680 -18.48 -8.17 14.84
CA ASN B 680 -19.67 -9.00 14.72
C ASN B 680 -19.56 -10.30 15.49
N GLY B 681 -19.65 -10.23 16.81
CA GLY B 681 -19.62 -11.46 17.64
C GLY B 681 -18.22 -11.88 18.02
N GLY B 682 -17.23 -11.05 17.73
CA GLY B 682 -15.89 -11.32 18.26
C GLY B 682 -15.84 -10.95 19.74
N ILE B 683 -14.88 -11.50 20.47
CA ILE B 683 -14.59 -10.99 21.79
C ILE B 683 -13.73 -9.75 21.52
N PHE B 684 -14.28 -8.56 21.74
CA PHE B 684 -13.51 -7.32 21.51
C PHE B 684 -12.99 -6.92 22.89
N CYS B 685 -11.74 -7.29 23.19
CA CYS B 685 -11.35 -7.44 24.58
C CYS B 685 -11.42 -6.12 25.32
N HIS B 686 -11.24 -5.01 24.61
CA HIS B 686 -11.26 -3.68 25.15
C HIS B 686 -12.55 -3.44 25.96
N ASN B 687 -13.68 -4.02 25.56
CA ASN B 687 -14.90 -3.69 26.30
C ASN B 687 -15.20 -4.67 27.46
N ASN B 688 -14.35 -5.69 27.59
CA ASN B 688 -14.55 -6.62 28.70
C ASN B 688 -14.27 -6.01 30.07
N PRO B 689 -13.17 -5.23 30.21
CA PRO B 689 -12.90 -4.56 31.50
C PRO B 689 -14.07 -3.69 32.00
N TRP B 690 -14.88 -3.18 31.06
CA TRP B 690 -16.09 -2.44 31.46
C TRP B 690 -17.06 -3.34 32.20
N VAL B 691 -17.33 -4.53 31.67
CA VAL B 691 -18.12 -5.50 32.40
C VAL B 691 -17.44 -5.88 33.71
N ILE B 692 -16.10 -6.06 33.70
CA ILE B 692 -15.34 -6.34 34.92
C ILE B 692 -15.59 -5.31 36.04
N ILE B 693 -15.48 -4.03 35.68
CA ILE B 693 -15.63 -2.94 36.58
C ILE B 693 -17.08 -2.83 37.02
N ALA B 694 -18.03 -2.96 36.10
CA ALA B 694 -19.46 -3.02 36.45
C ALA B 694 -19.78 -4.06 37.53
N GLU B 695 -19.20 -5.26 37.40
CA GLU B 695 -19.42 -6.30 38.39
C GLU B 695 -18.83 -5.87 39.70
N THR B 696 -17.60 -5.34 39.69
CA THR B 696 -17.12 -4.79 40.96
C THR B 696 -18.08 -3.74 41.53
N VAL B 697 -18.58 -2.81 40.71
CA VAL B 697 -19.48 -1.74 41.20
C VAL B 697 -20.73 -2.33 41.92
N VAL B 698 -21.23 -3.42 41.37
CA VAL B 698 -22.43 -4.03 41.82
C VAL B 698 -22.17 -4.97 43.01
N GLY B 699 -20.91 -5.30 43.27
CA GLY B 699 -20.54 -6.10 44.41
C GLY B 699 -20.31 -7.58 44.15
N ARG B 700 -19.96 -7.92 42.91
CA ARG B 700 -19.76 -9.31 42.58
C ARG B 700 -18.29 -9.51 42.17
N GLY B 701 -17.44 -9.38 43.18
CA GLY B 701 -15.99 -9.50 42.99
C GLY B 701 -15.56 -10.79 42.30
N ALA B 702 -16.13 -11.91 42.75
CA ALA B 702 -15.78 -13.20 42.19
C ALA B 702 -15.98 -13.23 40.67
N GLN B 703 -17.16 -12.78 40.22
CA GLN B 703 -17.50 -12.80 38.81
C GLN B 703 -16.58 -11.86 38.01
N ALA B 704 -16.22 -10.73 38.61
CA ALA B 704 -15.40 -9.75 37.96
C ALA B 704 -13.98 -10.34 37.71
N PHE B 705 -13.44 -10.99 38.73
CA PHE B 705 -12.12 -11.55 38.66
C PHE B 705 -12.13 -12.65 37.61
N ASP B 706 -13.24 -13.36 37.49
CA ASP B 706 -13.31 -14.48 36.53
C ASP B 706 -13.16 -13.93 35.10
N TYR B 707 -13.94 -12.89 34.80
CA TYR B 707 -13.88 -12.25 33.52
C TYR B 707 -12.45 -11.75 33.21
N TYR B 708 -11.80 -11.15 34.21
CA TYR B 708 -10.39 -10.72 34.12
C TYR B 708 -9.47 -11.84 33.65
N LYS B 709 -9.56 -13.00 34.29
CA LYS B 709 -8.70 -14.11 33.98
C LYS B 709 -8.87 -14.63 32.56
N ARG B 710 -10.09 -14.50 32.03
CA ARG B 710 -10.46 -15.21 30.83
C ARG B 710 -9.70 -14.63 29.66
N ILE B 711 -9.42 -13.33 29.74
CA ILE B 711 -8.82 -12.64 28.62
C ILE B 711 -7.38 -12.28 28.92
N THR B 712 -6.88 -12.66 30.08
CA THR B 712 -5.57 -12.13 30.54
C THR B 712 -4.42 -13.07 30.16
N PRO B 713 -3.37 -12.49 29.56
CA PRO B 713 -2.28 -13.27 28.93
C PRO B 713 -1.64 -14.35 29.84
N ALA B 714 -1.24 -14.00 31.07
CA ALA B 714 -0.63 -15.00 31.97
C ALA B 714 -1.56 -16.19 32.24
N TYR B 715 -2.87 -15.97 32.17
CA TYR B 715 -3.83 -17.07 32.39
C TYR B 715 -4.12 -17.86 31.11
N ARG B 716 -3.83 -17.25 29.97
CA ARG B 716 -4.06 -17.90 28.70
C ARG B 716 -2.77 -18.52 28.12
N GLU B 717 -1.65 -18.38 28.82
CA GLU B 717 -0.38 -18.92 28.35
C GLU B 717 -0.48 -20.40 28.14
N ASP B 718 -1.16 -21.10 29.06
CA ASP B 718 -1.37 -22.53 28.93
C ASP B 718 -2.09 -23.00 27.65
N ILE B 719 -2.79 -22.10 26.96
CA ILE B 719 -3.43 -22.43 25.67
C ILE B 719 -2.84 -21.61 24.49
N SER B 720 -1.52 -21.47 24.52
CA SER B 720 -0.77 -20.77 23.52
C SER B 720 -1.09 -21.23 22.12
N ASP B 721 -1.35 -22.53 21.95
CA ASP B 721 -1.68 -23.12 20.66
C ASP B 721 -3.11 -22.79 20.20
N THR B 722 -3.89 -22.16 21.07
CA THR B 722 -5.25 -21.70 20.74
C THR B 722 -5.31 -20.13 20.59
N HIS B 723 -4.75 -19.42 21.55
CA HIS B 723 -4.59 -17.97 21.44
C HIS B 723 -3.78 -17.57 20.19
N LYS B 724 -2.71 -18.35 19.90
CA LYS B 724 -1.76 -18.23 18.77
C LYS B 724 -0.77 -17.04 18.89
N LEU B 725 -1.29 -15.92 19.41
CA LEU B 725 -0.55 -14.70 19.41
C LEU B 725 0.34 -14.61 20.67
N GLU B 726 1.08 -13.51 20.87
CA GLU B 726 1.94 -13.33 22.04
C GLU B 726 1.20 -13.65 23.32
N PRO B 727 1.84 -14.47 24.18
CA PRO B 727 1.20 -14.87 25.41
C PRO B 727 1.49 -13.93 26.57
N TYR B 728 2.18 -12.85 26.29
CA TYR B 728 2.57 -11.89 27.34
C TYR B 728 1.85 -10.52 27.14
N VAL B 729 1.03 -10.37 26.10
CA VAL B 729 0.33 -9.10 25.88
C VAL B 729 -1.11 -9.28 25.46
N TYR B 730 -1.95 -8.28 25.74
CA TYR B 730 -3.36 -8.32 25.34
C TYR B 730 -3.48 -8.13 23.83
N ALA B 731 -4.50 -8.75 23.24
CA ALA B 731 -4.77 -8.65 21.82
C ALA B 731 -6.10 -7.90 21.74
N GLN B 732 -6.39 -7.32 20.59
CA GLN B 732 -7.71 -6.65 20.37
C GLN B 732 -8.89 -7.62 20.35
N MET B 733 -8.71 -8.76 19.72
CA MET B 733 -9.89 -9.55 19.36
C MET B 733 -9.59 -11.02 19.48
N ILE B 734 -10.44 -11.69 20.23
CA ILE B 734 -10.35 -13.15 20.29
C ILE B 734 -11.61 -13.71 19.58
N ALA B 735 -11.43 -14.58 18.60
CA ALA B 735 -12.61 -15.05 17.88
C ALA B 735 -13.64 -15.63 18.86
N GLY B 736 -14.89 -15.16 18.74
CA GLY B 736 -15.99 -15.58 19.63
C GLY B 736 -16.57 -16.94 19.29
N LYS B 737 -17.59 -17.33 20.07
CA LYS B 737 -18.20 -18.67 20.00
C LYS B 737 -18.86 -19.01 18.67
N GLU B 738 -19.27 -18.01 17.90
CA GLU B 738 -19.87 -18.37 16.60
C GLU B 738 -18.82 -18.53 15.49
N ALA B 739 -17.53 -18.39 15.81
CA ALA B 739 -16.45 -18.53 14.80
C ALA B 739 -15.87 -19.92 14.84
N VAL B 740 -15.58 -20.49 13.67
CA VAL B 740 -14.87 -21.76 13.62
C VAL B 740 -13.52 -21.66 14.32
N ARG B 741 -12.92 -20.47 14.34
CA ARG B 741 -11.62 -20.28 15.02
C ARG B 741 -11.73 -19.76 16.48
N ALA B 742 -12.86 -20.07 17.12
CA ALA B 742 -13.10 -19.65 18.50
C ALA B 742 -11.85 -19.82 19.36
N GLY B 743 -11.38 -18.72 19.95
CA GLY B 743 -10.24 -18.74 20.89
C GLY B 743 -8.97 -18.19 20.31
N GLU B 744 -8.94 -18.06 18.98
CA GLU B 744 -7.79 -17.51 18.25
C GLU B 744 -7.84 -15.99 18.15
N ALA B 745 -6.73 -15.38 18.56
CA ALA B 745 -6.69 -13.95 18.64
C ALA B 745 -6.15 -13.35 17.34
N LYS B 746 -6.52 -12.11 17.07
CA LYS B 746 -5.85 -11.31 16.03
C LYS B 746 -5.54 -9.95 16.61
N ASN B 747 -4.59 -9.23 16.01
CA ASN B 747 -4.38 -7.83 16.40
C ASN B 747 -3.85 -7.65 17.85
N SER B 748 -2.71 -8.31 18.11
CA SER B 748 -2.05 -8.23 19.42
C SER B 748 -1.37 -6.88 19.60
N TRP B 749 -1.12 -6.57 20.87
CA TRP B 749 -0.26 -5.49 21.32
C TRP B 749 -0.98 -4.16 21.42
N LEU B 750 -1.47 -3.68 20.29
CA LEU B 750 -1.96 -2.33 20.17
C LEU B 750 -3.47 -2.41 20.35
N THR B 751 -3.90 -2.26 21.60
CA THR B 751 -5.31 -2.29 21.89
C THR B 751 -5.59 -1.52 23.18
N GLY B 752 -6.76 -0.89 23.27
CA GLY B 752 -7.07 -0.19 24.49
C GLY B 752 -7.34 -1.18 25.59
N THR B 753 -7.41 -2.47 25.24
CA THR B 753 -7.51 -3.49 26.27
C THR B 753 -6.42 -3.31 27.32
N ALA B 754 -5.25 -2.80 26.93
CA ALA B 754 -4.19 -2.81 27.94
C ALA B 754 -4.49 -1.79 29.03
N ALA B 755 -4.86 -0.59 28.64
CA ALA B 755 -5.15 0.46 29.62
C ALA B 755 -6.38 0.12 30.43
N TRP B 756 -7.42 -0.39 29.78
CA TRP B 756 -8.64 -0.70 30.47
C TRP B 756 -8.53 -1.95 31.40
N ASN B 757 -7.78 -2.97 31.04
CA ASN B 757 -7.53 -4.00 32.03
C ASN B 757 -6.68 -3.56 33.17
N PHE B 758 -5.73 -2.65 32.90
CA PHE B 758 -4.93 -2.13 34.02
C PHE B 758 -5.76 -1.29 35.00
N VAL B 759 -6.56 -0.37 34.48
CA VAL B 759 -7.60 0.24 35.28
C VAL B 759 -8.42 -0.78 36.05
N ALA B 760 -8.97 -1.78 35.37
CA ALA B 760 -9.84 -2.74 36.05
C ALA B 760 -9.10 -3.43 37.20
N VAL B 761 -7.91 -3.96 36.91
CA VAL B 761 -7.26 -4.78 37.88
C VAL B 761 -6.67 -3.98 39.02
N SER B 762 -6.09 -2.81 38.73
CA SER B 762 -5.35 -2.07 39.76
C SER B 762 -6.30 -1.22 40.58
N GLN B 763 -7.37 -0.75 39.95
CA GLN B 763 -8.18 0.23 40.59
C GLN B 763 -9.47 -0.36 41.16
N TYR B 764 -9.98 -1.43 40.57
CA TYR B 764 -11.29 -1.89 40.96
C TYR B 764 -11.26 -3.30 41.54
N LEU B 765 -10.40 -4.17 41.01
CA LEU B 765 -10.28 -5.52 41.57
C LEU B 765 -9.40 -5.39 42.82
N LEU B 766 -8.12 -5.06 42.63
CA LEU B 766 -7.23 -4.82 43.79
C LEU B 766 -7.73 -3.60 44.56
N GLY B 767 -8.27 -2.63 43.84
CA GLY B 767 -9.10 -1.64 44.46
C GLY B 767 -8.46 -0.35 44.81
N VAL B 768 -7.23 -0.16 44.40
CA VAL B 768 -6.49 1.02 44.80
C VAL B 768 -6.56 2.09 43.71
N ARG B 769 -7.31 3.16 43.96
CA ARG B 769 -7.55 4.17 42.91
C ARG B 769 -7.51 5.63 43.40
N PRO B 770 -6.67 6.43 42.77
CA PRO B 770 -6.58 7.82 43.13
C PRO B 770 -7.89 8.55 42.82
N ASP B 771 -8.37 9.35 43.78
CA ASP B 771 -9.49 10.24 43.57
C ASP B 771 -8.94 11.68 43.80
N TYR B 772 -9.76 12.72 43.64
CA TYR B 772 -9.28 14.12 43.64
C TYR B 772 -8.62 14.57 44.95
N ASP B 773 -9.16 14.00 46.04
CA ASP B 773 -8.91 14.42 47.43
C ASP B 773 -8.64 13.20 48.34
N GLY B 774 -7.71 12.35 47.94
CA GLY B 774 -7.50 11.06 48.62
C GLY B 774 -7.46 9.81 47.73
N LEU B 775 -6.98 8.71 48.31
CA LEU B 775 -6.70 7.47 47.60
C LEU B 775 -7.74 6.48 48.06
N VAL B 776 -8.53 5.99 47.11
CA VAL B 776 -9.63 5.11 47.45
C VAL B 776 -9.07 3.72 47.55
N VAL B 777 -9.48 3.01 48.58
CA VAL B 777 -9.06 1.66 48.71
C VAL B 777 -10.28 0.80 48.88
N ASP B 778 -10.70 0.15 47.80
CA ASP B 778 -11.98 -0.52 47.74
C ASP B 778 -11.84 -1.86 47.00
N PRO B 779 -11.08 -2.80 47.57
CA PRO B 779 -10.96 -4.13 46.98
C PRO B 779 -12.32 -4.70 46.64
N GLN B 780 -12.43 -5.38 45.50
CA GLN B 780 -13.63 -6.16 45.16
C GLN B 780 -13.23 -7.20 44.13
N ILE B 781 -12.70 -8.32 44.64
CA ILE B 781 -11.97 -9.31 43.81
C ILE B 781 -12.39 -10.75 44.16
N GLY B 782 -13.12 -10.88 45.26
CA GLY B 782 -13.74 -12.14 45.65
C GLY B 782 -12.72 -13.07 46.26
N PRO B 783 -13.10 -14.34 46.46
CA PRO B 783 -12.32 -15.18 47.39
C PRO B 783 -11.02 -15.83 46.86
N ASP B 784 -10.71 -15.72 45.58
CA ASP B 784 -9.54 -16.39 45.03
C ASP B 784 -8.21 -15.68 45.32
N VAL B 785 -8.25 -14.42 45.74
CA VAL B 785 -7.07 -13.67 46.20
C VAL B 785 -7.27 -13.21 47.65
N PRO B 786 -7.13 -14.13 48.62
CA PRO B 786 -7.48 -13.79 50.01
C PRO B 786 -6.51 -12.86 50.77
N SER B 787 -5.28 -12.69 50.33
CA SER B 787 -4.46 -11.62 50.93
C SER B 787 -3.48 -11.09 49.91
N TYR B 788 -3.20 -9.79 49.98
CA TYR B 788 -2.21 -9.21 49.09
C TYR B 788 -1.77 -7.89 49.64
N THR B 789 -0.69 -7.36 49.11
CA THR B 789 -0.19 -6.09 49.57
C THR B 789 0.04 -5.25 48.33
N VAL B 790 -0.59 -4.12 48.24
CA VAL B 790 -0.25 -3.18 47.16
C VAL B 790 0.65 -2.07 47.71
N THR B 791 1.65 -1.72 46.92
CA THR B 791 2.51 -0.56 47.14
C THR B 791 2.23 0.47 46.08
N ARG B 792 1.74 1.63 46.49
CA ARG B 792 1.27 2.64 45.54
C ARG B 792 1.93 3.94 45.93
N VAL B 793 2.75 4.48 45.04
CA VAL B 793 3.25 5.81 45.24
C VAL B 793 2.18 6.74 44.64
N ALA B 794 1.71 7.72 45.41
CA ALA B 794 0.69 8.68 44.98
C ALA B 794 0.95 10.03 45.59
N ARG B 795 0.93 11.08 44.77
CA ARG B 795 1.30 12.45 45.19
C ARG B 795 2.56 12.49 46.11
N GLY B 796 3.63 11.79 45.73
CA GLY B 796 4.88 11.93 46.44
C GLY B 796 5.00 11.03 47.66
N ALA B 797 3.92 10.37 48.06
CA ALA B 797 3.96 9.55 49.27
C ALA B 797 3.79 8.08 48.90
N THR B 798 4.17 7.17 49.79
CA THR B 798 4.07 5.75 49.53
C THR B 798 3.04 5.14 50.45
N TYR B 799 2.10 4.39 49.87
CA TYR B 799 1.04 3.72 50.56
C TYR B 799 1.30 2.23 50.52
N GLU B 800 1.47 1.62 51.69
CA GLU B 800 1.57 0.18 51.87
C GLU B 800 0.22 -0.33 52.37
N ILE B 801 -0.48 -1.03 51.49
CA ILE B 801 -1.88 -1.34 51.67
C ILE B 801 -1.96 -2.86 51.75
N THR B 802 -2.32 -3.36 52.93
CA THR B 802 -2.20 -4.79 53.28
C THR B 802 -3.63 -5.27 53.38
N VAL B 803 -4.00 -6.13 52.44
CA VAL B 803 -5.38 -6.54 52.33
C VAL B 803 -5.59 -7.97 52.87
N THR B 804 -6.58 -8.10 53.74
CA THR B 804 -7.07 -9.42 54.14
C THR B 804 -8.51 -9.52 53.64
N ASN B 805 -8.78 -10.54 52.83
CA ASN B 805 -9.96 -10.53 51.97
C ASN B 805 -10.81 -11.83 52.05
N SER B 806 -11.94 -11.74 52.75
CA SER B 806 -12.88 -12.86 52.86
C SER B 806 -13.38 -13.27 51.48
N GLY B 807 -13.53 -12.27 50.59
CA GLY B 807 -14.17 -12.49 49.30
C GLY B 807 -15.68 -12.68 49.36
N ALA B 808 -16.27 -12.47 50.55
CA ALA B 808 -17.73 -12.60 50.71
C ALA B 808 -18.44 -11.69 49.70
N PRO B 809 -19.47 -12.20 49.02
CA PRO B 809 -20.21 -11.40 48.04
C PRO B 809 -20.73 -10.08 48.61
N GLY B 810 -20.38 -9.00 47.94
CA GLY B 810 -20.92 -7.68 48.31
C GLY B 810 -20.20 -7.06 49.50
N ALA B 811 -19.32 -7.84 50.15
CA ALA B 811 -18.59 -7.31 51.31
C ALA B 811 -17.59 -6.25 50.81
N ARG B 812 -17.63 -5.06 51.40
CA ARG B 812 -16.66 -4.01 51.10
C ARG B 812 -15.75 -3.67 52.30
N ALA B 813 -14.65 -3.00 52.01
CA ALA B 813 -13.58 -2.73 52.97
C ALA B 813 -13.87 -1.77 54.12
N SER B 814 -13.31 -2.09 55.28
CA SER B 814 -13.03 -1.04 56.31
C SER B 814 -11.50 -0.86 56.49
N LEU B 815 -11.10 0.38 56.70
CA LEU B 815 -9.70 0.74 56.79
C LEU B 815 -9.26 1.18 58.17
N THR B 816 -8.02 0.80 58.53
CA THR B 816 -7.26 1.46 59.62
C THR B 816 -5.96 2.00 59.01
N VAL B 817 -5.53 3.19 59.45
CA VAL B 817 -4.44 3.94 58.84
C VAL B 817 -3.46 4.38 59.92
N ASP B 818 -2.25 3.78 59.86
CA ASP B 818 -1.17 4.00 60.83
C ASP B 818 -1.70 3.78 62.24
N GLY B 819 -2.36 2.64 62.49
CA GLY B 819 -2.90 2.27 63.82
C GLY B 819 -4.28 2.72 64.28
N ALA B 820 -4.92 3.62 63.50
CA ALA B 820 -6.17 4.28 63.83
C ALA B 820 -7.26 4.06 62.74
N PRO B 821 -8.48 3.61 63.15
CA PRO B 821 -9.63 3.39 62.24
C PRO B 821 -10.01 4.69 61.54
N VAL B 822 -10.35 4.57 60.27
CA VAL B 822 -10.88 5.69 59.55
C VAL B 822 -12.26 5.35 59.03
N ASP B 823 -13.05 6.40 58.82
CA ASP B 823 -14.38 6.21 58.29
C ASP B 823 -14.28 6.15 56.76
N GLY B 824 -15.01 5.23 56.15
CA GLY B 824 -15.09 5.15 54.68
C GLY B 824 -13.88 4.49 54.02
N ARG B 825 -13.72 4.71 52.72
CA ARG B 825 -12.65 3.99 52.03
C ARG B 825 -11.69 4.93 51.32
N THR B 826 -11.70 6.19 51.71
CA THR B 826 -10.84 7.19 51.11
C THR B 826 -9.82 7.68 52.12
N VAL B 827 -8.55 7.53 51.77
CA VAL B 827 -7.50 7.92 52.64
C VAL B 827 -6.98 9.23 52.12
N PRO B 828 -7.15 10.32 52.89
CA PRO B 828 -6.77 11.62 52.36
C PRO B 828 -5.29 11.60 52.06
N TYR B 829 -4.87 12.35 51.05
CA TYR B 829 -3.48 12.31 50.61
C TYR B 829 -2.52 12.84 51.70
N ALA B 830 -1.61 11.97 52.14
CA ALA B 830 -0.52 12.34 53.04
C ALA B 830 0.48 13.25 52.30
N PRO B 831 1.29 14.03 53.05
CA PRO B 831 2.31 14.82 52.32
C PRO B 831 3.43 13.98 51.63
N ALA B 832 4.05 14.59 50.63
CA ALA B 832 5.20 14.01 49.96
C ALA B 832 6.21 13.50 50.97
N GLY B 833 6.82 12.36 50.65
CA GLY B 833 7.87 11.78 51.51
C GLY B 833 7.34 10.84 52.61
N SER B 834 6.04 10.82 52.87
CA SER B 834 5.50 9.95 53.91
C SER B 834 5.38 8.53 53.40
N THR B 835 5.28 7.61 54.37
CA THR B 835 4.93 6.24 54.12
C THR B 835 3.66 6.04 54.91
N VAL B 836 2.59 5.67 54.26
CA VAL B 836 1.41 5.43 55.04
C VAL B 836 0.98 3.99 54.93
N ARG B 837 0.64 3.46 56.09
CA ARG B 837 0.46 2.04 56.25
C ARG B 837 -1.03 1.80 56.46
N VAL B 838 -1.66 1.18 55.46
CA VAL B 838 -3.08 1.01 55.52
C VAL B 838 -3.47 -0.43 55.55
N GLU B 839 -4.38 -0.71 56.45
CA GLU B 839 -4.73 -2.07 56.75
C GLU B 839 -6.14 -2.28 56.36
N VAL B 840 -6.40 -3.29 55.52
CA VAL B 840 -7.67 -3.43 54.84
C VAL B 840 -8.32 -4.74 55.21
N THR B 841 -9.56 -4.65 55.65
CA THR B 841 -10.37 -5.83 55.91
C THR B 841 -11.63 -5.83 55.05
N VAL B 842 -11.78 -6.89 54.28
CA VAL B 842 -12.92 -7.12 53.46
C VAL B 842 -13.48 -8.44 53.90
#